data_3RMT
#
_entry.id   3RMT
#
_cell.length_a   87.856
_cell.length_b   140.748
_cell.length_c   193.625
_cell.angle_alpha   90.00
_cell.angle_beta   90.00
_cell.angle_gamma   90.00
#
_symmetry.space_group_name_H-M   'P 21 21 21'
#
loop_
_entity.id
_entity.type
_entity.pdbx_description
1 polymer '3-phosphoshikimate 1-carboxyvinyltransferase 1'
2 non-polymer 'SULFATE ION'
3 water water
#
_entity_poly.entity_id   1
_entity_poly.type   'polypeptide(L)'
_entity_poly.pdbx_seq_one_letter_code
;MVMENKTVIPHAKGLKGTIKVPGDKSISHRAVMFGALAKGTTTVEGFLPGADCLSTISCFQKLGVSIEQAEERVTVKGKG
WDGLREPSDILDVGNSGTTTRLILGILSTLPFHSVIIGDESIGKRPMKRVTEPLKSMGAQIDGRDHGNLTPLSIRGGQLK
GIDFHSPVASAQMKSAILLAGLRAEGKTSVTEPAKTRDHTERMLEAFGVNIEKDGLTVSIEGGQMLTGQHVVVPGDISSA
AFFLVAGAMVPHSRITLTNVGINPTRAGILEVLKQMGATLAMENERVQGGEPVADLTIETSVLQGVEIGGDIIPRLIDEI
PIIAVLATQASGRTVIKDAEELKVKETNRIDTVVSELTKLGASIHATDDGMIIEGPTPLKGGVTVSSHGDHRIGMAMAIA
ALLAEKPVTVEGTEAIAVSYPSFFDHLDRLKSEAENLYFQSHHHHHHWSHPQFEK
;
_entity_poly.pdbx_strand_id   A,B,C,D
#
loop_
_chem_comp.id
_chem_comp.type
_chem_comp.name
_chem_comp.formula
SO4 non-polymer 'SULFATE ION' 'O4 S -2'
#
# COMPACT_ATOMS: atom_id res chain seq x y z
N GLU A 4 31.36 46.76 4.75
CA GLU A 4 31.34 45.27 4.86
C GLU A 4 30.08 44.68 5.52
N ASN A 5 29.27 45.54 6.15
CA ASN A 5 27.86 45.19 6.38
C ASN A 5 26.99 45.77 5.26
N LYS A 6 27.14 45.15 4.09
CA LYS A 6 26.51 45.55 2.84
C LYS A 6 26.61 44.40 1.84
N THR A 7 25.54 44.15 1.11
CA THR A 7 25.58 43.18 0.02
C THR A 7 25.37 43.94 -1.27
N VAL A 8 26.20 43.63 -2.27
CA VAL A 8 25.95 44.11 -3.62
C VAL A 8 24.95 43.15 -4.27
N ILE A 9 23.86 43.72 -4.79
CA ILE A 9 22.79 42.92 -5.38
C ILE A 9 22.58 43.35 -6.83
N PRO A 10 22.82 42.43 -7.77
CA PRO A 10 22.66 42.72 -9.20
C PRO A 10 21.21 42.46 -9.64
N HIS A 11 20.80 43.01 -10.77
CA HIS A 11 19.44 42.76 -11.23
C HIS A 11 19.28 41.29 -11.56
N ALA A 12 18.07 40.76 -11.35
CA ALA A 12 17.78 39.37 -11.62
C ALA A 12 17.33 39.17 -13.06
N LYS A 13 17.95 38.19 -13.72
CA LYS A 13 17.55 37.81 -15.07
C LYS A 13 16.24 37.01 -15.09
N GLY A 14 15.90 36.42 -13.94
CA GLY A 14 14.67 35.67 -13.75
C GLY A 14 14.66 34.99 -12.37
N LEU A 15 13.51 34.49 -11.95
CA LEU A 15 13.40 33.80 -10.66
C LEU A 15 12.43 32.62 -10.74
N LYS A 16 12.97 31.41 -10.69
CA LYS A 16 12.15 30.21 -10.77
C LYS A 16 12.42 29.23 -9.64
N GLY A 17 11.35 28.70 -9.04
CA GLY A 17 11.49 27.64 -8.07
C GLY A 17 10.44 27.54 -7.00
N THR A 18 10.68 26.63 -6.06
CA THR A 18 9.82 26.43 -4.90
C THR A 18 10.62 26.84 -3.69
N ILE A 19 9.93 27.39 -2.69
CA ILE A 19 10.55 27.83 -1.46
C ILE A 19 9.65 27.62 -0.24
N LYS A 20 10.24 27.06 0.81
CA LYS A 20 9.61 26.97 2.11
C LYS A 20 10.13 28.13 2.91
N VAL A 21 9.29 29.13 3.11
CA VAL A 21 9.64 30.21 4.01
C VAL A 21 9.57 29.71 5.46
N PRO A 22 10.28 30.39 6.40
CA PRO A 22 10.31 29.94 7.81
C PRO A 22 8.92 29.96 8.45
N GLY A 23 8.68 29.08 9.43
CA GLY A 23 7.41 29.02 10.15
C GLY A 23 6.88 30.37 10.65
N ASP A 24 5.61 30.39 11.04
CA ASP A 24 4.98 31.60 11.56
C ASP A 24 5.32 31.78 13.04
N LYS A 25 5.80 32.97 13.40
CA LYS A 25 6.29 33.22 14.75
C LYS A 25 5.14 33.13 15.76
N SER A 26 4.02 33.78 15.44
CA SER A 26 2.84 33.79 16.30
C SER A 26 2.32 32.40 16.57
N ILE A 27 2.19 31.61 15.50
CA ILE A 27 1.68 30.25 15.60
C ILE A 27 2.68 29.34 16.31
N SER A 28 3.97 29.60 16.10
CA SER A 28 5.01 28.83 16.75
C SER A 28 4.96 29.02 18.25
N HIS A 29 4.90 30.27 18.70
CA HIS A 29 4.77 30.58 20.12
C HIS A 29 3.59 29.81 20.75
N ARG A 30 2.43 29.93 20.13
CA ARG A 30 1.21 29.46 20.74
C ARG A 30 1.12 27.96 20.74
N ALA A 31 1.61 27.35 19.67
CA ALA A 31 1.67 25.89 19.58
C ALA A 31 2.34 25.37 20.84
N VAL A 32 3.47 25.98 21.19
CA VAL A 32 4.22 25.60 22.37
C VAL A 32 3.43 25.87 23.65
N MET A 33 2.85 27.07 23.76
CA MET A 33 2.16 27.50 24.98
C MET A 33 0.89 26.69 25.27
N PHE A 34 -0.04 26.74 24.32
CA PHE A 34 -1.26 25.95 24.40
C PHE A 34 -0.94 24.46 24.54
N GLY A 35 0.22 24.07 24.02
CA GLY A 35 0.69 22.71 24.19
C GLY A 35 0.88 22.37 25.65
N ALA A 36 1.59 23.25 26.35
CA ALA A 36 1.86 23.09 27.77
C ALA A 36 0.58 23.10 28.63
N LEU A 37 -0.49 23.69 28.11
CA LEU A 37 -1.75 23.73 28.86
C LEU A 37 -2.66 22.52 28.62
N ALA A 38 -2.38 21.73 27.57
CA ALA A 38 -3.25 20.62 27.18
C ALA A 38 -2.93 19.30 27.86
N LYS A 39 -3.89 18.38 27.88
CA LYS A 39 -3.67 16.97 28.19
C LYS A 39 -3.24 16.23 26.91
N GLY A 40 -2.02 15.69 26.89
CA GLY A 40 -1.56 14.86 25.78
C GLY A 40 -0.42 15.45 24.96
N THR A 41 0.26 14.61 24.20
CA THR A 41 1.45 15.04 23.45
C THR A 41 1.15 15.92 22.23
N THR A 42 1.56 17.18 22.30
CA THR A 42 1.43 18.07 21.15
C THR A 42 2.69 17.86 20.31
N THR A 43 2.55 17.79 18.99
CA THR A 43 3.74 17.71 18.12
C THR A 43 3.84 18.82 17.04
N VAL A 44 4.70 19.80 17.29
CA VAL A 44 4.86 20.92 16.37
C VAL A 44 5.82 20.58 15.21
N GLU A 45 5.38 20.88 13.99
CA GLU A 45 6.21 20.70 12.81
C GLU A 45 6.32 22.00 12.00
N GLY A 46 7.54 22.31 11.55
CA GLY A 46 7.82 23.56 10.84
C GLY A 46 7.84 24.77 11.77
N PHE A 47 8.11 24.50 13.05
CA PHE A 47 8.23 25.49 14.11
C PHE A 47 9.43 26.42 13.84
N LEU A 48 9.29 27.69 14.19
CA LEU A 48 10.38 28.66 14.01
C LEU A 48 11.37 28.59 15.17
N PRO A 49 12.57 28.05 14.94
CA PRO A 49 13.51 27.94 16.06
C PRO A 49 14.26 29.23 16.35
N GLY A 50 13.58 30.37 16.30
CA GLY A 50 14.19 31.66 16.62
C GLY A 50 14.46 31.82 18.09
N ALA A 51 15.04 32.96 18.47
CA ALA A 51 15.39 33.25 19.86
C ALA A 51 14.14 33.41 20.75
N ASP A 52 13.16 34.17 20.27
CA ASP A 52 11.87 34.36 20.93
C ASP A 52 11.17 33.03 21.26
N CYS A 53 11.00 32.19 20.24
CA CYS A 53 10.28 30.93 20.38
C CYS A 53 11.06 29.97 21.23
N LEU A 54 12.37 30.06 21.14
CA LEU A 54 13.22 29.29 22.03
C LEU A 54 13.09 29.79 23.46
N SER A 55 12.78 31.07 23.63
CA SER A 55 12.52 31.65 24.95
C SER A 55 11.21 31.13 25.54
N THR A 56 10.16 31.07 24.72
CA THR A 56 8.88 30.52 25.14
C THR A 56 9.03 29.07 25.62
N ILE A 57 9.84 28.29 24.92
CA ILE A 57 10.05 26.89 25.28
C ILE A 57 10.67 26.83 26.67
N SER A 58 11.67 27.68 26.85
CA SER A 58 12.46 27.72 28.07
C SER A 58 11.61 28.02 29.31
N CYS A 59 10.76 29.04 29.22
CA CYS A 59 9.91 29.44 30.34
C CYS A 59 9.00 28.29 30.74
N PHE A 60 8.44 27.60 29.76
CA PHE A 60 7.54 26.50 30.04
C PHE A 60 8.22 25.24 30.58
N GLN A 61 9.49 25.04 30.22
CA GLN A 61 10.30 23.97 30.81
C GLN A 61 10.54 24.30 32.27
N LYS A 62 10.80 25.57 32.54
CA LYS A 62 11.04 26.06 33.88
C LYS A 62 9.79 25.98 34.76
N LEU A 63 8.63 25.80 34.12
CA LEU A 63 7.34 25.63 34.79
C LEU A 63 6.95 24.15 34.99
N GLY A 64 7.85 23.24 34.67
CA GLY A 64 7.63 21.83 34.91
C GLY A 64 7.23 21.04 33.68
N VAL A 65 6.91 21.74 32.59
CA VAL A 65 6.52 21.06 31.36
C VAL A 65 7.71 20.49 30.61
N SER A 66 7.64 19.18 30.34
CA SER A 66 8.62 18.49 29.53
C SER A 66 8.49 18.91 28.06
N ILE A 67 9.57 19.43 27.48
CA ILE A 67 9.57 19.90 26.07
C ILE A 67 10.89 19.56 25.35
N GLU A 68 10.77 18.99 24.16
CA GLU A 68 11.89 18.42 23.45
C GLU A 68 11.95 19.04 22.08
N GLN A 69 13.04 19.76 21.78
CA GLN A 69 13.16 20.55 20.55
C GLN A 69 14.44 20.29 19.74
N ALA A 70 14.24 19.85 18.49
CA ALA A 70 15.30 19.76 17.49
C ALA A 70 14.92 20.61 16.27
N GLU A 71 15.85 21.46 15.82
CA GLU A 71 15.65 22.28 14.62
C GLU A 71 14.22 22.87 14.51
N GLU A 72 13.34 22.28 13.72
CA GLU A 72 11.99 22.82 13.57
C GLU A 72 10.93 21.91 14.16
N ARG A 73 11.36 20.90 14.91
CA ARG A 73 10.44 19.90 15.45
C ARG A 73 10.36 20.04 16.97
N VAL A 74 9.15 20.17 17.50
CA VAL A 74 8.95 20.28 18.94
C VAL A 74 7.98 19.21 19.39
N THR A 75 8.23 18.66 20.57
CA THR A 75 7.29 17.76 21.24
C THR A 75 7.03 18.39 22.60
N VAL A 76 5.75 18.58 22.93
CA VAL A 76 5.36 19.08 24.27
C VAL A 76 4.57 18.00 24.99
N LYS A 77 5.04 17.59 26.17
CA LYS A 77 4.48 16.40 26.83
C LYS A 77 3.50 16.71 27.95
N GLY A 78 2.29 16.16 27.82
CA GLY A 78 1.18 16.34 28.77
C GLY A 78 0.87 17.81 28.98
N LYS A 79 0.27 18.19 30.12
CA LYS A 79 -0.32 17.30 31.12
C LYS A 79 -1.42 18.11 31.84
N GLY A 80 -1.94 19.12 31.16
CA GLY A 80 -2.96 20.01 31.73
C GLY A 80 -2.35 21.05 32.64
N TRP A 81 -3.19 21.86 33.27
CA TRP A 81 -2.76 22.81 34.31
C TRP A 81 -2.17 22.06 35.49
N ASP A 82 -2.66 20.83 35.66
CA ASP A 82 -2.34 19.99 36.80
C ASP A 82 -0.85 19.62 36.81
N GLY A 83 -0.18 19.78 35.67
CA GLY A 83 1.25 19.44 35.54
C GLY A 83 2.22 20.62 35.43
N LEU A 84 1.74 21.83 35.71
CA LEU A 84 2.58 23.00 35.77
C LEU A 84 2.95 23.25 37.23
N ARG A 85 4.23 23.06 37.56
CA ARG A 85 4.71 23.19 38.93
C ARG A 85 5.25 24.60 39.20
N GLU A 86 5.21 25.04 40.44
CA GLU A 86 5.74 26.34 40.86
C GLU A 86 7.24 26.43 40.57
N PRO A 87 7.65 27.43 39.77
CA PRO A 87 9.04 27.53 39.36
C PRO A 87 9.96 27.94 40.50
N SER A 88 11.13 27.30 40.56
CA SER A 88 12.21 27.71 41.46
C SER A 88 13.23 28.61 40.75
N ASP A 89 13.13 28.70 39.42
CA ASP A 89 13.94 29.63 38.63
C ASP A 89 13.13 30.87 38.21
N ILE A 90 13.85 31.95 37.91
CA ILE A 90 13.28 33.12 37.24
C ILE A 90 12.94 32.71 35.82
N LEU A 91 11.69 32.94 35.41
CA LEU A 91 11.30 32.70 34.03
C LEU A 91 11.88 33.82 33.18
N ASP A 92 12.85 33.43 32.34
CA ASP A 92 13.52 34.38 31.48
C ASP A 92 12.86 34.47 30.11
N VAL A 93 12.17 35.59 29.92
CA VAL A 93 11.43 35.92 28.72
C VAL A 93 12.34 36.25 27.52
N GLY A 94 13.62 36.49 27.78
CA GLY A 94 14.56 36.86 26.72
C GLY A 94 14.20 38.18 26.08
N ASN A 95 13.91 38.15 24.79
CA ASN A 95 13.56 39.36 24.07
C ASN A 95 12.08 39.39 23.69
N SER A 96 11.39 38.27 23.92
CA SER A 96 10.08 38.06 23.35
C SER A 96 8.98 38.89 24.02
N GLY A 97 8.34 39.77 23.25
CA GLY A 97 7.18 40.50 23.74
C GLY A 97 6.05 39.51 23.95
N THR A 98 5.92 38.59 23.00
CA THR A 98 4.84 37.61 23.02
C THR A 98 4.90 36.71 24.25
N THR A 99 6.07 36.15 24.53
CA THR A 99 6.21 35.34 25.73
C THR A 99 5.81 36.14 26.96
N THR A 100 6.34 37.36 27.07
CA THR A 100 6.06 38.21 28.21
C THR A 100 4.57 38.33 28.40
N ARG A 101 3.89 38.84 27.36
CA ARG A 101 2.46 39.14 27.44
C ARG A 101 1.53 37.93 27.57
N LEU A 102 1.75 36.90 26.75
CA LEU A 102 0.83 35.80 26.79
C LEU A 102 1.04 35.00 28.07
N ILE A 103 2.30 34.79 28.46
CA ILE A 103 2.58 33.95 29.61
C ILE A 103 2.02 34.57 30.88
N LEU A 104 1.97 35.89 30.90
CA LEU A 104 1.36 36.65 32.00
C LEU A 104 -0.08 36.18 32.21
N GLY A 105 -0.85 36.19 31.12
CA GLY A 105 -2.21 35.71 31.15
C GLY A 105 -2.24 34.33 31.76
N ILE A 106 -1.35 33.47 31.27
CA ILE A 106 -1.27 32.10 31.76
C ILE A 106 -0.79 32.04 33.20
N LEU A 107 0.22 32.83 33.54
CA LEU A 107 0.73 32.81 34.90
C LEU A 107 -0.31 33.26 35.93
N SER A 108 -1.15 34.23 35.56
CA SER A 108 -2.24 34.70 36.41
C SER A 108 -3.22 33.59 36.70
N THR A 109 -3.18 32.55 35.87
CA THR A 109 -4.15 31.47 35.97
C THR A 109 -3.72 30.39 36.98
N LEU A 110 -2.47 30.48 37.44
CA LEU A 110 -1.84 29.47 38.30
C LEU A 110 -1.73 29.88 39.76
N PRO A 111 -2.01 28.96 40.71
CA PRO A 111 -2.10 29.26 42.14
C PRO A 111 -0.77 29.23 42.91
N PHE A 112 0.31 29.72 42.28
CA PHE A 112 1.62 29.81 42.90
C PHE A 112 2.37 31.10 42.54
N HIS A 113 3.66 31.17 42.87
CA HIS A 113 4.47 32.36 42.60
C HIS A 113 5.45 32.19 41.44
N SER A 114 5.43 33.16 40.51
CA SER A 114 6.32 33.20 39.35
C SER A 114 6.95 34.59 39.17
N VAL A 115 8.20 34.62 38.73
CA VAL A 115 8.83 35.87 38.32
C VAL A 115 9.16 35.86 36.82
N ILE A 116 9.10 37.02 36.19
CA ILE A 116 9.47 37.17 34.79
C ILE A 116 10.54 38.24 34.70
N ILE A 117 11.60 37.97 33.95
CA ILE A 117 12.46 39.05 33.49
C ILE A 117 12.83 38.78 32.06
N GLY A 118 13.35 39.79 31.39
CA GLY A 118 13.97 39.61 30.08
C GLY A 118 15.27 40.39 30.00
N ASP A 119 15.69 40.65 28.76
CA ASP A 119 16.89 41.43 28.51
C ASP A 119 16.59 42.93 28.56
N GLU A 120 17.60 43.75 28.23
CA GLU A 120 17.50 45.21 28.22
C GLU A 120 16.29 45.71 27.44
N SER A 121 16.10 45.19 26.25
CA SER A 121 14.99 45.59 25.39
C SER A 121 13.64 45.42 26.09
N ILE A 122 13.33 44.22 26.55
CA ILE A 122 12.03 43.95 27.21
C ILE A 122 11.85 44.78 28.49
N GLY A 123 12.96 45.22 29.08
CA GLY A 123 12.94 46.00 30.32
C GLY A 123 12.72 47.47 30.08
N LYS A 124 12.20 47.80 28.91
CA LYS A 124 11.89 49.17 28.52
C LYS A 124 10.50 49.26 27.86
N ARG A 125 9.93 48.09 27.60
CA ARG A 125 8.63 47.98 26.96
C ARG A 125 7.54 47.91 28.02
N PRO A 126 6.57 48.85 27.96
CA PRO A 126 5.53 48.99 28.98
C PRO A 126 4.52 47.84 28.98
N MET A 127 4.36 47.20 30.15
CA MET A 127 3.46 46.04 30.33
C MET A 127 2.13 46.38 30.99
N LYS A 128 2.03 47.58 31.57
CA LYS A 128 0.85 48.00 32.34
C LYS A 128 -0.46 47.78 31.61
N ARG A 129 -0.42 47.86 30.28
CA ARG A 129 -1.59 47.64 29.42
C ARG A 129 -2.17 46.24 29.59
N VAL A 130 -1.33 45.29 29.99
CA VAL A 130 -1.76 43.92 30.23
C VAL A 130 -1.96 43.65 31.72
N THR A 131 -1.09 44.19 32.56
CA THR A 131 -1.10 43.84 33.98
C THR A 131 -2.32 44.40 34.70
N GLU A 132 -2.79 45.57 34.30
CA GLU A 132 -3.98 46.16 34.92
C GLU A 132 -5.24 45.31 34.72
N PRO A 133 -5.57 44.94 33.46
CA PRO A 133 -6.64 43.97 33.21
C PRO A 133 -6.56 42.70 34.05
N LEU A 134 -5.39 42.05 34.07
CA LEU A 134 -5.26 40.77 34.76
C LEU A 134 -5.44 40.94 36.27
N LYS A 135 -4.96 42.05 36.81
CA LYS A 135 -5.16 42.39 38.22
C LYS A 135 -6.66 42.56 38.53
N SER A 136 -7.41 43.10 37.57
CA SER A 136 -8.86 43.24 37.70
C SER A 136 -9.55 41.88 37.71
N MET A 137 -8.86 40.84 37.23
CA MET A 137 -9.41 39.50 37.22
C MET A 137 -9.15 38.79 38.54
N GLY A 138 -8.26 39.38 39.35
CA GLY A 138 -7.94 38.86 40.68
C GLY A 138 -6.46 38.57 40.89
N ALA A 139 -5.65 38.75 39.84
CA ALA A 139 -4.23 38.44 39.89
C ALA A 139 -3.43 39.43 40.71
N GLN A 140 -2.60 38.91 41.61
CA GLN A 140 -1.64 39.73 42.33
C GLN A 140 -0.37 39.82 41.48
N ILE A 141 -0.20 40.96 40.81
CA ILE A 141 0.94 41.21 39.94
C ILE A 141 1.63 42.49 40.37
N ASP A 142 2.86 42.36 40.85
CA ASP A 142 3.68 43.52 41.17
C ASP A 142 4.86 43.51 40.19
N GLY A 143 5.58 44.62 40.13
CA GLY A 143 6.74 44.73 39.24
C GLY A 143 7.40 46.07 39.37
N ARG A 144 8.44 46.28 38.57
CA ARG A 144 9.16 47.55 38.55
C ARG A 144 8.24 48.63 37.98
N ASP A 145 8.40 49.86 38.46
CA ASP A 145 7.57 51.00 38.03
C ASP A 145 6.07 50.69 38.24
N HIS A 146 5.77 50.10 39.41
CA HIS A 146 4.42 49.72 39.83
C HIS A 146 3.74 48.70 38.91
N GLY A 147 4.49 47.68 38.49
CA GLY A 147 3.92 46.58 37.72
C GLY A 147 3.88 46.84 36.23
N ASN A 148 4.58 47.90 35.80
CA ASN A 148 4.60 48.27 34.40
C ASN A 148 5.85 47.79 33.68
N LEU A 149 6.95 47.66 34.43
CA LEU A 149 8.21 47.23 33.83
C LEU A 149 8.77 45.97 34.45
N THR A 150 9.46 45.20 33.63
CA THR A 150 10.15 44.00 34.02
C THR A 150 11.22 44.36 35.07
N PRO A 151 11.47 43.49 36.07
CA PRO A 151 10.87 42.18 36.39
C PRO A 151 9.52 42.28 37.09
N LEU A 152 8.64 41.34 36.78
CA LEU A 152 7.31 41.27 37.35
C LEU A 152 7.15 40.00 38.16
N SER A 153 6.32 40.06 39.20
CA SER A 153 6.04 38.91 40.06
C SER A 153 4.54 38.60 40.05
N ILE A 154 4.20 37.33 39.93
CA ILE A 154 2.81 36.93 39.71
C ILE A 154 2.32 35.83 40.65
N ARG A 155 1.23 36.12 41.34
CA ARG A 155 0.49 35.13 42.11
C ARG A 155 -0.90 35.03 41.49
N GLY A 156 -1.31 33.82 41.14
CA GLY A 156 -2.56 33.63 40.41
C GLY A 156 -3.65 32.95 41.22
N GLY A 157 -4.41 33.74 41.97
CA GLY A 157 -5.50 33.21 42.80
C GLY A 157 -6.66 32.65 42.01
N GLN A 158 -7.74 32.31 42.72
CA GLN A 158 -9.00 31.96 42.06
C GLN A 158 -9.42 33.18 41.27
N LEU A 159 -9.63 32.99 39.97
CA LEU A 159 -9.81 34.12 39.08
C LEU A 159 -11.28 34.29 38.70
N LYS A 160 -11.75 35.54 38.78
CA LYS A 160 -13.12 35.88 38.40
C LYS A 160 -13.09 36.55 37.04
N GLY A 161 -14.03 36.17 36.18
CA GLY A 161 -14.11 36.70 34.82
C GLY A 161 -14.29 38.20 34.74
N ILE A 162 -14.16 38.76 33.55
CA ILE A 162 -14.31 40.20 33.36
C ILE A 162 -14.87 40.57 31.98
N ASP A 163 -15.71 41.59 31.95
CA ASP A 163 -16.10 42.25 30.71
C ASP A 163 -15.17 43.43 30.52
N PHE A 164 -14.17 43.25 29.66
CA PHE A 164 -13.12 44.24 29.48
C PHE A 164 -13.37 45.08 28.24
N HIS A 165 -13.00 46.35 28.35
CA HIS A 165 -13.08 47.29 27.24
C HIS A 165 -11.78 48.07 27.18
N SER A 166 -11.21 48.20 26.00
CA SER A 166 -9.92 48.88 25.83
C SER A 166 -9.93 49.87 24.67
N PRO A 167 -9.47 51.12 24.93
CA PRO A 167 -9.31 52.13 23.88
C PRO A 167 -8.32 51.71 22.80
N VAL A 168 -7.41 50.79 23.12
CA VAL A 168 -6.41 50.30 22.16
C VAL A 168 -6.78 48.95 21.55
N ALA A 169 -6.51 48.81 20.27
CA ALA A 169 -6.57 47.52 19.61
C ALA A 169 -5.20 46.87 19.73
N SER A 170 -5.15 45.74 20.45
CA SER A 170 -3.91 44.97 20.63
C SER A 170 -4.19 43.47 20.70
N ALA A 171 -3.51 42.71 19.85
CA ALA A 171 -3.70 41.26 19.80
C ALA A 171 -3.02 40.56 20.97
N GLN A 172 -1.84 41.04 21.34
CA GLN A 172 -1.12 40.51 22.50
C GLN A 172 -1.88 40.77 23.81
N MET A 173 -2.50 41.94 23.90
CA MET A 173 -3.29 42.31 25.06
C MET A 173 -4.53 41.42 25.16
N LYS A 174 -5.19 41.23 24.02
CA LYS A 174 -6.37 40.40 23.90
C LYS A 174 -6.08 38.94 24.26
N SER A 175 -4.96 38.44 23.75
CA SER A 175 -4.52 37.06 24.00
C SER A 175 -4.37 36.81 25.48
N ALA A 176 -3.73 37.76 26.17
CA ALA A 176 -3.44 37.63 27.59
C ALA A 176 -4.71 37.41 28.38
N ILE A 177 -5.72 38.23 28.10
CA ILE A 177 -6.98 38.23 28.85
C ILE A 177 -7.81 36.98 28.54
N LEU A 178 -7.83 36.60 27.26
CA LEU A 178 -8.50 35.37 26.83
C LEU A 178 -7.90 34.13 27.51
N LEU A 179 -6.58 34.08 27.57
CA LEU A 179 -5.88 32.99 28.23
C LEU A 179 -6.15 32.97 29.73
N ALA A 180 -6.10 34.14 30.36
CA ALA A 180 -6.43 34.28 31.77
C ALA A 180 -7.91 33.91 31.97
N GLY A 181 -8.73 34.19 30.97
CA GLY A 181 -10.15 33.86 31.02
C GLY A 181 -10.41 32.37 30.89
N LEU A 182 -9.40 31.64 30.45
CA LEU A 182 -9.49 30.21 30.20
C LEU A 182 -9.79 29.43 31.48
N ARG A 183 -9.16 29.82 32.58
CA ARG A 183 -9.34 29.13 33.84
C ARG A 183 -9.96 30.04 34.92
N ALA A 184 -10.63 31.09 34.46
CA ALA A 184 -11.49 31.90 35.31
C ALA A 184 -12.90 31.29 35.37
N GLU A 185 -13.79 31.89 36.15
CA GLU A 185 -15.18 31.44 36.21
C GLU A 185 -16.09 32.50 35.59
N GLY A 186 -17.01 32.06 34.72
CA GLY A 186 -17.95 32.97 34.09
C GLY A 186 -17.30 33.74 32.96
N LYS A 187 -18.06 33.94 31.88
CA LYS A 187 -17.51 34.46 30.61
C LYS A 187 -16.61 35.71 30.74
N THR A 188 -15.50 35.67 30.03
CA THR A 188 -14.51 36.74 30.00
C THR A 188 -14.57 37.33 28.60
N SER A 189 -14.60 38.65 28.50
CA SER A 189 -14.77 39.28 27.20
C SER A 189 -13.83 40.43 26.96
N VAL A 190 -13.30 40.50 25.74
CA VAL A 190 -12.49 41.63 25.29
C VAL A 190 -13.23 42.36 24.18
N THR A 191 -13.27 43.70 24.27
CA THR A 191 -13.78 44.56 23.21
C THR A 191 -12.74 45.63 22.90
N GLU A 192 -12.55 45.91 21.61
CA GLU A 192 -11.57 46.91 21.17
C GLU A 192 -12.07 47.71 19.95
N PRO A 193 -11.36 48.81 19.58
CA PRO A 193 -11.77 49.63 18.43
C PRO A 193 -11.71 48.88 17.10
N ALA A 194 -10.55 48.31 16.78
CA ALA A 194 -10.35 47.58 15.54
C ALA A 194 -10.42 46.06 15.76
N LYS A 195 -10.75 45.33 14.71
CA LYS A 195 -10.59 43.88 14.70
C LYS A 195 -9.11 43.56 14.49
N THR A 196 -8.63 42.55 15.20
CA THR A 196 -7.19 42.32 15.31
C THR A 196 -6.85 40.86 14.97
N ARG A 197 -5.55 40.51 15.02
CA ARG A 197 -5.10 39.15 14.69
C ARG A 197 -5.79 38.09 15.54
N ASP A 198 -6.14 36.96 14.93
CA ASP A 198 -7.02 35.98 15.58
C ASP A 198 -6.41 34.59 15.79
N HIS A 199 -5.09 34.54 15.95
CA HIS A 199 -4.38 33.28 16.13
C HIS A 199 -4.78 32.56 17.42
N THR A 200 -4.84 33.31 18.52
CA THR A 200 -5.17 32.79 19.83
C THR A 200 -6.54 32.15 19.85
N GLU A 201 -7.53 32.78 19.20
CA GLU A 201 -8.88 32.23 19.14
C GLU A 201 -8.95 30.98 18.27
N ARG A 202 -8.33 31.06 17.08
CA ARG A 202 -8.34 29.95 16.11
C ARG A 202 -7.66 28.69 16.63
N MET A 203 -6.44 28.84 17.12
CA MET A 203 -5.68 27.72 17.64
C MET A 203 -6.29 27.14 18.89
N LEU A 204 -6.69 28.03 19.79
CA LEU A 204 -7.35 27.62 21.04
C LEU A 204 -8.62 26.84 20.68
N GLU A 205 -9.36 27.34 19.69
CA GLU A 205 -10.51 26.62 19.13
C GLU A 205 -10.15 25.24 18.60
N ALA A 206 -9.02 25.14 17.91
CA ALA A 206 -8.51 23.86 17.42
C ALA A 206 -7.98 22.96 18.53
N PHE A 207 -7.62 23.55 19.66
CA PHE A 207 -7.16 22.78 20.81
C PHE A 207 -8.33 22.28 21.66
N GLY A 208 -9.54 22.35 21.13
CA GLY A 208 -10.73 21.83 21.80
C GLY A 208 -11.46 22.79 22.71
N VAL A 209 -11.20 24.09 22.53
CA VAL A 209 -11.80 25.15 23.34
C VAL A 209 -12.80 25.91 22.50
N ASN A 210 -13.80 26.51 23.14
CA ASN A 210 -14.78 27.32 22.43
C ASN A 210 -14.74 28.81 22.78
N ILE A 211 -14.46 29.59 21.75
CA ILE A 211 -14.46 31.04 21.81
C ILE A 211 -15.72 31.50 21.09
N GLU A 212 -16.37 32.54 21.63
CA GLU A 212 -17.52 33.16 20.98
C GLU A 212 -17.09 34.51 20.38
N LYS A 213 -17.58 34.79 19.18
CA LYS A 213 -17.22 36.03 18.48
C LYS A 213 -18.46 36.80 18.03
N ASP A 214 -18.65 37.98 18.64
CA ASP A 214 -19.69 38.92 18.24
C ASP A 214 -19.01 40.23 17.84
N GLY A 215 -18.53 40.27 16.58
CA GLY A 215 -17.81 41.43 16.00
C GLY A 215 -17.40 42.61 16.88
N LEU A 216 -16.09 42.77 17.04
CA LEU A 216 -15.48 43.80 17.88
C LEU A 216 -15.29 43.34 19.33
N THR A 217 -16.04 42.31 19.71
CA THR A 217 -16.00 41.71 21.03
C THR A 217 -15.75 40.19 20.94
N VAL A 218 -14.66 39.71 21.55
CA VAL A 218 -14.44 38.26 21.69
C VAL A 218 -14.59 37.83 23.14
N SER A 219 -15.05 36.61 23.35
CA SER A 219 -15.31 36.14 24.71
C SER A 219 -15.04 34.65 24.90
N ILE A 220 -14.53 34.31 26.07
CA ILE A 220 -14.24 32.92 26.44
C ILE A 220 -14.93 32.53 27.75
N GLU A 221 -15.56 31.37 27.75
CA GLU A 221 -16.14 30.78 28.96
C GLU A 221 -15.13 29.81 29.57
N GLY A 222 -14.67 30.11 30.79
CA GLY A 222 -13.84 29.18 31.54
C GLY A 222 -14.76 28.16 32.22
N GLY A 223 -14.26 26.98 32.56
CA GLY A 223 -12.92 26.51 32.23
C GLY A 223 -12.99 25.21 31.46
N GLN A 224 -12.61 25.26 30.19
CA GLN A 224 -12.67 24.10 29.31
C GLN A 224 -11.31 23.37 29.27
N MET A 225 -11.31 22.15 28.74
CA MET A 225 -10.10 21.34 28.57
C MET A 225 -9.42 21.64 27.23
N LEU A 226 -8.10 21.44 27.18
CA LEU A 226 -7.35 21.45 25.93
C LEU A 226 -6.76 20.05 25.67
N THR A 227 -6.76 19.64 24.41
CA THR A 227 -6.26 18.32 24.00
C THR A 227 -4.97 18.47 23.20
N GLY A 228 -4.08 17.48 23.29
CA GLY A 228 -2.85 17.46 22.49
C GLY A 228 -3.13 17.50 21.01
N GLN A 229 -2.32 18.25 20.27
CA GLN A 229 -2.55 18.43 18.84
C GLN A 229 -1.30 18.16 18.01
N HIS A 230 -1.51 17.81 16.75
CA HIS A 230 -0.41 17.76 15.80
C HIS A 230 -0.47 19.07 15.00
N VAL A 231 0.48 19.97 15.25
CA VAL A 231 0.46 21.28 14.63
C VAL A 231 1.54 21.44 13.57
N VAL A 232 1.10 21.53 12.32
CA VAL A 232 2.01 21.80 11.22
C VAL A 232 1.99 23.29 10.99
N VAL A 233 2.95 23.98 11.61
CA VAL A 233 3.10 25.44 11.52
C VAL A 233 3.14 25.95 10.09
N PRO A 234 2.19 26.82 9.73
CA PRO A 234 2.16 27.41 8.38
C PRO A 234 3.25 28.46 8.16
N GLY A 235 3.65 28.62 6.90
CA GLY A 235 4.66 29.63 6.55
C GLY A 235 4.27 31.04 6.91
N ASP A 236 5.22 31.78 7.46
CA ASP A 236 4.98 33.18 7.78
C ASP A 236 4.86 34.07 6.51
N ILE A 237 3.68 34.66 6.34
CA ILE A 237 3.31 35.47 5.16
C ILE A 237 4.18 36.69 4.95
N SER A 238 4.61 37.30 6.05
CA SER A 238 5.40 38.52 5.97
C SER A 238 6.66 38.21 5.20
N SER A 239 7.22 37.02 5.44
CA SER A 239 8.40 36.57 4.71
C SER A 239 8.02 36.21 3.28
N ALA A 240 6.96 35.40 3.16
CA ALA A 240 6.41 35.01 1.86
C ALA A 240 6.19 36.22 0.94
N ALA A 241 5.75 37.35 1.51
CA ALA A 241 5.46 38.55 0.74
C ALA A 241 6.61 39.01 -0.16
N PHE A 242 7.84 38.83 0.30
CA PHE A 242 9.00 39.35 -0.39
C PHE A 242 9.21 38.61 -1.72
N PHE A 243 8.88 37.33 -1.72
CA PHE A 243 9.01 36.53 -2.92
C PHE A 243 7.82 36.76 -3.84
N LEU A 244 6.62 36.74 -3.27
CA LEU A 244 5.44 37.13 -4.01
C LEU A 244 5.64 38.43 -4.82
N VAL A 245 6.28 39.41 -4.23
CA VAL A 245 6.39 40.68 -4.91
C VAL A 245 7.46 40.62 -6.00
N ALA A 246 8.61 40.06 -5.67
CA ALA A 246 9.71 39.84 -6.63
C ALA A 246 9.24 39.06 -7.84
N GLY A 247 8.56 37.95 -7.58
CA GLY A 247 7.98 37.10 -8.62
C GLY A 247 7.02 37.86 -9.52
N ALA A 248 6.30 38.81 -8.94
CA ALA A 248 5.30 39.61 -9.64
C ALA A 248 5.96 40.56 -10.62
N MET A 249 7.20 40.94 -10.33
CA MET A 249 7.81 42.09 -11.00
C MET A 249 8.89 41.78 -12.01
N VAL A 250 9.84 40.95 -11.60
CA VAL A 250 10.99 40.61 -12.42
C VAL A 250 10.52 39.81 -13.62
N PRO A 251 10.94 40.21 -14.81
CA PRO A 251 10.64 39.45 -16.01
C PRO A 251 11.08 38.00 -15.89
N HIS A 252 10.40 37.11 -16.61
CA HIS A 252 10.70 35.68 -16.66
C HIS A 252 10.71 34.96 -15.29
N SER A 253 9.75 35.32 -14.43
CA SER A 253 9.70 34.77 -13.09
C SER A 253 8.55 33.79 -12.90
N ARG A 254 8.76 32.82 -12.01
CA ARG A 254 7.68 31.96 -11.55
C ARG A 254 8.08 31.29 -10.25
N ILE A 255 7.42 31.68 -9.17
CA ILE A 255 7.72 31.13 -7.86
C ILE A 255 6.52 30.43 -7.22
N THR A 256 6.66 29.14 -6.88
CA THR A 256 5.74 28.51 -5.95
C THR A 256 6.33 28.72 -4.55
N LEU A 257 5.46 29.08 -3.61
CA LEU A 257 5.84 29.10 -2.21
C LEU A 257 4.95 28.10 -1.50
N THR A 258 5.54 27.08 -0.91
CA THR A 258 4.76 26.01 -0.29
C THR A 258 4.27 26.37 1.11
N ASN A 259 3.03 25.96 1.38
CA ASN A 259 2.44 25.96 2.71
C ASN A 259 2.62 27.22 3.55
N VAL A 260 1.81 28.21 3.21
CA VAL A 260 1.89 29.53 3.79
C VAL A 260 0.61 29.80 4.55
N GLY A 261 0.74 30.24 5.81
CA GLY A 261 -0.39 30.70 6.61
C GLY A 261 -1.09 31.76 5.81
N ILE A 262 -2.41 31.62 5.68
CA ILE A 262 -3.12 32.45 4.74
C ILE A 262 -4.13 33.32 5.48
N ASN A 263 -4.08 33.24 6.80
CA ASN A 263 -4.97 33.96 7.70
C ASN A 263 -5.22 35.42 7.27
N PRO A 264 -6.51 35.80 7.07
CA PRO A 264 -6.91 37.09 6.53
C PRO A 264 -6.56 38.30 7.39
N THR A 265 -6.34 38.10 8.69
CA THR A 265 -5.94 39.20 9.59
C THR A 265 -4.47 39.60 9.39
N ARG A 266 -3.81 38.93 8.44
CA ARG A 266 -2.40 39.17 8.12
C ARG A 266 -2.11 39.01 6.62
N ALA A 267 -3.06 38.42 5.91
CA ALA A 267 -2.92 38.16 4.49
C ALA A 267 -3.34 39.35 3.63
N GLY A 268 -3.21 40.55 4.19
CA GLY A 268 -3.58 41.77 3.48
C GLY A 268 -2.89 41.96 2.14
N ILE A 269 -1.68 41.42 1.99
CA ILE A 269 -0.94 41.53 0.73
C ILE A 269 -1.55 40.66 -0.38
N LEU A 270 -2.16 39.55 0.02
CA LEU A 270 -2.83 38.66 -0.93
C LEU A 270 -4.02 39.33 -1.62
N GLU A 271 -4.64 40.28 -0.92
CA GLU A 271 -5.80 40.98 -1.47
C GLU A 271 -5.37 42.16 -2.34
N VAL A 272 -4.21 42.74 -2.02
CA VAL A 272 -3.63 43.80 -2.84
C VAL A 272 -3.14 43.25 -4.19
N LEU A 273 -2.48 42.09 -4.13
CA LEU A 273 -2.04 41.42 -5.35
C LEU A 273 -3.23 41.16 -6.28
N LYS A 274 -4.30 40.52 -5.78
CA LYS A 274 -5.53 40.33 -6.55
C LYS A 274 -6.06 41.63 -7.15
N GLN A 275 -6.16 42.67 -6.33
CA GLN A 275 -6.69 43.97 -6.75
C GLN A 275 -5.87 44.59 -7.87
N MET A 276 -4.57 44.34 -7.86
CA MET A 276 -3.68 44.93 -8.85
C MET A 276 -3.62 44.11 -10.11
N GLY A 277 -4.33 42.99 -10.14
CA GLY A 277 -4.34 42.12 -11.30
C GLY A 277 -3.05 41.34 -11.46
N ALA A 278 -2.48 40.90 -10.33
CA ALA A 278 -1.30 40.05 -10.35
C ALA A 278 -1.73 38.65 -10.74
N THR A 279 -0.84 37.92 -11.39
CA THR A 279 -1.09 36.53 -11.73
C THR A 279 -0.80 35.63 -10.51
N LEU A 280 -1.78 35.49 -9.64
CA LEU A 280 -1.59 34.74 -8.41
C LEU A 280 -2.49 33.52 -8.33
N ALA A 281 -1.99 32.45 -7.74
CA ALA A 281 -2.78 31.24 -7.55
C ALA A 281 -2.69 30.68 -6.14
N MET A 282 -3.85 30.36 -5.57
CA MET A 282 -3.96 29.53 -4.37
C MET A 282 -4.12 28.09 -4.83
N GLU A 283 -3.41 27.17 -4.20
CA GLU A 283 -3.58 25.74 -4.47
C GLU A 283 -3.50 24.99 -3.15
N ASN A 284 -4.17 23.85 -3.06
CA ASN A 284 -4.15 23.02 -1.86
C ASN A 284 -4.53 23.76 -0.59
N GLU A 285 -5.61 24.55 -0.60
CA GLU A 285 -5.99 25.25 0.62
C GLU A 285 -6.69 24.32 1.58
N ARG A 286 -6.15 24.21 2.79
CA ARG A 286 -6.81 23.47 3.87
C ARG A 286 -6.72 24.28 5.16
N VAL A 287 -7.09 23.65 6.27
CA VAL A 287 -6.91 24.25 7.58
C VAL A 287 -6.16 23.26 8.46
N GLN A 288 -5.00 23.68 8.96
CA GLN A 288 -4.21 22.89 9.92
C GLN A 288 -4.34 23.55 11.29
N GLY A 289 -4.85 22.79 12.25
CA GLY A 289 -4.96 23.26 13.64
C GLY A 289 -5.50 24.66 13.80
N GLY A 290 -6.60 24.94 13.09
CA GLY A 290 -7.29 26.23 13.16
C GLY A 290 -6.84 27.26 12.14
N GLU A 291 -5.64 27.08 11.59
CA GLU A 291 -5.03 28.13 10.76
C GLU A 291 -5.16 27.88 9.26
N PRO A 292 -5.64 28.89 8.53
CA PRO A 292 -5.74 28.83 7.08
C PRO A 292 -4.34 28.85 6.46
N VAL A 293 -4.20 28.08 5.38
CA VAL A 293 -2.91 27.77 4.78
C VAL A 293 -3.13 27.25 3.37
N ALA A 294 -2.26 27.67 2.45
CA ALA A 294 -2.24 27.19 1.08
C ALA A 294 -0.87 27.43 0.46
N ASP A 295 -0.56 26.78 -0.65
CA ASP A 295 0.65 27.18 -1.38
C ASP A 295 0.40 28.19 -2.50
N LEU A 296 1.08 29.31 -2.41
CA LEU A 296 0.91 30.37 -3.39
C LEU A 296 1.86 30.13 -4.54
N THR A 297 1.39 30.44 -5.75
CA THR A 297 2.22 30.38 -6.92
C THR A 297 2.08 31.72 -7.71
N ILE A 298 3.19 32.38 -7.99
CA ILE A 298 3.10 33.69 -8.65
C ILE A 298 4.02 33.81 -9.87
N GLU A 299 3.54 34.43 -10.93
CA GLU A 299 4.39 34.66 -12.10
C GLU A 299 4.38 36.13 -12.56
N THR A 300 5.39 36.52 -13.34
CA THR A 300 5.56 37.92 -13.74
C THR A 300 4.25 38.51 -14.19
N SER A 301 3.84 39.60 -13.55
CA SER A 301 2.48 40.10 -13.71
C SER A 301 2.39 41.46 -14.40
N VAL A 302 1.19 41.80 -14.84
CA VAL A 302 0.86 43.13 -15.31
C VAL A 302 0.04 43.78 -14.22
N LEU A 303 0.66 44.67 -13.46
CA LEU A 303 0.03 45.30 -12.30
C LEU A 303 -0.65 46.65 -12.55
N GLN A 304 -1.73 46.84 -11.81
CA GLN A 304 -2.57 48.02 -11.92
C GLN A 304 -2.54 48.74 -10.57
N GLY A 305 -2.27 50.05 -10.59
CA GLY A 305 -2.30 50.85 -9.36
C GLY A 305 -3.62 50.72 -8.60
N VAL A 306 -3.56 50.82 -7.28
CA VAL A 306 -4.73 50.59 -6.44
C VAL A 306 -4.71 51.48 -5.17
N GLU A 307 -5.87 51.75 -4.58
CA GLU A 307 -5.91 52.43 -3.29
C GLU A 307 -5.93 51.46 -2.10
N ILE A 308 -4.98 51.65 -1.20
CA ILE A 308 -4.91 50.86 0.04
C ILE A 308 -5.23 51.75 1.24
N GLY A 309 -6.31 51.41 1.94
CA GLY A 309 -6.72 52.14 3.13
C GLY A 309 -7.90 51.49 3.84
N GLY A 310 -8.15 51.92 5.06
CA GLY A 310 -9.30 51.45 5.83
C GLY A 310 -9.02 50.17 6.58
N ASP A 311 -9.93 49.22 6.49
CA ASP A 311 -9.81 47.93 7.17
C ASP A 311 -8.51 47.20 6.86
N ILE A 312 -8.07 47.27 5.61
CA ILE A 312 -6.89 46.53 5.17
C ILE A 312 -5.66 46.84 5.99
N ILE A 313 -5.36 48.12 6.17
CA ILE A 313 -4.09 48.55 6.80
C ILE A 313 -3.62 47.65 7.96
N PRO A 314 -4.45 47.48 9.02
CA PRO A 314 -4.11 46.53 10.09
C PRO A 314 -3.62 45.15 9.60
N ARG A 315 -4.27 44.62 8.56
CA ARG A 315 -4.02 43.27 8.08
C ARG A 315 -2.86 43.18 7.08
N LEU A 316 -2.20 44.30 6.79
CA LEU A 316 -1.04 44.29 5.92
C LEU A 316 0.08 45.20 6.38
N ILE A 317 -0.09 45.78 7.57
CA ILE A 317 0.82 46.82 8.08
C ILE A 317 2.30 46.51 7.79
N ASP A 318 2.76 45.34 8.20
CA ASP A 318 4.14 44.89 8.00
C ASP A 318 4.60 44.84 6.54
N GLU A 319 3.68 44.82 5.59
CA GLU A 319 4.04 44.70 4.17
C GLU A 319 4.14 46.03 3.44
N ILE A 320 3.82 47.12 4.11
CA ILE A 320 3.84 48.41 3.45
C ILE A 320 5.17 48.67 2.69
N PRO A 321 6.32 48.43 3.32
CA PRO A 321 7.57 48.62 2.58
C PRO A 321 7.68 47.86 1.24
N ILE A 322 7.37 46.57 1.26
CA ILE A 322 7.44 45.77 0.04
C ILE A 322 6.31 46.15 -0.96
N ILE A 323 5.10 46.38 -0.44
CA ILE A 323 3.99 46.91 -1.24
C ILE A 323 4.41 48.20 -1.94
N ALA A 324 5.19 49.02 -1.25
CA ALA A 324 5.71 50.25 -1.83
C ALA A 324 6.45 49.96 -3.13
N VAL A 325 7.26 48.90 -3.10
CA VAL A 325 8.07 48.49 -4.25
C VAL A 325 7.13 47.92 -5.31
N LEU A 326 6.25 47.02 -4.88
CA LEU A 326 5.24 46.46 -5.79
C LEU A 326 4.56 47.56 -6.58
N ALA A 327 4.22 48.62 -5.87
CA ALA A 327 3.55 49.77 -6.44
C ALA A 327 4.34 50.40 -7.60
N THR A 328 5.66 50.48 -7.46
CA THR A 328 6.50 51.19 -8.46
C THR A 328 6.36 50.60 -9.86
N GLN A 329 5.90 49.36 -9.92
CA GLN A 329 5.77 48.66 -11.19
C GLN A 329 4.33 48.68 -11.70
N ALA A 330 3.38 49.12 -10.87
CA ALA A 330 1.97 49.19 -11.26
C ALA A 330 1.68 50.43 -12.09
N SER A 331 0.69 50.33 -12.97
CA SER A 331 0.37 51.45 -13.85
C SER A 331 -0.46 52.46 -13.07
N GLY A 332 -0.03 53.71 -13.09
CA GLY A 332 -0.77 54.80 -12.47
C GLY A 332 -0.50 54.92 -10.98
N ARG A 333 -1.36 55.68 -10.31
CA ARG A 333 -1.18 55.99 -8.91
C ARG A 333 -1.69 54.88 -8.00
N THR A 334 -0.93 54.62 -6.95
CA THR A 334 -1.37 53.74 -5.88
C THR A 334 -1.10 54.35 -4.50
N VAL A 335 -2.19 54.67 -3.79
CA VAL A 335 -2.15 55.39 -2.52
C VAL A 335 -2.21 54.42 -1.35
N ILE A 336 -1.40 54.67 -0.34
CA ILE A 336 -1.50 53.98 0.94
C ILE A 336 -1.85 55.05 1.98
N LYS A 337 -2.93 54.84 2.74
CA LYS A 337 -3.38 55.83 3.74
C LYS A 337 -3.98 55.21 5.01
N ASP A 338 -3.69 55.83 6.16
CA ASP A 338 -3.90 55.28 7.53
C ASP A 338 -2.80 54.28 7.91
N VAL A 344 4.87 57.42 14.76
CA VAL A 344 6.23 57.46 15.32
C VAL A 344 7.19 56.48 14.62
N LYS A 345 7.01 55.18 14.83
CA LYS A 345 7.84 54.15 14.18
C LYS A 345 7.30 53.81 12.80
N GLU A 346 5.98 53.85 12.65
CA GLU A 346 5.30 53.66 11.38
C GLU A 346 5.66 54.79 10.41
N THR A 347 5.75 56.01 10.93
CA THR A 347 6.08 57.19 10.11
C THR A 347 7.57 57.24 9.72
N ASN A 348 8.43 56.69 10.60
CA ASN A 348 9.85 56.56 10.34
C ASN A 348 10.12 55.50 9.28
N ARG A 349 9.34 54.42 9.35
CA ARG A 349 9.30 53.36 8.34
C ARG A 349 8.99 53.97 6.97
N ILE A 350 7.81 54.58 6.87
CA ILE A 350 7.29 55.21 5.64
C ILE A 350 8.31 56.14 4.99
N ASP A 351 8.89 57.03 5.79
CA ASP A 351 9.83 58.02 5.29
C ASP A 351 11.05 57.41 4.61
N THR A 352 11.74 56.50 5.30
CA THR A 352 12.94 55.89 4.74
C THR A 352 12.62 54.98 3.56
N VAL A 353 11.46 54.32 3.60
CA VAL A 353 10.98 53.55 2.45
C VAL A 353 10.85 54.49 1.26
N VAL A 354 10.19 55.61 1.48
CA VAL A 354 10.07 56.65 0.44
C VAL A 354 11.45 57.11 0.02
N SER A 355 12.30 57.47 0.99
CA SER A 355 13.67 57.98 0.76
C SER A 355 14.48 57.11 -0.19
N GLU A 356 14.54 55.82 0.13
CA GLU A 356 15.37 54.86 -0.59
C GLU A 356 14.87 54.69 -2.03
N LEU A 357 13.61 54.30 -2.17
CA LEU A 357 13.00 54.08 -3.47
C LEU A 357 13.19 55.28 -4.38
N THR A 358 13.23 56.46 -3.77
CA THR A 358 13.40 57.70 -4.51
C THR A 358 14.75 57.76 -5.22
N LYS A 359 15.82 57.39 -4.51
CA LYS A 359 17.16 57.40 -5.12
C LYS A 359 17.39 56.22 -6.07
N LEU A 360 16.55 55.18 -5.92
CA LEU A 360 16.48 54.10 -6.90
C LEU A 360 15.77 54.55 -8.17
N GLY A 361 15.21 55.77 -8.13
CA GLY A 361 14.56 56.37 -9.29
C GLY A 361 13.06 56.20 -9.40
N ALA A 362 12.42 55.79 -8.31
CA ALA A 362 10.97 55.68 -8.25
C ALA A 362 10.37 57.06 -8.00
N SER A 363 9.07 57.20 -8.29
CA SER A 363 8.30 58.38 -7.85
C SER A 363 7.39 57.92 -6.72
N ILE A 364 7.84 58.18 -5.50
CA ILE A 364 7.10 57.90 -4.30
C ILE A 364 7.23 59.16 -3.46
N HIS A 365 6.22 59.45 -2.64
CA HIS A 365 6.17 60.66 -1.86
C HIS A 365 5.41 60.39 -0.57
N ALA A 366 5.88 60.97 0.52
CA ALA A 366 5.30 60.72 1.83
C ALA A 366 4.09 61.62 2.11
N THR A 367 3.13 61.06 2.86
CA THR A 367 1.98 61.82 3.34
C THR A 367 1.76 61.56 4.82
N ASP A 368 1.04 62.49 5.47
CA ASP A 368 0.63 62.39 6.87
C ASP A 368 0.29 60.99 7.38
N ASP A 369 -0.53 60.26 6.63
CA ASP A 369 -0.96 58.93 7.06
C ASP A 369 -0.54 57.81 6.09
N GLY A 370 0.50 58.07 5.30
CA GLY A 370 1.06 57.04 4.43
C GLY A 370 1.91 57.59 3.30
N MET A 371 1.67 57.08 2.09
CA MET A 371 2.43 57.52 0.92
C MET A 371 1.65 57.37 -0.38
N ILE A 372 2.16 58.03 -1.42
CA ILE A 372 1.59 57.95 -2.75
C ILE A 372 2.67 57.51 -3.75
N ILE A 373 2.39 56.44 -4.50
CA ILE A 373 3.30 55.97 -5.53
C ILE A 373 2.67 56.17 -6.91
N GLU A 374 3.48 56.53 -7.90
CA GLU A 374 2.98 56.81 -9.25
C GLU A 374 3.59 55.96 -10.37
N GLY A 375 2.72 55.49 -11.27
CA GLY A 375 3.07 54.93 -12.59
C GLY A 375 3.99 53.73 -12.58
N PRO A 376 4.30 53.18 -13.76
CA PRO A 376 5.38 52.20 -13.84
C PRO A 376 6.70 52.92 -14.08
N THR A 377 7.64 52.69 -13.15
CA THR A 377 8.94 53.36 -13.18
C THR A 377 10.07 52.34 -13.22
N PRO A 378 10.94 52.45 -14.24
CA PRO A 378 12.13 51.63 -14.24
C PRO A 378 13.05 52.08 -13.11
N LEU A 379 13.48 51.13 -12.27
CA LEU A 379 14.39 51.44 -11.17
C LEU A 379 15.84 51.37 -11.64
N LYS A 380 16.69 52.20 -11.04
CA LYS A 380 18.09 52.24 -11.47
C LYS A 380 19.09 52.06 -10.32
N GLY A 381 20.17 51.34 -10.60
CA GLY A 381 21.19 51.09 -9.62
C GLY A 381 22.28 52.14 -9.69
N GLY A 382 23.49 51.74 -9.32
CA GLY A 382 24.61 52.67 -9.18
C GLY A 382 24.55 53.45 -7.89
N VAL A 383 23.60 53.12 -7.02
CA VAL A 383 23.42 53.82 -5.74
C VAL A 383 23.52 52.86 -4.56
N THR A 384 23.93 53.40 -3.42
CA THR A 384 24.00 52.66 -2.18
C THR A 384 22.74 52.99 -1.40
N VAL A 385 22.01 51.96 -0.98
CA VAL A 385 20.75 52.14 -0.26
C VAL A 385 20.89 51.52 1.13
N SER A 386 20.31 52.18 2.12
CA SER A 386 20.47 51.78 3.51
C SER A 386 19.17 51.28 4.11
N SER A 387 19.27 50.40 5.10
CA SER A 387 18.08 49.84 5.72
C SER A 387 17.83 50.41 7.11
N HIS A 388 18.76 51.22 7.60
CA HIS A 388 18.69 51.79 8.94
C HIS A 388 18.32 50.71 9.98
N GLY A 389 18.98 49.56 9.89
CA GLY A 389 18.75 48.46 10.82
C GLY A 389 17.31 48.01 10.93
N ASP A 390 16.60 48.04 9.80
CA ASP A 390 15.25 47.49 9.73
C ASP A 390 15.21 46.34 8.72
N HIS A 391 14.97 45.12 9.19
CA HIS A 391 15.01 43.96 8.30
C HIS A 391 13.96 44.06 7.19
N ARG A 392 12.76 44.52 7.55
CA ARG A 392 11.69 44.77 6.59
C ARG A 392 12.07 45.76 5.49
N ILE A 393 12.78 46.83 5.83
CA ILE A 393 13.23 47.80 4.84
C ILE A 393 14.39 47.22 4.06
N GLY A 394 15.12 46.33 4.73
CA GLY A 394 16.33 45.76 4.17
C GLY A 394 15.95 44.86 3.03
N MET A 395 15.10 43.89 3.35
CA MET A 395 14.62 42.92 2.39
C MET A 395 13.86 43.59 1.24
N ALA A 396 12.96 44.50 1.59
CA ALA A 396 12.17 45.22 0.58
C ALA A 396 13.10 45.95 -0.39
N MET A 397 14.13 46.62 0.12
CA MET A 397 15.15 47.19 -0.74
C MET A 397 15.86 46.11 -1.54
N ALA A 398 16.25 45.01 -0.88
CA ALA A 398 16.89 43.89 -1.58
C ALA A 398 16.08 43.53 -2.82
N ILE A 399 14.81 43.17 -2.65
CA ILE A 399 13.94 42.88 -3.80
C ILE A 399 13.93 43.99 -4.89
N ALA A 400 13.85 45.26 -4.48
CA ALA A 400 13.84 46.36 -5.42
C ALA A 400 15.13 46.42 -6.26
N ALA A 401 16.25 46.06 -5.64
CA ALA A 401 17.53 45.98 -6.34
C ALA A 401 17.51 44.94 -7.45
N LEU A 402 16.66 43.92 -7.32
CA LEU A 402 16.51 42.91 -8.36
C LEU A 402 15.96 43.47 -9.66
N LEU A 403 15.46 44.71 -9.62
CA LEU A 403 14.85 45.34 -10.79
C LEU A 403 15.77 46.37 -11.46
N ALA A 404 16.76 46.85 -10.70
CA ALA A 404 17.56 48.00 -11.14
C ALA A 404 18.69 47.66 -12.10
N GLU A 405 18.73 48.35 -13.24
CA GLU A 405 19.88 48.30 -14.12
C GLU A 405 21.01 49.09 -13.45
N LYS A 406 22.23 48.54 -13.48
CA LYS A 406 23.36 48.99 -12.64
C LYS A 406 23.21 48.37 -11.24
N PRO A 407 24.33 48.06 -10.56
CA PRO A 407 24.19 47.35 -9.28
C PRO A 407 23.75 48.26 -8.13
N VAL A 408 23.15 47.67 -7.10
CA VAL A 408 22.66 48.39 -5.94
C VAL A 408 23.29 47.80 -4.70
N THR A 409 23.95 48.64 -3.91
CA THR A 409 24.52 48.21 -2.65
C THR A 409 23.49 48.41 -1.56
N VAL A 410 23.27 47.39 -0.74
CA VAL A 410 22.26 47.48 0.32
C VAL A 410 22.91 47.35 1.69
N GLU A 411 23.27 48.48 2.31
CA GLU A 411 23.89 48.41 3.63
C GLU A 411 22.89 48.14 4.76
N GLY A 412 23.36 47.49 5.81
CA GLY A 412 22.52 47.05 6.91
C GLY A 412 21.90 45.69 6.66
N THR A 413 22.71 44.77 6.14
CA THR A 413 22.25 43.43 5.78
C THR A 413 22.17 42.45 6.96
N GLU A 414 22.87 42.75 8.04
CA GLU A 414 22.90 41.84 9.18
C GLU A 414 21.57 41.78 9.94
N ALA A 415 20.72 42.76 9.71
CA ALA A 415 19.37 42.76 10.28
C ALA A 415 18.52 41.65 9.66
N ILE A 416 18.63 41.53 8.33
CA ILE A 416 17.99 40.47 7.53
C ILE A 416 18.46 39.09 8.00
N ALA A 417 19.79 38.92 7.99
CA ALA A 417 20.42 37.66 8.39
C ALA A 417 20.01 37.18 9.78
N VAL A 418 19.47 38.07 10.60
CA VAL A 418 18.96 37.71 11.92
C VAL A 418 17.51 37.27 11.84
N SER A 419 16.67 38.00 11.12
CA SER A 419 15.28 37.63 10.97
C SER A 419 15.12 36.40 10.08
N TYR A 420 15.71 36.47 8.89
CA TYR A 420 15.59 35.44 7.85
C TYR A 420 17.01 35.07 7.40
N PRO A 421 17.61 34.05 8.05
CA PRO A 421 18.99 33.68 7.76
C PRO A 421 19.17 33.18 6.32
N SER A 422 18.27 32.31 5.86
CA SER A 422 18.40 31.77 4.50
C SER A 422 17.72 32.62 3.39
N PHE A 423 17.50 33.91 3.67
CA PHE A 423 16.81 34.80 2.73
C PHE A 423 17.57 34.96 1.40
N PHE A 424 18.85 35.28 1.47
CA PHE A 424 19.65 35.50 0.26
C PHE A 424 20.02 34.16 -0.37
N ASP A 425 20.08 33.13 0.44
CA ASP A 425 20.27 31.79 -0.09
C ASP A 425 19.07 31.41 -0.95
N HIS A 426 17.88 31.69 -0.44
CA HIS A 426 16.63 31.45 -1.18
C HIS A 426 16.57 32.29 -2.45
N LEU A 427 16.85 33.59 -2.38
CA LEU A 427 16.96 34.43 -3.58
C LEU A 427 17.91 33.81 -4.60
N ASP A 428 19.12 33.50 -4.16
CA ASP A 428 20.16 32.96 -5.02
C ASP A 428 19.69 31.69 -5.75
N ARG A 429 19.02 30.83 -5.00
CA ARG A 429 18.46 29.58 -5.49
C ARG A 429 17.49 29.79 -6.66
N LEU A 430 16.60 30.78 -6.53
CA LEU A 430 15.66 31.15 -7.59
C LEU A 430 16.35 31.79 -8.79
N LYS A 431 17.37 32.62 -8.52
CA LYS A 431 18.19 33.22 -9.57
C LYS A 431 18.90 32.17 -10.43
N SER A 432 19.36 31.09 -9.80
CA SER A 432 20.14 30.06 -10.48
C SER A 432 19.28 29.10 -11.28
N GLU A 433 18.15 28.71 -10.69
CA GLU A 433 17.17 27.84 -11.33
C GLU A 433 16.62 28.47 -12.60
N ALA A 434 16.56 29.81 -12.61
CA ALA A 434 16.09 30.55 -13.77
C ALA A 434 17.12 30.58 -14.88
N GLU A 435 18.40 30.60 -14.51
CA GLU A 435 19.48 30.53 -15.47
C GLU A 435 19.64 29.11 -16.05
N ASN A 436 19.30 28.11 -15.25
CA ASN A 436 19.40 26.70 -15.67
C ASN A 436 18.24 26.23 -16.53
N LEU A 437 17.07 26.86 -16.32
CA LEU A 437 15.87 26.59 -17.12
C LEU A 437 15.92 27.41 -18.42
N TYR A 438 16.76 28.44 -18.42
CA TYR A 438 17.01 29.24 -19.62
C TYR A 438 17.90 28.48 -20.62
N PHE A 439 17.84 27.14 -20.57
CA PHE A 439 18.43 26.30 -21.61
C PHE A 439 17.47 26.24 -22.81
N GLN A 440 16.60 27.25 -22.88
CA GLN A 440 15.62 27.46 -23.96
C GLN A 440 14.87 26.18 -24.33
N ASN B 5 20.48 11.95 20.64
CA ASN B 5 20.15 10.76 21.48
C ASN B 5 19.10 9.81 20.86
N LYS B 6 17.90 10.31 20.54
CA LYS B 6 16.88 9.47 19.88
C LYS B 6 15.75 10.22 19.13
N THR B 7 15.03 9.48 18.29
CA THR B 7 13.79 9.90 17.62
C THR B 7 12.94 8.66 17.37
N VAL B 8 11.64 8.75 17.64
CA VAL B 8 10.70 7.67 17.29
C VAL B 8 10.05 7.96 15.92
N ILE B 9 10.18 7.00 15.00
CA ILE B 9 9.80 7.21 13.60
C ILE B 9 8.71 6.23 13.14
N PRO B 10 7.55 6.76 12.71
CA PRO B 10 6.47 5.92 12.21
C PRO B 10 6.61 5.71 10.69
N HIS B 11 5.85 4.77 10.13
CA HIS B 11 5.89 4.55 8.69
C HIS B 11 5.30 5.74 7.92
N ALA B 12 5.63 5.84 6.64
CA ALA B 12 5.17 6.96 5.83
C ALA B 12 4.03 6.55 4.91
N LYS B 13 2.95 7.32 4.98
CA LYS B 13 1.83 7.17 4.05
C LYS B 13 2.19 7.57 2.62
N GLY B 14 3.11 8.53 2.49
CA GLY B 14 3.65 8.96 1.20
C GLY B 14 4.73 9.99 1.42
N LEU B 15 5.54 10.24 0.40
CA LEU B 15 6.52 11.33 0.40
C LEU B 15 6.41 12.12 -0.91
N LYS B 16 5.96 13.37 -0.83
CA LYS B 16 5.86 14.22 -2.01
C LYS B 16 6.52 15.56 -1.82
N GLY B 17 7.22 16.02 -2.84
CA GLY B 17 7.77 17.39 -2.84
C GLY B 17 9.15 17.58 -3.44
N THR B 18 9.61 18.83 -3.43
CA THR B 18 10.96 19.20 -3.87
C THR B 18 11.86 19.39 -2.65
N ILE B 19 13.12 18.99 -2.77
CA ILE B 19 14.12 19.28 -1.72
C ILE B 19 15.41 19.83 -2.34
N LYS B 20 15.97 20.86 -1.72
CA LYS B 20 17.35 21.24 -1.98
C LYS B 20 18.19 20.60 -0.89
N VAL B 21 19.00 19.62 -1.24
CA VAL B 21 19.90 19.02 -0.26
C VAL B 21 21.14 19.92 -0.07
N PRO B 22 21.84 19.76 1.07
CA PRO B 22 22.98 20.61 1.36
C PRO B 22 24.14 20.48 0.36
N GLY B 23 24.90 21.57 0.25
CA GLY B 23 26.08 21.59 -0.60
C GLY B 23 26.96 20.37 -0.43
N ASP B 24 27.71 20.03 -1.48
CA ASP B 24 28.62 18.92 -1.38
C ASP B 24 29.73 19.35 -0.43
N LYS B 25 30.04 18.50 0.54
CA LYS B 25 31.10 18.87 1.47
C LYS B 25 32.44 19.09 0.78
N SER B 26 32.76 18.27 -0.22
CA SER B 26 34.07 18.25 -0.87
C SER B 26 34.27 19.45 -1.77
N ILE B 27 33.26 19.75 -2.57
CA ILE B 27 33.34 20.90 -3.43
C ILE B 27 33.41 22.16 -2.57
N SER B 28 32.66 22.17 -1.47
CA SER B 28 32.58 23.34 -0.58
C SER B 28 33.92 23.66 0.05
N HIS B 29 34.64 22.62 0.47
CA HIS B 29 35.98 22.81 0.98
C HIS B 29 36.83 23.52 -0.05
N ARG B 30 36.84 22.93 -1.24
CA ARG B 30 37.76 23.29 -2.28
C ARG B 30 37.53 24.67 -2.83
N ALA B 31 36.27 25.11 -2.91
CA ALA B 31 36.00 26.45 -3.45
C ALA B 31 36.54 27.54 -2.55
N VAL B 32 36.71 27.26 -1.26
CA VAL B 32 37.31 28.23 -0.36
C VAL B 32 38.82 28.20 -0.57
N MET B 33 39.38 27.00 -0.62
CA MET B 33 40.80 26.83 -0.79
C MET B 33 41.32 27.43 -2.11
N PHE B 34 40.58 27.21 -3.18
CA PHE B 34 41.02 27.63 -4.49
C PHE B 34 40.76 29.12 -4.63
N GLY B 35 39.64 29.56 -4.06
CA GLY B 35 39.34 30.99 -3.99
C GLY B 35 40.51 31.75 -3.41
N ALA B 36 41.00 31.27 -2.25
CA ALA B 36 42.11 31.88 -1.52
C ALA B 36 43.40 31.91 -2.33
N LEU B 37 43.59 30.91 -3.19
CA LEU B 37 44.83 30.83 -3.95
C LEU B 37 44.80 31.68 -5.22
N ALA B 38 43.62 32.16 -5.59
CA ALA B 38 43.38 32.74 -6.91
C ALA B 38 43.48 34.27 -6.95
N LYS B 39 43.81 34.81 -8.11
CA LYS B 39 43.65 36.24 -8.36
C LYS B 39 42.17 36.59 -8.57
N GLY B 40 41.70 37.59 -7.83
CA GLY B 40 40.36 38.13 -8.01
C GLY B 40 39.39 37.52 -7.06
N THR B 41 38.25 38.17 -6.89
CA THR B 41 37.24 37.67 -5.97
C THR B 41 36.62 36.38 -6.50
N THR B 42 36.47 35.41 -5.59
CA THR B 42 35.69 34.20 -5.81
C THR B 42 34.44 34.32 -4.94
N THR B 43 33.29 33.94 -5.51
CA THR B 43 32.03 33.92 -4.76
C THR B 43 31.40 32.54 -4.78
N VAL B 44 30.84 32.12 -3.66
CA VAL B 44 30.38 30.74 -3.48
C VAL B 44 28.93 30.67 -3.03
N GLU B 45 28.06 30.06 -3.85
CA GLU B 45 26.67 29.85 -3.47
C GLU B 45 26.43 28.38 -3.19
N GLY B 46 25.54 28.09 -2.25
CA GLY B 46 25.21 26.71 -1.93
C GLY B 46 26.28 26.07 -1.06
N PHE B 47 27.23 26.88 -0.61
CA PHE B 47 28.25 26.44 0.36
C PHE B 47 27.65 25.73 1.58
N LEU B 48 28.26 24.59 1.95
CA LEU B 48 27.87 23.81 3.13
C LEU B 48 28.52 24.32 4.43
N PRO B 49 27.75 24.98 5.30
CA PRO B 49 28.34 25.64 6.46
C PRO B 49 28.58 24.79 7.70
N GLY B 50 28.96 23.52 7.51
CA GLY B 50 29.27 22.64 8.63
C GLY B 50 30.59 22.97 9.30
N ALA B 51 30.84 22.33 10.44
CA ALA B 51 32.02 22.64 11.25
C ALA B 51 33.32 22.58 10.44
N ASP B 52 33.39 21.59 9.56
CA ASP B 52 34.59 21.37 8.76
C ASP B 52 34.88 22.49 7.78
N CYS B 53 33.94 22.77 6.87
CA CYS B 53 34.14 23.87 5.91
C CYS B 53 34.46 25.17 6.62
N LEU B 54 33.83 25.42 7.76
CA LEU B 54 34.12 26.63 8.53
C LEU B 54 35.56 26.64 9.09
N SER B 55 36.08 25.45 9.43
CA SER B 55 37.48 25.30 9.83
C SER B 55 38.41 25.69 8.71
N THR B 56 38.03 25.32 7.48
CA THR B 56 38.76 25.69 6.29
C THR B 56 38.83 27.20 6.15
N ILE B 57 37.69 27.86 6.37
CA ILE B 57 37.63 29.32 6.32
C ILE B 57 38.47 29.94 7.43
N SER B 58 38.39 29.32 8.61
CA SER B 58 39.11 29.78 9.77
C SER B 58 40.58 29.85 9.43
N CYS B 59 41.08 28.78 8.81
CA CYS B 59 42.50 28.61 8.53
C CYS B 59 43.04 29.62 7.55
N PHE B 60 42.33 29.85 6.45
CA PHE B 60 42.83 30.73 5.41
C PHE B 60 42.77 32.20 5.79
N GLN B 61 41.88 32.52 6.72
CA GLN B 61 41.85 33.82 7.35
C GLN B 61 43.13 34.03 8.16
N LYS B 62 43.61 32.96 8.76
CA LYS B 62 44.82 33.04 9.59
C LYS B 62 46.05 33.19 8.70
N LEU B 63 45.93 32.74 7.46
CA LEU B 63 46.95 32.99 6.45
C LEU B 63 46.85 34.40 5.83
N GLY B 64 45.76 35.10 6.13
CA GLY B 64 45.62 36.50 5.74
C GLY B 64 44.66 36.79 4.60
N VAL B 65 43.86 35.79 4.21
CA VAL B 65 42.89 35.97 3.13
C VAL B 65 41.59 36.53 3.70
N SER B 66 41.10 37.60 3.09
CA SER B 66 39.86 38.22 3.52
C SER B 66 38.69 37.37 3.05
N ILE B 67 38.01 36.73 4.00
CA ILE B 67 36.88 35.84 3.68
C ILE B 67 35.65 36.17 4.52
N GLU B 68 34.56 36.52 3.83
CA GLU B 68 33.31 36.93 4.45
C GLU B 68 32.27 35.85 4.14
N GLN B 69 31.76 35.20 5.18
CA GLN B 69 30.86 34.06 5.02
C GLN B 69 29.57 34.27 5.82
N ALA B 70 28.44 34.02 5.19
CA ALA B 70 27.12 34.15 5.82
C ALA B 70 26.24 33.03 5.30
N GLU B 71 25.72 32.24 6.22
CA GLU B 71 24.93 31.06 5.88
C GLU B 71 25.55 30.18 4.79
N GLU B 72 25.03 30.26 3.56
CA GLU B 72 25.54 29.41 2.48
C GLU B 72 26.31 30.17 1.40
N ARG B 73 26.57 31.46 1.62
CA ARG B 73 27.28 32.30 0.64
C ARG B 73 28.68 32.74 1.13
N VAL B 74 29.74 32.38 0.41
CA VAL B 74 31.06 32.92 0.77
C VAL B 74 31.58 33.99 -0.26
N THR B 75 32.28 35.00 0.26
CA THR B 75 33.13 35.86 -0.58
C THR B 75 34.58 35.66 -0.17
N VAL B 76 35.46 35.44 -1.15
CA VAL B 76 36.89 35.29 -0.91
C VAL B 76 37.64 36.33 -1.72
N LYS B 77 38.18 37.35 -1.06
CA LYS B 77 39.03 38.33 -1.72
C LYS B 77 40.39 37.67 -1.98
N GLY B 78 40.41 36.76 -2.95
CA GLY B 78 41.64 36.11 -3.37
C GLY B 78 42.52 37.12 -4.06
N LYS B 79 43.81 37.04 -3.74
CA LYS B 79 44.81 37.99 -4.25
C LYS B 79 46.09 37.27 -4.69
N GLY B 80 45.97 35.96 -4.94
CA GLY B 80 47.09 35.10 -5.34
C GLY B 80 47.98 34.63 -4.19
N TRP B 81 49.04 33.90 -4.53
CA TRP B 81 50.01 33.43 -3.53
C TRP B 81 50.72 34.57 -2.81
N ASP B 82 51.11 35.58 -3.59
CA ASP B 82 51.68 36.84 -3.10
C ASP B 82 50.89 37.38 -1.90
N GLY B 83 49.61 36.99 -1.81
CA GLY B 83 48.68 37.53 -0.83
C GLY B 83 48.51 36.78 0.47
N LEU B 84 49.01 35.55 0.56
CA LEU B 84 48.99 34.80 1.82
C LEU B 84 50.21 35.18 2.67
N ARG B 85 49.96 35.64 3.89
CA ARG B 85 51.02 36.03 4.81
C ARG B 85 51.33 34.96 5.88
N GLU B 86 52.55 34.97 6.40
CA GLU B 86 53.00 34.02 7.43
C GLU B 86 52.13 34.16 8.67
N PRO B 87 51.53 33.04 9.13
CA PRO B 87 50.63 33.08 10.27
C PRO B 87 51.36 33.36 11.58
N SER B 88 50.74 34.17 12.42
CA SER B 88 51.21 34.41 13.76
C SER B 88 50.40 33.52 14.70
N ASP B 89 49.30 33.00 14.20
CA ASP B 89 48.48 32.06 14.94
C ASP B 89 48.68 30.62 14.48
N ILE B 90 48.27 29.69 15.33
CA ILE B 90 48.23 28.29 14.97
C ILE B 90 47.03 28.11 14.04
N LEU B 91 47.21 27.37 12.95
CA LEU B 91 46.08 27.02 12.11
C LEU B 91 45.33 25.82 12.76
N ASP B 92 44.07 26.07 13.15
CA ASP B 92 43.22 25.08 13.78
C ASP B 92 42.23 24.49 12.78
N VAL B 93 42.22 23.17 12.73
CA VAL B 93 41.48 22.39 11.75
C VAL B 93 40.26 21.72 12.38
N GLY B 94 40.13 21.85 13.70
CA GLY B 94 39.10 21.13 14.41
C GLY B 94 39.08 19.65 14.05
N ASN B 95 37.98 19.22 13.43
CA ASN B 95 37.74 17.81 13.16
C ASN B 95 37.94 17.42 11.69
N SER B 96 38.54 18.31 10.91
CA SER B 96 38.46 18.23 9.45
C SER B 96 39.61 17.50 8.75
N GLY B 97 39.38 16.24 8.42
CA GLY B 97 40.34 15.45 7.67
C GLY B 97 40.72 16.11 6.36
N THR B 98 39.73 16.55 5.57
CA THR B 98 40.01 17.24 4.30
C THR B 98 40.97 18.39 4.55
N THR B 99 40.56 19.37 5.34
CA THR B 99 41.33 20.59 5.57
C THR B 99 42.79 20.28 5.89
N THR B 100 43.01 19.32 6.79
CA THR B 100 44.34 19.00 7.23
C THR B 100 45.16 18.54 6.03
N ARG B 101 44.69 17.49 5.37
CA ARG B 101 45.46 16.89 4.29
C ARG B 101 45.75 17.90 3.20
N LEU B 102 44.71 18.60 2.74
CA LEU B 102 44.88 19.52 1.63
C LEU B 102 45.75 20.70 2.02
N ILE B 103 45.51 21.29 3.18
CA ILE B 103 46.23 22.48 3.53
C ILE B 103 47.73 22.17 3.62
N LEU B 104 48.04 20.91 3.93
CA LEU B 104 49.43 20.50 3.98
C LEU B 104 50.09 20.72 2.63
N GLY B 105 49.40 20.31 1.56
CA GLY B 105 49.88 20.52 0.21
C GLY B 105 50.11 21.99 -0.02
N ILE B 106 49.09 22.80 0.28
CA ILE B 106 49.18 24.23 0.00
C ILE B 106 50.35 24.88 0.74
N LEU B 107 50.49 24.53 2.02
CA LEU B 107 51.50 25.13 2.89
C LEU B 107 52.93 24.76 2.48
N SER B 108 53.08 23.60 1.84
CA SER B 108 54.37 23.17 1.30
C SER B 108 54.81 24.08 0.15
N THR B 109 53.87 24.87 -0.36
CA THR B 109 54.13 25.81 -1.44
C THR B 109 54.69 27.12 -0.89
N LEU B 110 54.19 27.51 0.27
CA LEU B 110 54.44 28.83 0.84
C LEU B 110 55.76 28.94 1.58
N PRO B 111 56.59 29.93 1.20
CA PRO B 111 57.93 30.07 1.72
C PRO B 111 57.96 30.69 3.13
N PHE B 112 57.24 30.07 4.06
CA PHE B 112 57.30 30.48 5.47
C PHE B 112 56.87 29.38 6.42
N HIS B 113 56.79 29.71 7.70
CA HIS B 113 56.53 28.72 8.73
C HIS B 113 55.05 28.74 9.14
N SER B 114 54.51 27.56 9.38
CA SER B 114 53.11 27.37 9.75
C SER B 114 52.91 26.13 10.63
N VAL B 115 51.93 26.21 11.52
CA VAL B 115 51.66 25.08 12.42
C VAL B 115 50.21 24.66 12.33
N ILE B 116 50.00 23.35 12.23
CA ILE B 116 48.66 22.78 12.16
C ILE B 116 48.39 21.97 13.41
N ILE B 117 47.22 22.19 14.01
CA ILE B 117 46.73 21.29 15.04
C ILE B 117 45.21 21.17 14.95
N GLY B 118 44.68 20.10 15.51
CA GLY B 118 43.24 19.90 15.51
C GLY B 118 42.76 19.51 16.87
N ASP B 119 41.56 18.95 16.91
CA ASP B 119 41.05 18.34 18.11
C ASP B 119 41.71 16.98 18.36
N GLU B 120 41.27 16.31 19.43
CA GLU B 120 41.66 14.93 19.79
C GLU B 120 41.54 13.95 18.62
N SER B 121 40.46 14.07 17.85
CA SER B 121 40.16 13.13 16.77
C SER B 121 41.16 13.20 15.63
N ILE B 122 41.49 14.40 15.18
CA ILE B 122 42.55 14.57 14.19
C ILE B 122 43.90 14.15 14.78
N GLY B 123 44.07 14.38 16.07
CA GLY B 123 45.33 14.06 16.73
C GLY B 123 45.63 12.58 16.78
N LYS B 124 44.71 11.76 16.27
CA LYS B 124 44.87 10.30 16.26
C LYS B 124 45.00 9.78 14.85
N ARG B 125 44.55 10.55 13.89
CA ARG B 125 44.61 10.16 12.49
C ARG B 125 45.99 10.47 11.90
N PRO B 126 46.62 9.48 11.22
CA PRO B 126 47.99 9.59 10.72
C PRO B 126 48.09 10.41 9.44
N MET B 127 49.19 11.13 9.29
CA MET B 127 49.38 12.07 8.18
C MET B 127 50.54 11.69 7.28
N LYS B 128 51.25 10.61 7.64
CA LYS B 128 52.47 10.18 6.93
C LYS B 128 52.28 10.03 5.43
N ARG B 129 51.10 9.57 5.03
CA ARG B 129 50.78 9.32 3.63
C ARG B 129 50.78 10.57 2.76
N VAL B 130 50.61 11.74 3.39
CA VAL B 130 50.68 13.03 2.70
C VAL B 130 52.01 13.72 3.00
N THR B 131 52.45 13.67 4.25
CA THR B 131 53.68 14.35 4.67
C THR B 131 54.93 13.78 3.99
N GLU B 132 54.97 12.45 3.83
CA GLU B 132 56.12 11.77 3.23
C GLU B 132 56.37 12.17 1.76
N PRO B 133 55.32 12.14 0.93
CA PRO B 133 55.45 12.57 -0.46
C PRO B 133 55.84 14.04 -0.62
N LEU B 134 55.30 14.91 0.23
CA LEU B 134 55.61 16.35 0.17
C LEU B 134 57.04 16.63 0.65
N LYS B 135 57.49 15.87 1.66
CA LYS B 135 58.86 15.96 2.12
C LYS B 135 59.81 15.64 0.97
N SER B 136 59.50 14.59 0.20
CA SER B 136 60.30 14.20 -0.98
C SER B 136 60.19 15.21 -2.12
N MET B 137 59.21 16.08 -2.04
CA MET B 137 59.01 17.14 -3.03
C MET B 137 59.82 18.37 -2.66
N GLY B 138 60.26 18.41 -1.40
CA GLY B 138 61.17 19.45 -0.94
C GLY B 138 60.71 20.21 0.29
N ALA B 139 59.48 19.95 0.71
CA ALA B 139 58.90 20.66 1.87
C ALA B 139 59.51 20.16 3.17
N GLN B 140 59.83 21.09 4.06
CA GLN B 140 60.28 20.76 5.40
C GLN B 140 59.07 20.56 6.31
N ILE B 141 58.83 19.32 6.71
CA ILE B 141 57.71 19.00 7.58
C ILE B 141 58.18 18.17 8.75
N ASP B 142 57.88 18.64 9.96
CA ASP B 142 58.14 17.87 11.16
C ASP B 142 56.86 17.77 12.00
N GLY B 143 56.79 16.83 12.93
CA GLY B 143 55.66 16.78 13.85
C GLY B 143 55.73 15.62 14.82
N ARG B 144 54.70 15.48 15.66
CA ARG B 144 54.57 14.36 16.57
C ARG B 144 54.68 13.05 15.81
N ASP B 145 55.31 12.04 16.42
CA ASP B 145 55.51 10.73 15.80
C ASP B 145 56.19 10.86 14.44
N HIS B 146 57.31 11.58 14.44
CA HIS B 146 58.09 11.85 13.24
C HIS B 146 57.22 12.34 12.07
N GLY B 147 56.46 13.41 12.31
CA GLY B 147 55.67 14.07 11.27
C GLY B 147 54.41 13.33 10.86
N ASN B 148 54.11 12.25 11.56
CA ASN B 148 52.89 11.48 11.29
C ASN B 148 51.65 12.07 11.96
N LEU B 149 51.82 12.80 13.06
CA LEU B 149 50.66 13.33 13.80
C LEU B 149 50.78 14.79 14.21
N THR B 150 49.63 15.43 14.33
CA THR B 150 49.53 16.82 14.81
C THR B 150 50.13 16.98 16.22
N PRO B 151 50.69 18.16 16.55
CA PRO B 151 50.85 19.34 15.73
C PRO B 151 51.94 19.13 14.70
N LEU B 152 51.65 19.52 13.46
CA LEU B 152 52.63 19.47 12.38
C LEU B 152 53.18 20.84 12.10
N SER B 153 54.47 20.90 11.82
CA SER B 153 55.14 22.14 11.44
C SER B 153 55.69 22.03 10.02
N ILE B 154 55.55 23.11 9.27
CA ILE B 154 55.83 23.13 7.85
C ILE B 154 56.53 24.42 7.46
N ARG B 155 57.62 24.28 6.71
CA ARG B 155 58.19 25.39 5.93
C ARG B 155 58.19 24.99 4.46
N GLY B 156 57.40 25.70 3.67
CA GLY B 156 57.32 25.43 2.24
C GLY B 156 58.18 26.42 1.50
N GLY B 157 58.23 26.29 0.18
CA GLY B 157 58.95 27.25 -0.64
C GLY B 157 59.24 26.66 -2.00
N GLN B 158 60.52 26.52 -2.30
CA GLN B 158 60.98 26.00 -3.57
C GLN B 158 60.80 24.48 -3.64
N LEU B 159 59.72 24.06 -4.32
CA LEU B 159 59.42 22.64 -4.48
C LEU B 159 59.82 22.13 -5.86
N LYS B 160 60.13 20.84 -5.94
CA LYS B 160 60.54 20.21 -7.18
C LYS B 160 59.57 19.07 -7.46
N GLY B 161 58.95 19.11 -8.64
CA GLY B 161 57.96 18.12 -9.04
C GLY B 161 58.39 16.67 -8.89
N ILE B 162 57.48 15.83 -8.41
CA ILE B 162 57.70 14.39 -8.23
C ILE B 162 56.74 13.57 -9.11
N ASP B 163 57.18 12.39 -9.50
CA ASP B 163 56.30 11.42 -10.17
C ASP B 163 55.86 10.39 -9.13
N PHE B 164 54.72 10.66 -8.48
CA PHE B 164 54.29 9.85 -7.34
C PHE B 164 53.39 8.66 -7.72
N HIS B 165 53.78 7.49 -7.23
CA HIS B 165 52.96 6.28 -7.31
C HIS B 165 52.59 5.82 -5.91
N SER B 166 51.31 5.56 -5.67
CA SER B 166 50.86 5.15 -4.34
C SER B 166 50.18 3.80 -4.33
N PRO B 167 50.38 3.00 -3.26
CA PRO B 167 49.63 1.75 -3.06
C PRO B 167 48.26 1.99 -2.44
N VAL B 168 48.09 3.16 -1.82
CA VAL B 168 46.80 3.59 -1.25
C VAL B 168 46.02 4.36 -2.31
N ALA B 169 44.69 4.28 -2.25
CA ALA B 169 43.83 5.11 -3.09
C ALA B 169 43.15 6.18 -2.24
N SER B 170 43.66 7.41 -2.33
CA SER B 170 43.15 8.52 -1.52
C SER B 170 43.11 9.83 -2.30
N ALA B 171 41.93 10.48 -2.28
CA ALA B 171 41.72 11.75 -2.96
C ALA B 171 42.34 12.92 -2.20
N GLN B 172 42.32 12.85 -0.87
CA GLN B 172 43.01 13.85 -0.05
C GLN B 172 44.50 13.87 -0.39
N MET B 173 45.09 12.67 -0.43
CA MET B 173 46.49 12.49 -0.80
C MET B 173 46.77 13.00 -2.21
N LYS B 174 45.93 12.60 -3.16
CA LYS B 174 46.08 13.04 -4.53
C LYS B 174 46.00 14.56 -4.58
N SER B 175 45.10 15.13 -3.78
CA SER B 175 44.85 16.55 -3.81
C SER B 175 46.00 17.34 -3.22
N ALA B 176 46.56 16.82 -2.13
CA ALA B 176 47.70 17.44 -1.48
C ALA B 176 48.85 17.59 -2.47
N ILE B 177 49.24 16.48 -3.08
CA ILE B 177 50.34 16.48 -4.01
C ILE B 177 50.03 17.36 -5.23
N LEU B 178 48.82 17.24 -5.77
CA LEU B 178 48.45 18.09 -6.91
C LEU B 178 48.48 19.57 -6.53
N LEU B 179 48.05 19.89 -5.32
CA LEU B 179 48.10 21.27 -4.86
C LEU B 179 49.52 21.77 -4.65
N ALA B 180 50.42 20.90 -4.23
CA ALA B 180 51.82 21.25 -4.08
C ALA B 180 52.43 21.45 -5.45
N GLY B 181 51.93 20.69 -6.41
CA GLY B 181 52.40 20.77 -7.79
C GLY B 181 52.16 22.12 -8.43
N LEU B 182 51.16 22.83 -7.94
CA LEU B 182 50.71 24.07 -8.53
C LEU B 182 51.84 25.11 -8.62
N ARG B 183 52.74 25.07 -7.66
CA ARG B 183 53.83 26.02 -7.57
C ARG B 183 55.19 25.31 -7.58
N ALA B 184 55.16 23.99 -7.74
CA ALA B 184 56.39 23.18 -7.89
C ALA B 184 57.03 23.38 -9.25
N GLU B 185 58.31 23.01 -9.34
CA GLU B 185 59.09 23.15 -10.56
C GLU B 185 58.90 21.94 -11.46
N GLY B 186 58.31 22.16 -12.62
CA GLY B 186 58.15 21.11 -13.63
C GLY B 186 56.85 20.35 -13.55
N LYS B 187 56.94 19.03 -13.59
CA LYS B 187 55.74 18.18 -13.68
C LYS B 187 55.56 17.29 -12.46
N THR B 188 54.38 17.39 -11.85
CA THR B 188 53.99 16.52 -10.74
C THR B 188 52.88 15.60 -11.20
N SER B 189 53.05 14.30 -10.97
CA SER B 189 52.08 13.31 -11.44
C SER B 189 51.68 12.35 -10.35
N VAL B 190 50.37 12.19 -10.16
CA VAL B 190 49.88 11.21 -9.22
C VAL B 190 49.27 10.06 -9.99
N THR B 191 49.75 8.86 -9.71
CA THR B 191 49.15 7.64 -10.22
C THR B 191 48.64 6.85 -9.03
N GLU B 192 47.39 6.42 -9.11
CA GLU B 192 46.72 5.71 -8.02
C GLU B 192 46.17 4.36 -8.49
N PRO B 193 46.02 3.39 -7.57
CA PRO B 193 45.50 2.06 -7.96
C PRO B 193 44.12 2.14 -8.61
N ALA B 194 43.09 2.44 -7.81
CA ALA B 194 41.75 2.73 -8.32
C ALA B 194 41.65 4.18 -8.82
N LYS B 195 40.55 4.54 -9.45
CA LYS B 195 40.21 5.95 -9.65
C LYS B 195 39.44 6.43 -8.42
N THR B 196 39.45 7.74 -8.20
CA THR B 196 38.83 8.29 -6.98
C THR B 196 38.28 9.71 -7.17
N ARG B 197 37.52 10.18 -6.17
CA ARG B 197 36.97 11.54 -6.16
C ARG B 197 37.85 12.53 -6.93
N ASP B 198 37.31 13.11 -7.99
CA ASP B 198 38.11 13.96 -8.85
C ASP B 198 37.78 15.44 -8.75
N HIS B 199 37.27 15.87 -7.60
CA HIS B 199 36.80 17.24 -7.44
C HIS B 199 37.94 18.23 -7.53
N THR B 200 39.10 17.82 -7.06
CA THR B 200 40.28 18.65 -7.07
C THR B 200 40.68 18.91 -8.51
N GLU B 201 40.68 17.84 -9.32
CA GLU B 201 40.96 17.93 -10.76
C GLU B 201 40.01 18.91 -11.45
N ARG B 202 38.71 18.66 -11.29
CA ARG B 202 37.70 19.41 -12.02
C ARG B 202 37.69 20.89 -11.67
N MET B 203 38.01 21.20 -10.42
CA MET B 203 37.92 22.57 -9.93
C MET B 203 39.16 23.39 -10.23
N LEU B 204 40.32 22.76 -10.25
CA LEU B 204 41.53 23.41 -10.72
C LEU B 204 41.33 23.88 -12.16
N GLU B 205 40.67 23.05 -12.95
CA GLU B 205 40.37 23.39 -14.33
C GLU B 205 39.39 24.55 -14.38
N ALA B 206 38.34 24.47 -13.58
CA ALA B 206 37.32 25.51 -13.54
C ALA B 206 37.91 26.84 -13.15
N PHE B 207 38.96 26.79 -12.33
CA PHE B 207 39.69 28.00 -11.93
C PHE B 207 40.76 28.36 -12.94
N GLY B 208 40.90 27.56 -14.00
CA GLY B 208 41.75 27.92 -15.13
C GLY B 208 43.11 27.23 -15.22
N VAL B 209 43.30 26.16 -14.46
CA VAL B 209 44.58 25.45 -14.46
C VAL B 209 44.52 24.25 -15.40
N ASN B 210 45.52 24.12 -16.27
CA ASN B 210 45.64 22.97 -17.17
C ASN B 210 46.07 21.72 -16.43
N ILE B 211 45.15 20.76 -16.34
CA ILE B 211 45.44 19.48 -15.73
C ILE B 211 45.31 18.37 -16.76
N GLU B 212 46.41 17.65 -16.95
CA GLU B 212 46.45 16.51 -17.86
C GLU B 212 46.11 15.21 -17.15
N LYS B 213 45.39 14.35 -17.86
CA LYS B 213 44.89 13.10 -17.30
C LYS B 213 44.87 11.98 -18.33
N ASP B 214 45.67 10.95 -18.08
CA ASP B 214 45.40 9.62 -18.60
C ASP B 214 44.43 8.97 -17.60
N GLY B 215 44.27 7.66 -17.66
CA GLY B 215 43.49 6.97 -16.63
C GLY B 215 44.35 6.81 -15.40
N LEU B 216 43.77 7.03 -14.22
CA LEU B 216 44.48 6.81 -12.93
C LEU B 216 45.71 7.71 -12.70
N THR B 217 46.22 8.29 -13.77
CA THR B 217 47.35 9.19 -13.73
C THR B 217 46.90 10.62 -14.02
N VAL B 218 47.23 11.52 -13.09
CA VAL B 218 46.96 12.94 -13.26
C VAL B 218 48.27 13.69 -13.09
N SER B 219 48.54 14.65 -13.97
CA SER B 219 49.77 15.44 -13.91
C SER B 219 49.49 16.93 -13.91
N ILE B 220 50.46 17.72 -13.42
CA ILE B 220 50.26 19.17 -13.32
C ILE B 220 51.56 19.95 -13.38
N GLU B 221 51.53 21.08 -14.08
CA GLU B 221 52.69 21.93 -14.26
C GLU B 221 52.57 23.19 -13.42
N GLY B 222 53.64 23.55 -12.69
CA GLY B 222 53.73 24.88 -12.09
C GLY B 222 54.07 25.86 -13.19
N GLY B 223 53.89 27.16 -13.00
CA GLY B 223 53.21 27.76 -11.88
C GLY B 223 52.11 28.59 -12.51
N GLN B 224 50.97 27.93 -12.72
CA GLN B 224 49.83 28.54 -13.41
C GLN B 224 49.04 29.40 -12.44
N MET B 225 48.43 30.45 -12.95
CA MET B 225 47.54 31.31 -12.13
C MET B 225 46.21 30.60 -11.87
N LEU B 226 45.50 31.02 -10.83
CA LEU B 226 44.07 30.71 -10.72
C LEU B 226 43.31 32.02 -10.75
N THR B 227 42.12 32.00 -11.37
CA THR B 227 41.25 33.16 -11.48
C THR B 227 40.00 32.98 -10.60
N GLY B 228 39.59 34.05 -9.93
CA GLY B 228 38.37 34.05 -9.12
C GLY B 228 37.17 33.59 -9.92
N GLN B 229 36.49 32.56 -9.41
CA GLN B 229 35.32 32.02 -10.08
C GLN B 229 34.08 32.38 -9.31
N HIS B 230 32.92 32.37 -9.98
CA HIS B 230 31.66 32.29 -9.26
C HIS B 230 31.23 30.81 -9.19
N VAL B 231 31.16 30.25 -7.98
CA VAL B 231 30.96 28.80 -7.84
C VAL B 231 29.58 28.45 -7.31
N VAL B 232 28.77 27.76 -8.10
CA VAL B 232 27.55 27.19 -7.48
C VAL B 232 27.74 25.75 -6.96
N VAL B 233 27.81 25.59 -5.65
CA VAL B 233 28.02 24.23 -5.07
C VAL B 233 26.86 23.30 -5.37
N PRO B 234 27.12 22.17 -6.01
CA PRO B 234 26.06 21.17 -6.25
C PRO B 234 25.63 20.46 -4.97
N GLY B 235 24.41 19.95 -4.91
CA GLY B 235 23.98 19.09 -3.76
C GLY B 235 24.78 17.81 -3.53
N ASP B 236 24.98 17.42 -2.28
CA ASP B 236 25.64 16.12 -2.01
C ASP B 236 24.76 14.93 -2.43
N ILE B 237 25.20 14.11 -3.39
CA ILE B 237 24.47 12.87 -3.69
C ILE B 237 24.42 11.99 -2.47
N SER B 238 25.43 12.14 -1.62
CA SER B 238 25.50 11.44 -0.37
C SER B 238 24.21 11.59 0.42
N SER B 239 23.65 12.80 0.43
CA SER B 239 22.44 13.10 1.19
C SER B 239 21.20 12.78 0.34
N ALA B 240 21.28 13.21 -0.93
CA ALA B 240 20.25 13.00 -1.90
C ALA B 240 19.86 11.53 -1.94
N ALA B 241 20.80 10.66 -1.64
CA ALA B 241 20.63 9.21 -1.72
C ALA B 241 19.58 8.70 -0.75
N PHE B 242 19.54 9.31 0.43
CA PHE B 242 18.59 8.88 1.45
C PHE B 242 17.16 9.14 0.97
N PHE B 243 17.00 10.25 0.25
CA PHE B 243 15.72 10.62 -0.32
C PHE B 243 15.38 9.89 -1.60
N LEU B 244 16.39 9.55 -2.39
CA LEU B 244 16.14 8.78 -3.60
C LEU B 244 15.71 7.36 -3.21
N VAL B 245 16.43 6.75 -2.29
CA VAL B 245 16.05 5.44 -1.81
C VAL B 245 14.69 5.48 -1.10
N ALA B 246 14.38 6.62 -0.49
CA ALA B 246 13.12 6.77 0.22
C ALA B 246 11.97 6.79 -0.77
N GLY B 247 12.13 7.60 -1.83
CA GLY B 247 11.15 7.71 -2.90
C GLY B 247 10.92 6.40 -3.60
N ALA B 248 12.01 5.69 -3.92
CA ALA B 248 11.96 4.40 -4.60
C ALA B 248 11.09 3.36 -3.88
N MET B 249 11.10 3.39 -2.55
CA MET B 249 10.53 2.32 -1.76
C MET B 249 9.16 2.60 -1.18
N VAL B 250 8.95 3.85 -0.76
CA VAL B 250 7.75 4.22 -0.03
C VAL B 250 6.63 4.40 -1.05
N PRO B 251 5.48 3.73 -0.82
CA PRO B 251 4.37 3.92 -1.75
C PRO B 251 3.84 5.35 -1.68
N HIS B 252 3.29 5.84 -2.78
CA HIS B 252 2.76 7.21 -2.89
C HIS B 252 3.84 8.30 -2.84
N SER B 253 5.02 7.95 -3.33
CA SER B 253 6.15 8.86 -3.31
C SER B 253 6.47 9.45 -4.68
N ARG B 254 6.77 10.75 -4.67
CA ARG B 254 7.23 11.44 -5.87
C ARG B 254 8.08 12.58 -5.37
N ILE B 255 9.40 12.39 -5.39
CA ILE B 255 10.30 13.40 -4.87
C ILE B 255 11.24 13.94 -5.97
N THR B 256 11.38 15.26 -6.00
CA THR B 256 12.34 15.94 -6.85
C THR B 256 13.43 16.53 -6.00
N LEU B 257 14.67 16.27 -6.39
CA LEU B 257 15.84 16.83 -5.72
C LEU B 257 16.57 17.75 -6.69
N THR B 258 16.54 19.05 -6.43
CA THR B 258 17.08 20.02 -7.37
C THR B 258 18.59 20.13 -7.24
N ASN B 259 19.23 20.61 -8.32
CA ASN B 259 20.66 20.93 -8.34
C ASN B 259 21.52 19.92 -7.55
N VAL B 260 21.43 18.65 -7.95
CA VAL B 260 22.23 17.57 -7.30
C VAL B 260 23.43 17.16 -8.16
N GLY B 261 24.60 17.02 -7.53
CA GLY B 261 25.82 16.70 -8.23
C GLY B 261 25.86 15.25 -8.65
N ILE B 262 26.20 15.04 -9.92
CA ILE B 262 26.09 13.75 -10.58
C ILE B 262 27.47 13.30 -11.04
N ASN B 263 28.52 13.92 -10.49
CA ASN B 263 29.87 13.51 -10.80
C ASN B 263 29.97 11.97 -10.72
N PRO B 264 30.41 11.33 -11.82
CA PRO B 264 30.40 9.87 -11.99
C PRO B 264 31.26 9.09 -10.97
N THR B 265 32.31 9.71 -10.44
CA THR B 265 33.14 9.06 -9.42
C THR B 265 32.41 8.98 -8.07
N ARG B 266 31.17 9.41 -8.04
CA ARG B 266 30.42 9.51 -6.80
C ARG B 266 28.95 9.23 -6.99
N ALA B 267 28.54 9.12 -8.25
CA ALA B 267 27.15 8.85 -8.60
C ALA B 267 26.76 7.36 -8.58
N GLY B 268 27.64 6.53 -8.01
CA GLY B 268 27.42 5.07 -7.90
C GLY B 268 26.01 4.63 -7.53
N ILE B 269 25.36 5.36 -6.60
CA ILE B 269 23.96 5.12 -6.23
C ILE B 269 23.00 5.17 -7.42
N LEU B 270 23.19 6.12 -8.32
CA LEU B 270 22.32 6.25 -9.50
C LEU B 270 22.42 5.04 -10.43
N GLU B 271 23.65 4.59 -10.67
CA GLU B 271 23.92 3.36 -11.41
C GLU B 271 23.16 2.15 -10.84
N VAL B 272 23.17 2.02 -9.52
CA VAL B 272 22.43 0.95 -8.87
C VAL B 272 20.94 1.15 -9.07
N LEU B 273 20.43 2.31 -8.69
CA LEU B 273 19.00 2.59 -8.85
C LEU B 273 18.53 2.26 -10.26
N LYS B 274 19.32 2.66 -11.24
CA LYS B 274 18.94 2.52 -12.63
C LYS B 274 19.03 1.06 -13.05
N GLN B 275 20.03 0.36 -12.52
CA GLN B 275 20.19 -1.08 -12.75
C GLN B 275 19.10 -1.90 -12.06
N MET B 276 18.66 -1.44 -10.90
CA MET B 276 17.54 -2.05 -10.17
C MET B 276 16.20 -1.75 -10.86
N GLY B 277 16.23 -0.81 -11.80
CA GLY B 277 15.04 -0.44 -12.56
C GLY B 277 14.16 0.54 -11.84
N ALA B 278 14.78 1.44 -11.07
CA ALA B 278 14.05 2.51 -10.40
C ALA B 278 13.48 3.47 -11.42
N THR B 279 12.46 4.23 -11.02
CA THR B 279 11.87 5.25 -11.90
C THR B 279 12.55 6.59 -11.67
N LEU B 280 13.77 6.68 -12.17
CA LEU B 280 14.66 7.80 -11.89
C LEU B 280 14.77 8.69 -13.12
N ALA B 281 14.60 9.98 -12.91
CA ALA B 281 14.83 10.93 -13.98
C ALA B 281 16.01 11.80 -13.61
N MET B 282 16.87 12.07 -14.58
CA MET B 282 17.92 13.02 -14.38
C MET B 282 17.66 14.13 -15.38
N GLU B 283 17.18 15.25 -14.89
CA GLU B 283 16.76 16.35 -15.74
C GLU B 283 17.73 17.51 -15.65
N ASN B 284 17.81 18.27 -16.74
CA ASN B 284 18.62 19.50 -16.79
C ASN B 284 20.11 19.28 -16.57
N GLU B 285 20.67 18.20 -17.09
CA GLU B 285 22.11 18.00 -16.96
C GLU B 285 22.83 19.31 -17.28
N ARG B 286 23.74 19.72 -16.40
CA ARG B 286 24.61 20.86 -16.68
C ARG B 286 26.01 20.57 -16.15
N VAL B 287 26.92 21.49 -16.42
CA VAL B 287 28.25 21.48 -15.85
C VAL B 287 28.46 22.85 -15.19
N GLN B 288 28.49 22.87 -13.85
CA GLN B 288 28.81 24.07 -13.09
C GLN B 288 30.25 23.92 -12.63
N GLY B 289 31.12 24.79 -13.13
CA GLY B 289 32.55 24.71 -12.81
C GLY B 289 33.16 23.31 -12.92
N GLY B 290 33.04 22.71 -14.10
CA GLY B 290 33.56 21.37 -14.34
C GLY B 290 32.86 20.27 -13.55
N GLU B 291 31.73 20.60 -12.92
CA GLU B 291 31.02 19.64 -12.09
C GLU B 291 29.61 19.32 -12.61
N PRO B 292 29.40 18.07 -13.07
CA PRO B 292 28.12 17.66 -13.63
C PRO B 292 27.04 17.66 -12.58
N VAL B 293 25.99 18.43 -12.85
CA VAL B 293 24.88 18.61 -11.91
C VAL B 293 23.56 18.39 -12.64
N ALA B 294 22.54 17.92 -11.92
CA ALA B 294 21.22 17.65 -12.49
C ALA B 294 20.08 17.66 -11.45
N ASP B 295 18.84 17.78 -11.92
CA ASP B 295 17.66 17.63 -11.07
C ASP B 295 17.14 16.20 -11.14
N LEU B 296 17.05 15.53 -10.00
CA LEU B 296 16.63 14.14 -9.99
C LEU B 296 15.17 14.03 -9.58
N THR B 297 14.44 13.13 -10.22
CA THR B 297 13.07 12.84 -9.81
C THR B 297 12.91 11.34 -9.58
N ILE B 298 12.45 10.97 -8.40
CA ILE B 298 12.22 9.56 -8.09
C ILE B 298 10.75 9.36 -7.75
N GLU B 299 10.21 8.21 -8.12
CA GLU B 299 8.86 7.82 -7.69
C GLU B 299 8.83 6.34 -7.39
N THR B 300 7.93 5.93 -6.49
CA THR B 300 7.82 4.54 -6.07
C THR B 300 8.02 3.59 -7.25
N SER B 301 9.03 2.74 -7.15
CA SER B 301 9.38 1.84 -8.24
C SER B 301 9.22 0.40 -7.82
N VAL B 302 9.34 -0.50 -8.79
CA VAL B 302 9.32 -1.93 -8.54
C VAL B 302 10.72 -2.48 -8.80
N LEU B 303 11.56 -2.43 -7.77
CA LEU B 303 12.98 -2.72 -7.89
C LEU B 303 13.30 -4.20 -8.03
N GLN B 304 14.43 -4.48 -8.70
CA GLN B 304 14.95 -5.85 -8.82
C GLN B 304 16.34 -5.97 -8.23
N GLY B 305 16.65 -7.15 -7.71
CA GLY B 305 17.95 -7.45 -7.15
C GLY B 305 19.00 -7.39 -8.24
N VAL B 306 20.16 -6.84 -7.90
CA VAL B 306 21.23 -6.64 -8.87
C VAL B 306 22.55 -7.07 -8.23
N GLU B 307 23.56 -7.32 -9.04
CA GLU B 307 24.86 -7.73 -8.50
C GLU B 307 25.86 -6.58 -8.54
N ILE B 308 26.20 -6.08 -7.36
CA ILE B 308 27.01 -4.88 -7.21
C ILE B 308 28.44 -5.26 -6.83
N GLY B 309 29.35 -5.15 -7.79
CA GLY B 309 30.76 -5.45 -7.52
C GLY B 309 31.72 -4.86 -8.52
N GLY B 310 33.01 -5.13 -8.29
CA GLY B 310 34.08 -4.70 -9.17
C GLY B 310 34.37 -3.22 -9.13
N ASP B 311 34.43 -2.60 -10.31
CA ASP B 311 34.79 -1.18 -10.47
C ASP B 311 33.81 -0.17 -9.83
N ILE B 312 32.57 -0.59 -9.60
CA ILE B 312 31.54 0.31 -9.04
C ILE B 312 31.70 0.60 -7.55
N ILE B 313 32.18 -0.39 -6.81
CA ILE B 313 32.27 -0.27 -5.35
C ILE B 313 32.90 1.06 -4.93
N PRO B 314 34.08 1.42 -5.48
CA PRO B 314 34.69 2.71 -5.14
C PRO B 314 33.77 3.92 -5.32
N ARG B 315 32.85 3.85 -6.30
CA ARG B 315 31.98 4.98 -6.65
C ARG B 315 30.73 5.13 -5.77
N LEU B 316 30.47 4.12 -4.93
CA LEU B 316 29.29 4.09 -4.07
C LEU B 316 29.58 3.68 -2.62
N ILE B 317 30.82 3.83 -2.16
CA ILE B 317 31.19 3.34 -0.82
C ILE B 317 30.31 3.93 0.30
N ASP B 318 30.29 5.26 0.42
CA ASP B 318 29.50 5.94 1.44
C ASP B 318 28.02 5.59 1.39
N GLU B 319 27.56 5.00 0.30
CA GLU B 319 26.15 4.71 0.13
C GLU B 319 25.82 3.25 0.37
N ILE B 320 26.80 2.46 0.79
CA ILE B 320 26.56 1.05 1.01
C ILE B 320 25.47 0.80 2.06
N PRO B 321 25.52 1.53 3.19
CA PRO B 321 24.47 1.40 4.17
C PRO B 321 23.05 1.67 3.64
N ILE B 322 22.89 2.70 2.80
CA ILE B 322 21.55 3.02 2.27
C ILE B 322 21.12 2.05 1.15
N ILE B 323 22.08 1.59 0.34
CA ILE B 323 21.81 0.65 -0.74
C ILE B 323 21.38 -0.68 -0.13
N ALA B 324 21.96 -1.01 1.02
CA ALA B 324 21.59 -2.20 1.78
C ALA B 324 20.11 -2.15 2.12
N VAL B 325 19.64 -0.98 2.54
CA VAL B 325 18.22 -0.80 2.81
C VAL B 325 17.45 -0.95 1.50
N LEU B 326 17.85 -0.22 0.46
CA LEU B 326 17.25 -0.33 -0.86
C LEU B 326 17.05 -1.78 -1.33
N ALA B 327 18.08 -2.61 -1.17
CA ALA B 327 18.01 -4.02 -1.58
C ALA B 327 16.98 -4.84 -0.80
N THR B 328 16.65 -4.38 0.40
CA THR B 328 15.64 -5.02 1.24
C THR B 328 14.26 -5.08 0.60
N GLN B 329 13.98 -4.12 -0.28
CA GLN B 329 12.67 -4.01 -0.91
C GLN B 329 12.67 -4.45 -2.37
N ALA B 330 13.87 -4.75 -2.88
CA ALA B 330 14.06 -5.24 -4.25
C ALA B 330 13.66 -6.70 -4.36
N SER B 331 13.02 -7.07 -5.46
CA SER B 331 12.59 -8.45 -5.66
C SER B 331 13.75 -9.32 -6.10
N GLY B 332 14.31 -10.07 -5.15
CA GLY B 332 15.34 -11.05 -5.46
C GLY B 332 16.63 -10.84 -4.71
N ARG B 333 17.62 -11.67 -5.03
CA ARG B 333 18.93 -11.64 -4.41
C ARG B 333 19.77 -10.50 -4.98
N THR B 334 20.35 -9.70 -4.10
CA THR B 334 21.26 -8.63 -4.50
C THR B 334 22.58 -8.72 -3.72
N VAL B 335 23.69 -8.86 -4.45
CA VAL B 335 25.00 -9.13 -3.84
C VAL B 335 25.92 -7.91 -3.85
N ILE B 336 26.49 -7.57 -2.70
CA ILE B 336 27.59 -6.63 -2.65
C ILE B 336 28.88 -7.36 -2.33
N LYS B 337 29.83 -7.30 -3.26
CA LYS B 337 31.13 -7.97 -3.12
C LYS B 337 32.29 -7.03 -3.46
N ASP B 338 33.50 -7.60 -3.51
CA ASP B 338 34.75 -6.85 -3.79
C ASP B 338 34.93 -5.55 -2.95
N ALA B 339 34.43 -5.61 -1.71
CA ALA B 339 34.57 -4.53 -0.72
C ALA B 339 35.52 -4.93 0.42
N GLU B 340 36.41 -3.99 0.78
CA GLU B 340 37.42 -4.17 1.84
C GLU B 340 38.12 -2.85 2.16
N GLU B 346 35.85 0.28 8.45
CA GLU B 346 34.58 0.44 7.76
C GLU B 346 33.96 -0.87 7.26
N THR B 347 34.71 -1.98 7.37
CA THR B 347 34.15 -3.31 7.14
C THR B 347 33.24 -3.70 8.34
N ASN B 348 33.51 -3.10 9.50
CA ASN B 348 32.61 -3.18 10.66
C ASN B 348 31.33 -2.35 10.45
N ARG B 349 31.41 -1.33 9.59
CA ARG B 349 30.28 -0.49 9.22
C ARG B 349 29.21 -1.30 8.49
N ILE B 350 29.65 -2.09 7.51
CA ILE B 350 28.78 -3.08 6.86
C ILE B 350 28.06 -3.94 7.90
N ASP B 351 28.81 -4.44 8.88
CA ASP B 351 28.28 -5.38 9.86
C ASP B 351 27.14 -4.82 10.74
N THR B 352 27.23 -3.54 11.13
CA THR B 352 26.16 -2.91 11.92
C THR B 352 24.89 -2.78 11.08
N VAL B 353 25.05 -2.29 9.85
CA VAL B 353 23.97 -2.27 8.87
C VAL B 353 23.25 -3.61 8.85
N VAL B 354 24.02 -4.69 8.80
CA VAL B 354 23.47 -6.03 8.78
C VAL B 354 22.69 -6.30 10.06
N SER B 355 23.36 -6.12 11.20
CA SER B 355 22.78 -6.42 12.53
C SER B 355 21.46 -5.73 12.78
N GLU B 356 21.43 -4.42 12.52
CA GLU B 356 20.24 -3.61 12.75
C GLU B 356 19.12 -4.07 11.82
N LEU B 357 19.35 -3.98 10.51
CA LEU B 357 18.38 -4.44 9.51
C LEU B 357 17.83 -5.81 9.80
N THR B 358 18.68 -6.70 10.33
CA THR B 358 18.29 -8.06 10.62
C THR B 358 17.27 -8.06 11.75
N LYS B 359 17.52 -7.26 12.78
CA LYS B 359 16.60 -7.18 13.91
C LYS B 359 15.39 -6.32 13.54
N LEU B 360 15.39 -5.81 12.32
CA LEU B 360 14.26 -5.08 11.78
C LEU B 360 13.38 -6.02 10.97
N GLY B 361 13.92 -7.19 10.65
CA GLY B 361 13.16 -8.23 9.95
C GLY B 361 13.69 -8.54 8.57
N ALA B 362 14.67 -7.78 8.13
CA ALA B 362 15.31 -7.97 6.84
C ALA B 362 16.04 -9.32 6.80
N SER B 363 16.40 -9.74 5.59
CA SER B 363 17.16 -10.97 5.39
C SER B 363 18.52 -10.62 4.79
N ILE B 364 19.39 -10.03 5.62
CA ILE B 364 20.77 -9.72 5.27
C ILE B 364 21.71 -10.66 6.02
N HIS B 365 22.87 -10.90 5.41
CA HIS B 365 23.97 -11.60 6.01
C HIS B 365 25.22 -10.97 5.43
N ALA B 366 26.34 -11.09 6.14
CA ALA B 366 27.60 -10.61 5.60
C ALA B 366 28.37 -11.73 4.91
N THR B 367 29.23 -11.35 3.97
CA THR B 367 30.21 -12.25 3.37
C THR B 367 31.58 -11.72 3.75
N ASP B 368 32.64 -12.32 3.21
CA ASP B 368 33.99 -11.86 3.45
C ASP B 368 34.29 -10.63 2.57
N ASP B 369 33.77 -10.66 1.34
CA ASP B 369 33.96 -9.56 0.39
C ASP B 369 32.83 -8.50 0.42
N GLY B 370 31.80 -8.76 1.21
CA GLY B 370 30.70 -7.80 1.39
C GLY B 370 29.50 -8.38 2.12
N MET B 371 28.38 -8.46 1.41
CA MET B 371 27.12 -8.93 1.99
C MET B 371 26.11 -9.39 0.94
N ILE B 372 25.15 -10.20 1.39
CA ILE B 372 24.07 -10.69 0.55
C ILE B 372 22.73 -10.31 1.17
N ILE B 373 21.93 -9.59 0.40
CA ILE B 373 20.60 -9.16 0.82
C ILE B 373 19.59 -9.84 -0.08
N GLU B 374 18.42 -10.17 0.44
CA GLU B 374 17.50 -11.02 -0.30
C GLU B 374 16.04 -10.56 -0.32
N GLY B 375 15.48 -10.53 -1.53
CA GLY B 375 14.03 -10.46 -1.77
C GLY B 375 13.36 -9.21 -1.25
N PRO B 376 12.04 -9.06 -1.49
CA PRO B 376 11.31 -7.98 -0.84
C PRO B 376 10.77 -8.43 0.51
N THR B 377 11.42 -7.98 1.58
CA THR B 377 10.99 -8.30 2.92
C THR B 377 10.28 -7.11 3.56
N PRO B 378 9.01 -7.30 4.00
CA PRO B 378 8.36 -6.26 4.81
C PRO B 378 9.04 -6.13 6.17
N LEU B 379 9.23 -4.90 6.63
CA LEU B 379 9.96 -4.64 7.86
C LEU B 379 9.05 -4.41 9.05
N LYS B 380 9.37 -5.09 10.16
CA LYS B 380 8.60 -5.01 11.40
C LYS B 380 9.30 -4.11 12.42
N GLY B 381 8.69 -2.99 12.77
CA GLY B 381 9.23 -2.08 13.77
C GLY B 381 8.95 -2.54 15.19
N GLY B 382 8.72 -1.57 16.08
CA GLY B 382 8.45 -1.86 17.49
C GLY B 382 9.72 -2.16 18.27
N VAL B 383 10.86 -1.99 17.60
CA VAL B 383 12.16 -2.31 18.18
C VAL B 383 13.09 -1.09 18.08
N THR B 384 14.20 -1.14 18.81
CA THR B 384 15.15 -0.02 18.89
C THR B 384 16.47 -0.37 18.19
N VAL B 385 16.93 0.55 17.35
CA VAL B 385 18.16 0.39 16.58
C VAL B 385 19.04 1.62 16.72
N SER B 386 20.34 1.41 16.96
CA SER B 386 21.28 2.51 17.18
C SER B 386 22.09 2.87 15.94
N SER B 387 22.40 4.16 15.81
CA SER B 387 23.28 4.62 14.76
C SER B 387 24.73 4.20 15.01
N HIS B 388 25.09 3.97 16.28
CA HIS B 388 26.47 3.71 16.71
C HIS B 388 27.39 4.88 16.36
N GLY B 389 26.90 6.10 16.60
CA GLY B 389 27.66 7.34 16.35
C GLY B 389 27.97 7.64 14.89
N ASP B 390 27.93 6.61 14.04
CA ASP B 390 28.06 6.76 12.60
C ASP B 390 26.74 7.32 12.06
N HIS B 391 26.80 8.51 11.46
CA HIS B 391 25.58 9.20 11.06
C HIS B 391 24.87 8.51 9.91
N ARG B 392 25.63 7.95 8.99
CA ARG B 392 25.06 7.30 7.82
C ARG B 392 24.18 6.11 8.20
N ILE B 393 24.60 5.33 9.19
CA ILE B 393 23.80 4.21 9.70
C ILE B 393 22.49 4.73 10.28
N GLY B 394 22.57 5.89 10.94
CA GLY B 394 21.41 6.52 11.54
C GLY B 394 20.42 7.05 10.53
N MET B 395 20.91 7.48 9.38
CA MET B 395 20.02 8.00 8.35
C MET B 395 19.44 6.87 7.51
N ALA B 396 20.27 5.88 7.19
CA ALA B 396 19.78 4.68 6.51
C ALA B 396 18.68 4.04 7.34
N MET B 397 18.98 3.81 8.61
CA MET B 397 18.00 3.30 9.56
C MET B 397 16.73 4.11 9.67
N ALA B 398 16.87 5.43 9.63
CA ALA B 398 15.72 6.33 9.66
C ALA B 398 14.81 6.11 8.45
N ILE B 399 15.37 6.06 7.25
CA ILE B 399 14.47 5.90 6.10
C ILE B 399 13.94 4.47 6.00
N ALA B 400 14.72 3.50 6.48
CA ALA B 400 14.22 2.12 6.65
C ALA B 400 12.97 2.15 7.49
N ALA B 401 13.00 2.96 8.55
CA ALA B 401 11.88 3.11 9.47
C ALA B 401 10.57 3.57 8.81
N LEU B 402 10.69 4.42 7.79
CA LEU B 402 9.55 4.94 7.04
C LEU B 402 8.70 3.84 6.42
N LEU B 403 9.22 2.62 6.46
CA LEU B 403 8.65 1.50 5.73
C LEU B 403 8.08 0.45 6.66
N ALA B 404 8.25 0.65 7.96
CA ALA B 404 8.02 -0.41 8.92
C ALA B 404 6.74 -0.29 9.71
N GLU B 405 5.96 -1.36 9.72
CA GLU B 405 4.77 -1.49 10.57
C GLU B 405 5.19 -1.47 12.04
N LYS B 406 4.52 -0.64 12.84
CA LYS B 406 4.91 -0.37 14.24
C LYS B 406 6.19 0.48 14.30
N PRO B 407 6.25 1.43 15.26
CA PRO B 407 7.26 2.47 15.21
C PRO B 407 8.69 1.98 15.46
N VAL B 408 9.65 2.76 15.00
CA VAL B 408 11.06 2.43 15.17
C VAL B 408 11.80 3.55 15.88
N THR B 409 12.42 3.22 17.00
CA THR B 409 13.27 4.16 17.72
C THR B 409 14.66 4.14 17.11
N VAL B 410 15.19 5.32 16.82
CA VAL B 410 16.50 5.43 16.21
C VAL B 410 17.44 6.19 17.14
N GLU B 411 18.30 5.42 17.81
CA GLU B 411 19.25 5.92 18.81
C GLU B 411 20.41 6.72 18.18
N GLY B 412 20.77 7.83 18.81
CA GLY B 412 21.89 8.66 18.38
C GLY B 412 21.56 9.52 17.18
N THR B 413 20.55 10.38 17.35
CA THR B 413 20.13 11.30 16.29
C THR B 413 20.83 12.66 16.40
N GLU B 414 21.75 12.76 17.36
CA GLU B 414 22.60 13.93 17.52
C GLU B 414 23.65 13.95 16.41
N ALA B 415 24.17 12.77 16.06
CA ALA B 415 25.16 12.63 15.01
C ALA B 415 24.59 13.07 13.66
N ILE B 416 23.38 12.57 13.36
CA ILE B 416 22.61 13.04 12.21
C ILE B 416 22.47 14.56 12.28
N ALA B 417 21.91 15.03 13.39
CA ALA B 417 21.59 16.43 13.61
C ALA B 417 22.81 17.35 13.42
N VAL B 418 24.00 16.83 13.73
CA VAL B 418 25.22 17.59 13.54
C VAL B 418 25.64 17.67 12.06
N SER B 419 25.52 16.57 11.32
CA SER B 419 25.99 16.55 9.94
C SER B 419 24.92 16.95 8.89
N TYR B 420 23.65 16.84 9.26
CA TYR B 420 22.53 17.24 8.39
C TYR B 420 21.38 17.79 9.24
N PRO B 421 21.52 19.03 9.74
CA PRO B 421 20.53 19.52 10.71
C PRO B 421 19.09 19.33 10.24
N SER B 422 18.77 19.84 9.05
CA SER B 422 17.39 19.82 8.55
C SER B 422 16.88 18.47 7.99
N PHE B 423 17.66 17.40 8.14
CA PHE B 423 17.28 16.08 7.64
C PHE B 423 15.90 15.58 8.05
N PHE B 424 15.54 15.74 9.32
CA PHE B 424 14.24 15.25 9.75
C PHE B 424 13.13 16.21 9.38
N ASP B 425 13.46 17.50 9.28
CA ASP B 425 12.48 18.49 8.88
C ASP B 425 12.08 18.27 7.42
N HIS B 426 13.06 18.01 6.57
CA HIS B 426 12.81 17.73 5.16
C HIS B 426 11.95 16.51 4.97
N LEU B 427 12.13 15.52 5.84
CA LEU B 427 11.35 14.30 5.82
C LEU B 427 9.92 14.64 6.15
N ASP B 428 9.73 15.34 7.27
CA ASP B 428 8.42 15.84 7.71
C ASP B 428 7.67 16.56 6.61
N ARG B 429 8.36 17.50 5.98
CA ARG B 429 7.83 18.30 4.90
C ARG B 429 7.34 17.43 3.75
N LEU B 430 8.06 16.32 3.49
CA LEU B 430 7.68 15.35 2.45
C LEU B 430 6.45 14.55 2.84
N LYS B 431 6.37 14.15 4.11
CA LYS B 431 5.22 13.41 4.62
C LYS B 431 4.02 14.33 4.71
N SER B 432 4.27 15.59 5.06
CA SER B 432 3.21 16.59 5.19
C SER B 432 2.49 16.77 3.87
N GLU B 433 3.26 17.12 2.83
CA GLU B 433 2.73 17.41 1.50
C GLU B 433 1.94 16.23 0.90
N ALA B 434 2.30 15.01 1.28
CA ALA B 434 1.59 13.80 0.87
C ALA B 434 0.19 13.71 1.48
N GLU B 435 0.06 14.17 2.73
CA GLU B 435 -1.23 14.25 3.42
C GLU B 435 -2.21 15.16 2.69
N ASN B 436 -1.69 16.26 2.17
CA ASN B 436 -2.49 17.26 1.47
C ASN B 436 -3.03 16.75 0.13
N LEU B 437 -2.14 16.22 -0.71
CA LEU B 437 -2.53 15.60 -1.97
C LEU B 437 -3.67 14.60 -1.73
N TYR B 438 -3.42 13.58 -0.91
CA TYR B 438 -4.43 12.59 -0.53
C TYR B 438 -5.20 13.01 0.74
N ASN C 5 -23.18 -17.78 -23.71
CA ASN C 5 -23.76 -16.44 -24.09
C ASN C 5 -22.98 -15.25 -23.50
N LYS C 6 -23.72 -14.18 -23.25
CA LYS C 6 -23.18 -12.97 -22.63
C LYS C 6 -23.61 -12.91 -21.17
N THR C 7 -22.89 -12.11 -20.38
CA THR C 7 -23.37 -11.72 -19.06
C THR C 7 -23.47 -10.20 -19.01
N VAL C 8 -24.61 -9.70 -18.56
CA VAL C 8 -24.77 -8.30 -18.26
C VAL C 8 -24.30 -8.09 -16.81
N ILE C 9 -23.48 -7.05 -16.58
CA ILE C 9 -22.85 -6.82 -15.26
C ILE C 9 -23.02 -5.37 -14.76
N PRO C 10 -23.70 -5.21 -13.62
CA PRO C 10 -23.89 -3.88 -13.06
C PRO C 10 -22.69 -3.44 -12.22
N HIS C 11 -22.72 -2.20 -11.71
CA HIS C 11 -21.68 -1.76 -10.80
C HIS C 11 -21.96 -2.29 -9.40
N ALA C 12 -20.88 -2.57 -8.66
CA ALA C 12 -20.98 -3.10 -7.31
C ALA C 12 -21.03 -2.00 -6.25
N LYS C 13 -21.96 -2.15 -5.31
CA LYS C 13 -22.09 -1.23 -4.16
C LYS C 13 -21.04 -1.54 -3.10
N GLY C 14 -20.40 -2.70 -3.22
CA GLY C 14 -19.38 -3.16 -2.28
C GLY C 14 -19.11 -4.64 -2.46
N LEU C 15 -17.97 -5.10 -1.93
CA LEU C 15 -17.56 -6.50 -2.02
C LEU C 15 -16.98 -6.92 -0.67
N LYS C 16 -17.59 -7.91 -0.03
CA LYS C 16 -17.12 -8.38 1.28
C LYS C 16 -17.25 -9.89 1.46
N GLY C 17 -16.31 -10.50 2.18
CA GLY C 17 -16.38 -11.92 2.47
C GLY C 17 -15.09 -12.65 2.25
N THR C 18 -15.14 -13.97 2.42
CA THR C 18 -13.98 -14.84 2.24
C THR C 18 -14.18 -15.79 1.07
N ILE C 19 -13.12 -16.02 0.30
CA ILE C 19 -13.18 -16.88 -0.88
C ILE C 19 -11.99 -17.84 -1.02
N LYS C 20 -12.28 -19.09 -1.38
CA LYS C 20 -11.26 -20.06 -1.75
C LYS C 20 -11.21 -20.13 -3.27
N VAL C 21 -10.17 -19.59 -3.88
CA VAL C 21 -10.02 -19.70 -5.34
C VAL C 21 -9.60 -21.14 -5.72
N PRO C 22 -9.91 -21.60 -6.95
CA PRO C 22 -9.57 -22.97 -7.29
C PRO C 22 -8.05 -23.17 -7.34
N GLY C 23 -7.60 -24.37 -6.97
CA GLY C 23 -6.19 -24.67 -6.79
C GLY C 23 -5.33 -24.43 -8.02
N ASP C 24 -4.04 -24.23 -7.77
CA ASP C 24 -3.05 -23.95 -8.82
C ASP C 24 -2.99 -25.09 -9.83
N LYS C 25 -3.01 -24.72 -11.11
CA LYS C 25 -2.94 -25.69 -12.20
C LYS C 25 -1.59 -26.42 -12.25
N SER C 26 -0.50 -25.65 -12.41
CA SER C 26 0.88 -26.17 -12.38
C SER C 26 1.18 -27.14 -11.22
N ILE C 27 0.73 -26.78 -10.02
CA ILE C 27 0.95 -27.61 -8.84
C ILE C 27 0.14 -28.90 -8.91
N SER C 28 -1.12 -28.80 -9.36
CA SER C 28 -2.04 -29.94 -9.47
C SER C 28 -1.53 -30.97 -10.46
N HIS C 29 -1.01 -30.50 -11.60
CA HIS C 29 -0.36 -31.37 -12.58
C HIS C 29 0.76 -32.16 -11.91
N ARG C 30 1.70 -31.43 -11.34
CA ARG C 30 2.89 -32.01 -10.74
C ARG C 30 2.61 -32.90 -9.53
N ALA C 31 1.58 -32.56 -8.76
CA ALA C 31 1.22 -33.34 -7.59
C ALA C 31 0.88 -34.77 -8.00
N VAL C 32 0.30 -34.91 -9.19
CA VAL C 32 -0.14 -36.19 -9.72
C VAL C 32 1.05 -36.96 -10.28
N MET C 33 1.79 -36.32 -11.19
CA MET C 33 2.87 -36.99 -11.89
C MET C 33 3.90 -37.53 -10.92
N PHE C 34 4.20 -36.71 -9.93
CA PHE C 34 5.21 -37.03 -8.94
C PHE C 34 4.74 -38.17 -8.03
N GLY C 35 3.46 -38.16 -7.66
CA GLY C 35 2.86 -39.23 -6.86
C GLY C 35 2.93 -40.58 -7.54
N ALA C 36 2.77 -40.55 -8.86
CA ALA C 36 2.84 -41.74 -9.69
C ALA C 36 4.24 -42.34 -9.70
N LEU C 37 5.24 -41.46 -9.73
CA LEU C 37 6.64 -41.87 -9.75
C LEU C 37 7.16 -42.29 -8.37
N ALA C 38 6.40 -41.96 -7.33
CA ALA C 38 6.84 -42.15 -5.94
C ALA C 38 6.51 -43.52 -5.34
N LYS C 39 7.10 -43.80 -4.19
CA LYS C 39 6.82 -45.03 -3.43
C LYS C 39 5.98 -44.74 -2.19
N GLY C 40 4.84 -45.41 -2.09
CA GLY C 40 3.86 -45.13 -1.04
C GLY C 40 2.81 -44.15 -1.54
N THR C 41 1.62 -44.21 -0.96
CA THR C 41 0.48 -43.41 -1.42
C THR C 41 0.64 -41.89 -1.20
N THR C 42 0.27 -41.14 -2.24
CA THR C 42 0.22 -39.69 -2.21
C THR C 42 -1.25 -39.29 -2.25
N THR C 43 -1.63 -38.31 -1.44
CA THR C 43 -2.98 -37.75 -1.51
C THR C 43 -2.93 -36.28 -1.86
N VAL C 44 -3.94 -35.81 -2.59
CA VAL C 44 -3.96 -34.45 -3.06
C VAL C 44 -5.29 -33.79 -2.67
N GLU C 45 -5.19 -32.66 -1.97
CA GLU C 45 -6.34 -31.83 -1.61
C GLU C 45 -6.27 -30.53 -2.38
N GLY C 46 -7.42 -29.89 -2.61
CA GLY C 46 -7.48 -28.63 -3.34
C GLY C 46 -7.11 -28.83 -4.80
N PHE C 47 -7.33 -30.03 -5.31
CA PHE C 47 -6.95 -30.36 -6.67
C PHE C 47 -7.85 -29.65 -7.66
N LEU C 48 -7.24 -28.85 -8.53
CA LEU C 48 -7.91 -28.27 -9.69
C LEU C 48 -8.31 -29.37 -10.67
N PRO C 49 -9.62 -29.73 -10.74
CA PRO C 49 -9.98 -30.86 -11.59
C PRO C 49 -10.54 -30.44 -12.96
N GLY C 50 -9.70 -29.83 -13.78
CA GLY C 50 -10.09 -29.37 -15.11
C GLY C 50 -9.71 -30.39 -16.18
N ALA C 51 -9.88 -30.04 -17.44
CA ALA C 51 -9.62 -30.99 -18.51
C ALA C 51 -8.15 -31.39 -18.52
N ASP C 52 -7.26 -30.40 -18.41
CA ASP C 52 -5.83 -30.66 -18.46
C ASP C 52 -5.35 -31.55 -17.32
N CYS C 53 -5.71 -31.23 -16.10
CA CYS C 53 -5.31 -32.04 -14.95
C CYS C 53 -5.95 -33.42 -14.95
N LEU C 54 -7.16 -33.51 -15.51
CA LEU C 54 -7.82 -34.81 -15.66
C LEU C 54 -7.15 -35.63 -16.76
N SER C 55 -6.51 -34.93 -17.71
CA SER C 55 -5.78 -35.55 -18.80
C SER C 55 -4.53 -36.24 -18.24
N THR C 56 -3.83 -35.52 -17.35
CA THR C 56 -2.66 -36.04 -16.67
C THR C 56 -3.01 -37.35 -15.97
N ILE C 57 -4.09 -37.33 -15.18
CA ILE C 57 -4.54 -38.52 -14.49
C ILE C 57 -4.77 -39.65 -15.49
N SER C 58 -5.52 -39.36 -16.54
CA SER C 58 -5.87 -40.39 -17.52
C SER C 58 -4.61 -41.01 -18.12
N CYS C 59 -3.61 -40.17 -18.39
CA CYS C 59 -2.36 -40.64 -18.99
C CYS C 59 -1.63 -41.62 -18.11
N PHE C 60 -1.49 -41.28 -16.82
CA PHE C 60 -0.78 -42.16 -15.89
C PHE C 60 -1.57 -43.43 -15.57
N GLN C 61 -2.90 -43.31 -15.52
CA GLN C 61 -3.79 -44.46 -15.39
C GLN C 61 -3.54 -45.49 -16.47
N LYS C 62 -3.13 -45.01 -17.65
CA LYS C 62 -2.83 -45.88 -18.78
C LYS C 62 -1.44 -46.46 -18.65
N LEU C 63 -0.60 -45.78 -17.87
CA LEU C 63 0.74 -46.29 -17.57
C LEU C 63 0.73 -47.33 -16.45
N GLY C 64 -0.44 -47.55 -15.85
CA GLY C 64 -0.62 -48.58 -14.85
C GLY C 64 -0.89 -48.11 -13.43
N VAL C 65 -0.67 -46.83 -13.15
CA VAL C 65 -0.83 -46.32 -11.79
C VAL C 65 -2.29 -46.25 -11.38
N SER C 66 -2.58 -46.71 -10.16
CA SER C 66 -3.93 -46.68 -9.63
C SER C 66 -4.19 -45.29 -9.04
N ILE C 67 -5.01 -44.50 -9.73
CA ILE C 67 -5.42 -43.17 -9.27
C ILE C 67 -6.92 -43.08 -9.14
N GLU C 68 -7.38 -42.58 -7.99
CA GLU C 68 -8.79 -42.28 -7.77
C GLU C 68 -8.97 -40.79 -7.50
N GLN C 69 -9.68 -40.11 -8.38
CA GLN C 69 -9.94 -38.67 -8.27
C GLN C 69 -11.42 -38.38 -8.15
N ALA C 70 -11.80 -37.70 -7.07
CA ALA C 70 -13.19 -37.41 -6.78
C ALA C 70 -13.31 -35.92 -6.48
N GLU C 71 -13.81 -35.16 -7.45
CA GLU C 71 -13.77 -33.69 -7.42
C GLU C 71 -12.37 -33.17 -6.99
N GLU C 72 -12.27 -32.30 -6.00
CA GLU C 72 -10.97 -31.69 -5.63
C GLU C 72 -9.98 -32.62 -4.89
N ARG C 73 -10.35 -33.88 -4.70
CA ARG C 73 -9.55 -34.84 -3.93
C ARG C 73 -8.97 -35.98 -4.81
N VAL C 74 -7.67 -36.23 -4.66
CA VAL C 74 -6.98 -37.26 -5.44
C VAL C 74 -6.11 -38.14 -4.54
N THR C 75 -6.09 -39.43 -4.85
CA THR C 75 -5.31 -40.44 -4.12
C THR C 75 -4.52 -41.24 -5.15
N VAL C 76 -3.20 -41.22 -5.05
CA VAL C 76 -2.34 -41.89 -6.04
C VAL C 76 -1.53 -43.00 -5.40
N LYS C 77 -1.92 -44.25 -5.64
CA LYS C 77 -1.19 -45.42 -5.09
C LYS C 77 0.07 -45.71 -5.91
N GLY C 78 1.07 -44.86 -5.73
CA GLY C 78 2.35 -44.99 -6.42
C GLY C 78 3.21 -46.10 -5.86
N LYS C 79 3.98 -46.72 -6.75
CA LYS C 79 4.90 -47.78 -6.40
C LYS C 79 6.23 -47.56 -7.10
N GLY C 80 6.58 -46.31 -7.36
CA GLY C 80 7.83 -45.96 -8.05
C GLY C 80 7.85 -46.41 -9.50
N TRP C 81 8.94 -46.12 -10.20
CA TRP C 81 9.12 -46.55 -11.60
C TRP C 81 8.84 -48.02 -11.85
N ASP C 82 9.17 -48.83 -10.84
CA ASP C 82 9.12 -50.29 -10.91
C ASP C 82 7.69 -50.82 -11.16
N GLY C 83 6.72 -49.92 -11.04
CA GLY C 83 5.30 -50.25 -11.22
C GLY C 83 4.62 -49.37 -12.25
N LEU C 84 5.33 -49.07 -13.34
CA LEU C 84 4.73 -48.42 -14.49
C LEU C 84 4.82 -49.41 -15.65
N ARG C 85 3.67 -49.92 -16.10
CA ARG C 85 3.63 -50.91 -17.18
C ARG C 85 3.67 -50.22 -18.55
N GLU C 86 4.13 -50.95 -19.58
CA GLU C 86 4.10 -50.45 -20.95
C GLU C 86 2.63 -50.31 -21.38
N PRO C 87 2.24 -49.13 -21.91
CA PRO C 87 0.82 -48.89 -22.20
C PRO C 87 0.36 -49.61 -23.45
N SER C 88 -0.81 -50.24 -23.35
CA SER C 88 -1.45 -50.89 -24.51
C SER C 88 -2.41 -49.91 -25.18
N ASP C 89 -2.49 -48.71 -24.63
CA ASP C 89 -3.30 -47.64 -25.17
C ASP C 89 -2.43 -46.48 -25.58
N ILE C 90 -2.98 -45.62 -26.45
CA ILE C 90 -2.35 -44.37 -26.81
C ILE C 90 -2.59 -43.40 -25.65
N LEU C 91 -1.55 -42.68 -25.22
CA LEU C 91 -1.70 -41.71 -24.15
C LEU C 91 -2.25 -40.40 -24.69
N ASP C 92 -3.45 -40.05 -24.24
CA ASP C 92 -4.16 -38.87 -24.75
C ASP C 92 -3.92 -37.69 -23.84
N VAL C 93 -3.28 -36.67 -24.39
CA VAL C 93 -2.83 -35.52 -23.64
C VAL C 93 -3.92 -34.45 -23.54
N GLY C 94 -4.95 -34.61 -24.36
CA GLY C 94 -6.06 -33.67 -24.40
C GLY C 94 -5.56 -32.34 -24.92
N ASN C 95 -5.71 -31.32 -24.10
CA ASN C 95 -5.34 -29.98 -24.50
C ASN C 95 -4.13 -29.48 -23.73
N SER C 96 -3.56 -30.34 -22.90
CA SER C 96 -2.54 -29.94 -21.95
C SER C 96 -1.13 -29.91 -22.51
N GLY C 97 -0.59 -28.69 -22.64
CA GLY C 97 0.80 -28.48 -23.02
C GLY C 97 1.73 -28.91 -21.90
N THR C 98 1.28 -28.69 -20.67
CA THR C 98 2.05 -29.08 -19.49
C THR C 98 2.22 -30.59 -19.46
N THR C 99 1.13 -31.33 -19.66
CA THR C 99 1.18 -32.79 -19.56
C THR C 99 2.11 -33.33 -20.63
N THR C 100 1.99 -32.78 -21.83
CA THR C 100 2.73 -33.25 -23.00
C THR C 100 4.22 -33.20 -22.78
N ARG C 101 4.69 -32.06 -22.28
CA ARG C 101 6.11 -31.79 -22.18
C ARG C 101 6.74 -32.49 -21.00
N LEU C 102 6.11 -32.40 -19.84
CA LEU C 102 6.63 -33.06 -18.66
C LEU C 102 6.59 -34.58 -18.78
N ILE C 103 5.55 -35.12 -19.39
CA ILE C 103 5.49 -36.58 -19.52
C ILE C 103 6.46 -37.09 -20.57
N LEU C 104 6.83 -36.21 -21.51
CA LEU C 104 7.86 -36.54 -22.48
C LEU C 104 9.19 -36.80 -21.76
N GLY C 105 9.46 -36.02 -20.71
CA GLY C 105 10.61 -36.25 -19.85
C GLY C 105 10.51 -37.57 -19.13
N ILE C 106 9.39 -37.79 -18.44
CA ILE C 106 9.13 -39.02 -17.71
C ILE C 106 9.18 -40.29 -18.57
N LEU C 107 8.51 -40.25 -19.74
CA LEU C 107 8.50 -41.43 -20.63
C LEU C 107 9.87 -41.78 -21.20
N SER C 108 10.73 -40.79 -21.36
CA SER C 108 12.12 -41.00 -21.79
C SER C 108 12.91 -41.75 -20.72
N THR C 109 12.38 -41.70 -19.50
CA THR C 109 12.95 -42.41 -18.37
C THR C 109 12.60 -43.91 -18.37
N LEU C 110 11.55 -44.29 -19.10
CA LEU C 110 11.03 -45.65 -19.02
C LEU C 110 11.50 -46.60 -20.11
N PRO C 111 11.92 -47.83 -19.72
CA PRO C 111 12.42 -48.89 -20.61
C PRO C 111 11.34 -49.63 -21.41
N PHE C 112 10.40 -48.89 -21.99
CA PHE C 112 9.38 -49.43 -22.88
C PHE C 112 8.89 -48.41 -23.93
N HIS C 113 7.88 -48.81 -24.71
CA HIS C 113 7.38 -47.98 -25.80
C HIS C 113 6.09 -47.25 -25.46
N SER C 114 6.01 -45.97 -25.81
CA SER C 114 4.83 -45.15 -25.57
C SER C 114 4.54 -44.21 -26.71
N VAL C 115 3.27 -43.85 -26.85
CA VAL C 115 2.84 -42.89 -27.87
C VAL C 115 1.97 -41.82 -27.24
N ILE C 116 2.25 -40.57 -27.63
CA ILE C 116 1.56 -39.41 -27.11
C ILE C 116 0.78 -38.76 -28.23
N ILE C 117 -0.49 -38.48 -27.98
CA ILE C 117 -1.29 -37.65 -28.88
C ILE C 117 -2.25 -36.80 -28.07
N GLY C 118 -2.64 -35.66 -28.62
CA GLY C 118 -3.64 -34.84 -27.98
C GLY C 118 -4.67 -34.38 -28.99
N ASP C 119 -5.26 -33.22 -28.72
CA ASP C 119 -6.31 -32.70 -29.57
C ASP C 119 -5.79 -31.85 -30.72
N GLU C 120 -6.75 -31.30 -31.44
CA GLU C 120 -6.58 -30.44 -32.59
C GLU C 120 -5.47 -29.42 -32.34
N SER C 121 -5.62 -28.65 -31.26
CA SER C 121 -4.74 -27.54 -30.89
C SER C 121 -3.33 -27.94 -30.49
N ILE C 122 -3.21 -29.06 -29.76
CA ILE C 122 -1.90 -29.53 -29.31
C ILE C 122 -1.04 -30.01 -30.49
N GLY C 123 -1.68 -30.29 -31.62
CA GLY C 123 -1.00 -30.76 -32.82
C GLY C 123 -0.47 -29.63 -33.68
N LYS C 124 -0.44 -28.43 -33.11
CA LYS C 124 0.15 -27.25 -33.75
C LYS C 124 1.20 -26.60 -32.85
N ARG C 125 1.38 -27.15 -31.66
CA ARG C 125 2.37 -26.63 -30.74
C ARG C 125 3.65 -27.43 -30.88
N PRO C 126 4.75 -26.74 -31.25
CA PRO C 126 6.06 -27.31 -31.51
C PRO C 126 6.65 -27.96 -30.27
N MET C 127 7.21 -29.15 -30.42
CA MET C 127 7.77 -29.89 -29.31
C MET C 127 9.27 -30.10 -29.46
N LYS C 128 9.81 -29.67 -30.61
CA LYS C 128 11.22 -29.87 -30.92
C LYS C 128 12.16 -29.40 -29.82
N ARG C 129 11.83 -28.28 -29.18
CA ARG C 129 12.64 -27.74 -28.07
C ARG C 129 12.81 -28.70 -26.89
N VAL C 130 12.00 -29.75 -26.84
CA VAL C 130 12.02 -30.72 -25.74
C VAL C 130 12.50 -32.11 -26.18
N THR C 131 12.12 -32.50 -27.39
CA THR C 131 12.54 -33.78 -27.95
C THR C 131 14.05 -33.81 -28.22
N GLU C 132 14.59 -32.70 -28.69
CA GLU C 132 16.02 -32.59 -29.01
C GLU C 132 16.95 -32.80 -27.80
N PRO C 133 16.74 -32.03 -26.71
CA PRO C 133 17.52 -32.22 -25.48
C PRO C 133 17.39 -33.63 -24.91
N LEU C 134 16.26 -34.28 -25.18
CA LEU C 134 15.99 -35.61 -24.67
C LEU C 134 16.62 -36.70 -25.53
N LYS C 135 16.64 -36.49 -26.84
CA LYS C 135 17.39 -37.37 -27.72
C LYS C 135 18.87 -37.32 -27.35
N SER C 136 19.32 -36.14 -26.91
CA SER C 136 20.68 -35.95 -26.42
C SER C 136 20.97 -36.77 -25.18
N MET C 137 19.94 -37.04 -24.38
CA MET C 137 20.11 -37.80 -23.15
C MET C 137 20.12 -39.30 -23.40
N GLY C 138 19.81 -39.69 -24.63
CA GLY C 138 19.78 -41.09 -25.02
C GLY C 138 18.37 -41.64 -25.12
N ALA C 139 17.48 -40.84 -25.69
CA ALA C 139 16.07 -41.24 -25.82
C ALA C 139 15.65 -41.33 -27.27
N GLN C 140 15.03 -42.44 -27.63
CA GLN C 140 14.51 -42.62 -28.97
C GLN C 140 13.14 -41.97 -29.09
N ILE C 141 13.11 -40.85 -29.79
CA ILE C 141 11.90 -40.07 -29.95
C ILE C 141 11.69 -39.67 -31.41
N ASP C 142 10.61 -40.18 -31.98
CA ASP C 142 10.20 -39.85 -33.34
C ASP C 142 8.77 -39.31 -33.30
N GLY C 143 8.38 -38.56 -34.33
CA GLY C 143 7.02 -38.02 -34.40
C GLY C 143 6.81 -37.19 -35.64
N ARG C 144 5.61 -36.62 -35.78
CA ARG C 144 5.27 -35.81 -36.95
C ARG C 144 6.22 -34.63 -37.08
N ASP C 145 6.65 -34.36 -38.31
CA ASP C 145 7.59 -33.27 -38.59
C ASP C 145 8.89 -33.48 -37.81
N HIS C 146 9.38 -34.72 -37.87
CA HIS C 146 10.66 -35.13 -37.28
C HIS C 146 10.75 -35.05 -35.76
N GLY C 147 9.59 -35.14 -35.11
CA GLY C 147 9.51 -35.19 -33.65
C GLY C 147 9.11 -33.85 -33.09
N ASN C 148 8.79 -32.92 -33.97
CA ASN C 148 8.38 -31.58 -33.57
C ASN C 148 6.91 -31.51 -33.22
N LEU C 149 6.13 -32.43 -33.76
CA LEU C 149 4.70 -32.35 -33.64
C LEU C 149 4.03 -33.67 -33.30
N THR C 150 2.92 -33.57 -32.59
CA THR C 150 2.01 -34.67 -32.30
C THR C 150 1.59 -35.42 -33.57
N PRO C 151 1.46 -36.77 -33.49
CA PRO C 151 1.84 -37.64 -32.38
C PRO C 151 3.33 -37.90 -32.23
N LEU C 152 3.71 -38.39 -31.05
CA LEU C 152 5.09 -38.68 -30.73
C LEU C 152 5.24 -40.09 -30.14
N SER C 153 6.22 -40.83 -30.64
CA SER C 153 6.55 -42.15 -30.12
C SER C 153 7.87 -42.15 -29.35
N ILE C 154 7.91 -42.88 -28.24
CA ILE C 154 8.99 -42.77 -27.26
C ILE C 154 9.39 -44.12 -26.69
N ARG C 155 10.66 -44.44 -26.80
CA ARG C 155 11.26 -45.50 -26.00
C ARG C 155 12.42 -44.90 -25.24
N GLY C 156 12.42 -45.08 -23.92
CA GLY C 156 13.50 -44.59 -23.08
C GLY C 156 14.14 -45.70 -22.27
N GLY C 157 14.69 -45.35 -21.11
CA GLY C 157 15.28 -46.32 -20.20
C GLY C 157 16.66 -45.97 -19.72
N GLN C 158 17.67 -46.61 -20.32
CA GLN C 158 19.07 -46.37 -19.97
C GLN C 158 19.53 -44.97 -20.38
N LEU C 159 19.21 -44.00 -19.54
CA LEU C 159 19.41 -42.59 -19.86
C LEU C 159 20.65 -42.02 -19.17
N LYS C 160 21.28 -41.03 -19.81
CA LYS C 160 22.54 -40.45 -19.34
C LYS C 160 22.39 -38.96 -19.05
N GLY C 161 22.94 -38.52 -17.92
CA GLY C 161 22.88 -37.11 -17.53
C GLY C 161 23.50 -36.17 -18.55
N ILE C 162 23.10 -34.89 -18.52
CA ILE C 162 23.64 -33.90 -19.46
C ILE C 162 23.61 -32.45 -18.93
N ASP C 163 24.69 -31.72 -19.19
CA ASP C 163 24.68 -30.26 -19.02
C ASP C 163 24.06 -29.69 -20.29
N PHE C 164 23.16 -28.73 -20.13
CA PHE C 164 22.38 -28.23 -21.26
C PHE C 164 22.16 -26.73 -21.18
N HIS C 165 22.80 -26.01 -22.10
CA HIS C 165 22.54 -24.57 -22.31
C HIS C 165 21.37 -24.40 -23.27
N SER C 166 20.45 -23.50 -22.93
CA SER C 166 19.29 -23.23 -23.76
C SER C 166 19.12 -21.75 -24.11
N PRO C 167 18.91 -21.45 -25.40
CA PRO C 167 18.60 -20.10 -25.88
C PRO C 167 17.32 -19.45 -25.31
N VAL C 168 16.15 -20.03 -25.54
CA VAL C 168 14.89 -19.45 -25.04
C VAL C 168 14.52 -20.03 -23.67
N ALA C 169 13.96 -19.19 -22.79
CA ALA C 169 13.56 -19.61 -21.44
C ALA C 169 12.14 -20.17 -21.39
N SER C 170 12.00 -21.39 -20.84
CA SER C 170 10.71 -22.07 -20.69
C SER C 170 10.73 -23.08 -19.52
N ALA C 171 9.81 -22.89 -18.59
CA ALA C 171 9.71 -23.72 -17.38
C ALA C 171 9.36 -25.18 -17.67
N GLN C 172 8.53 -25.40 -18.69
CA GLN C 172 8.09 -26.75 -19.05
C GLN C 172 9.25 -27.59 -19.56
N MET C 173 10.04 -27.03 -20.48
CA MET C 173 11.26 -27.67 -20.97
C MET C 173 12.18 -28.08 -19.82
N LYS C 174 12.48 -27.12 -18.96
CA LYS C 174 13.33 -27.35 -17.80
C LYS C 174 12.83 -28.57 -17.04
N SER C 175 11.54 -28.55 -16.74
CA SER C 175 10.89 -29.58 -15.92
C SER C 175 10.98 -30.96 -16.54
N ALA C 176 10.87 -31.01 -17.87
CA ALA C 176 10.99 -32.25 -18.62
C ALA C 176 12.38 -32.83 -18.40
N ILE C 177 13.40 -32.03 -18.72
CA ILE C 177 14.79 -32.45 -18.61
C ILE C 177 15.19 -32.83 -17.18
N LEU C 178 14.63 -32.14 -16.20
CA LEU C 178 14.90 -32.47 -14.80
C LEU C 178 14.30 -33.82 -14.41
N LEU C 179 13.07 -34.06 -14.83
CA LEU C 179 12.40 -35.31 -14.54
C LEU C 179 13.07 -36.48 -15.25
N ALA C 180 13.62 -36.21 -16.43
CA ALA C 180 14.31 -37.23 -17.20
C ALA C 180 15.61 -37.64 -16.51
N GLY C 181 16.33 -36.64 -15.98
CA GLY C 181 17.59 -36.87 -15.28
C GLY C 181 17.41 -37.48 -13.90
N LEU C 182 16.17 -37.51 -13.44
CA LEU C 182 15.80 -38.07 -12.14
C LEU C 182 16.05 -39.58 -12.06
N ARG C 183 16.14 -40.23 -13.21
CA ARG C 183 16.41 -41.65 -13.25
C ARG C 183 17.67 -41.95 -14.07
N ALA C 184 18.27 -40.89 -14.62
CA ALA C 184 19.53 -41.01 -15.37
C ALA C 184 20.71 -41.39 -14.45
N GLU C 185 21.91 -41.43 -15.01
CA GLU C 185 23.13 -41.59 -14.24
C GLU C 185 24.09 -40.42 -14.45
N GLY C 186 24.42 -39.72 -13.36
CA GLY C 186 25.31 -38.56 -13.40
C GLY C 186 24.63 -37.20 -13.29
N LYS C 187 25.37 -36.15 -13.63
CA LYS C 187 24.88 -34.77 -13.58
C LYS C 187 24.01 -34.40 -14.77
N THR C 188 22.79 -33.94 -14.47
CA THR C 188 21.90 -33.36 -15.48
C THR C 188 21.67 -31.91 -15.10
N SER C 189 22.04 -31.00 -16.00
CA SER C 189 22.00 -29.57 -15.70
C SER C 189 21.29 -28.76 -16.78
N VAL C 190 20.40 -27.86 -16.34
CA VAL C 190 19.65 -26.98 -17.23
C VAL C 190 20.10 -25.54 -17.01
N THR C 191 20.20 -24.78 -18.10
CA THR C 191 20.64 -23.38 -18.03
C THR C 191 19.82 -22.53 -19.01
N GLU C 192 19.31 -21.41 -18.52
CA GLU C 192 18.40 -20.55 -19.30
C GLU C 192 18.82 -19.07 -19.25
N PRO C 193 18.25 -18.23 -20.14
CA PRO C 193 18.51 -16.78 -20.05
C PRO C 193 17.77 -16.11 -18.88
N ALA C 194 16.45 -16.31 -18.80
CA ALA C 194 15.66 -15.83 -17.67
C ALA C 194 15.55 -16.92 -16.58
N LYS C 195 15.24 -16.50 -15.36
CA LYS C 195 14.74 -17.43 -14.36
C LYS C 195 13.26 -17.66 -14.66
N THR C 196 12.73 -18.83 -14.31
CA THR C 196 11.33 -19.18 -14.62
C THR C 196 10.75 -20.21 -13.65
N ARG C 197 9.42 -20.26 -13.54
CA ARG C 197 8.70 -21.08 -12.55
C ARG C 197 9.47 -22.24 -11.96
N ASP C 198 9.52 -22.33 -10.64
CA ASP C 198 10.31 -23.36 -9.95
C ASP C 198 9.49 -24.48 -9.29
N HIS C 199 8.27 -24.69 -9.77
CA HIS C 199 7.35 -25.67 -9.22
C HIS C 199 7.91 -27.09 -9.24
N THR C 200 8.52 -27.46 -10.36
CA THR C 200 9.14 -28.76 -10.50
C THR C 200 10.27 -28.90 -9.48
N GLU C 201 11.13 -27.88 -9.43
CA GLU C 201 12.24 -27.85 -8.49
C GLU C 201 11.75 -28.01 -7.06
N ARG C 202 10.83 -27.15 -6.65
CA ARG C 202 10.31 -27.11 -5.28
C ARG C 202 9.62 -28.40 -4.87
N MET C 203 8.71 -28.87 -5.72
CA MET C 203 7.87 -30.01 -5.37
C MET C 203 8.68 -31.30 -5.31
N LEU C 204 9.69 -31.41 -6.16
CA LEU C 204 10.61 -32.54 -6.12
C LEU C 204 11.21 -32.68 -4.72
N GLU C 205 11.71 -31.57 -4.18
CA GLU C 205 12.33 -31.54 -2.86
C GLU C 205 11.38 -31.97 -1.75
N ALA C 206 10.11 -31.60 -1.87
CA ALA C 206 9.09 -31.98 -0.90
C ALA C 206 8.74 -33.46 -0.99
N PHE C 207 9.05 -34.06 -2.13
CA PHE C 207 8.86 -35.50 -2.31
C PHE C 207 10.09 -36.31 -1.89
N GLY C 208 11.22 -35.63 -1.69
CA GLY C 208 12.44 -36.27 -1.19
C GLY C 208 13.60 -36.36 -2.18
N VAL C 209 13.76 -35.31 -2.99
CA VAL C 209 14.81 -35.23 -4.01
C VAL C 209 15.60 -33.93 -3.83
N ASN C 210 16.87 -33.92 -4.25
CA ASN C 210 17.69 -32.71 -4.12
C ASN C 210 18.07 -32.07 -5.45
N ILE C 211 17.84 -30.76 -5.54
CA ILE C 211 18.11 -29.97 -6.75
C ILE C 211 19.15 -28.88 -6.43
N GLU C 212 19.68 -28.21 -7.46
CA GLU C 212 20.85 -27.35 -7.25
C GLU C 212 20.59 -25.87 -6.95
N LYS C 213 19.78 -25.21 -7.78
CA LYS C 213 19.39 -23.81 -7.52
C LYS C 213 20.52 -22.81 -7.80
N ASP C 214 21.68 -23.31 -8.25
CA ASP C 214 22.79 -22.48 -8.73
C ASP C 214 22.27 -21.35 -9.65
N GLY C 215 22.89 -20.18 -9.59
CA GLY C 215 22.37 -18.99 -10.28
C GLY C 215 22.16 -19.15 -11.78
N LEU C 216 20.88 -19.13 -12.21
CA LEU C 216 20.47 -19.32 -13.62
C LEU C 216 20.60 -20.74 -14.19
N THR C 217 21.19 -21.65 -13.42
CA THR C 217 21.37 -23.04 -13.81
C THR C 217 20.94 -24.01 -12.71
N VAL C 218 19.96 -24.85 -13.00
CA VAL C 218 19.50 -25.83 -12.03
C VAL C 218 19.98 -27.22 -12.41
N SER C 219 20.25 -28.05 -11.42
CA SER C 219 20.77 -29.40 -11.70
C SER C 219 20.23 -30.46 -10.76
N ILE C 220 20.36 -31.72 -11.18
CA ILE C 220 19.80 -32.85 -10.46
C ILE C 220 20.72 -34.07 -10.58
N GLU C 221 20.75 -34.87 -9.52
CA GLU C 221 21.48 -36.14 -9.54
C GLU C 221 20.51 -37.31 -9.61
N GLY C 222 20.66 -38.15 -10.62
CA GLY C 222 19.91 -39.39 -10.72
C GLY C 222 20.76 -40.47 -10.07
N GLY C 223 20.13 -41.54 -9.58
CA GLY C 223 18.69 -41.67 -9.51
C GLY C 223 18.27 -41.68 -8.06
N GLN C 224 17.49 -40.67 -7.69
CA GLN C 224 16.98 -40.56 -6.33
C GLN C 224 15.60 -41.21 -6.23
N MET C 225 15.18 -41.49 -4.99
CA MET C 225 13.88 -42.12 -4.74
C MET C 225 12.84 -41.09 -4.28
N LEU C 226 11.65 -41.14 -4.90
CA LEU C 226 10.52 -40.30 -4.52
C LEU C 226 9.62 -41.06 -3.55
N THR C 227 9.21 -40.40 -2.47
CA THR C 227 8.32 -41.02 -1.47
C THR C 227 6.92 -40.42 -1.51
N GLY C 228 5.93 -41.18 -1.02
CA GLY C 228 4.56 -40.70 -0.93
C GLY C 228 4.41 -39.44 -0.10
N GLN C 229 3.50 -38.56 -0.52
CA GLN C 229 3.32 -37.27 0.14
C GLN C 229 1.86 -36.90 0.36
N HIS C 230 1.65 -35.91 1.22
CA HIS C 230 0.33 -35.34 1.48
C HIS C 230 0.33 -33.91 0.98
N VAL C 231 -0.22 -33.70 -0.21
CA VAL C 231 -0.10 -32.42 -0.91
C VAL C 231 -1.38 -31.58 -0.81
N VAL C 232 -1.30 -30.47 -0.09
CA VAL C 232 -2.40 -29.50 -0.06
C VAL C 232 -2.10 -28.41 -1.09
N VAL C 233 -2.89 -28.39 -2.14
CA VAL C 233 -2.67 -27.52 -3.29
C VAL C 233 -3.09 -26.09 -2.98
N PRO C 234 -2.16 -25.13 -3.15
CA PRO C 234 -2.44 -23.71 -2.91
C PRO C 234 -3.33 -23.12 -4.00
N GLY C 235 -4.05 -22.07 -3.67
CA GLY C 235 -4.93 -21.40 -4.61
C GLY C 235 -4.12 -20.81 -5.74
N ASP C 236 -4.74 -20.67 -6.90
CA ASP C 236 -4.07 -20.08 -8.05
C ASP C 236 -4.03 -18.57 -7.92
N ILE C 237 -2.83 -17.99 -8.00
CA ILE C 237 -2.65 -16.53 -7.90
C ILE C 237 -3.39 -15.81 -8.99
N SER C 238 -3.36 -16.39 -10.19
CA SER C 238 -3.99 -15.78 -11.35
C SER C 238 -5.48 -15.57 -11.15
N SER C 239 -6.11 -16.45 -10.39
CA SER C 239 -7.53 -16.34 -10.14
C SER C 239 -7.78 -15.39 -8.97
N ALA C 240 -6.91 -15.46 -7.95
CA ALA C 240 -6.95 -14.54 -6.80
C ALA C 240 -6.82 -13.08 -7.23
N ALA C 241 -5.94 -12.85 -8.20
CA ALA C 241 -5.64 -11.51 -8.70
C ALA C 241 -6.88 -10.74 -9.18
N PHE C 242 -7.87 -11.46 -9.71
CA PHE C 242 -9.10 -10.82 -10.17
C PHE C 242 -9.85 -10.22 -8.98
N PHE C 243 -9.97 -11.01 -7.91
CA PHE C 243 -10.59 -10.51 -6.69
C PHE C 243 -9.75 -9.44 -5.98
N LEU C 244 -8.44 -9.69 -5.86
CA LEU C 244 -7.56 -8.69 -5.25
C LEU C 244 -7.73 -7.32 -5.90
N VAL C 245 -7.71 -7.27 -7.21
CA VAL C 245 -7.84 -6.00 -7.92
C VAL C 245 -9.25 -5.42 -7.73
N ALA C 246 -10.26 -6.28 -7.74
CA ALA C 246 -11.62 -5.83 -7.46
C ALA C 246 -11.72 -5.22 -6.07
N GLY C 247 -11.21 -5.95 -5.06
CA GLY C 247 -11.21 -5.48 -3.69
C GLY C 247 -10.52 -4.13 -3.55
N ALA C 248 -9.45 -3.93 -4.32
CA ALA C 248 -8.73 -2.67 -4.31
C ALA C 248 -9.55 -1.50 -4.86
N MET C 249 -10.28 -1.75 -5.94
CA MET C 249 -10.94 -0.69 -6.71
C MET C 249 -12.35 -0.38 -6.26
N VAL C 250 -13.13 -1.44 -6.00
CA VAL C 250 -14.55 -1.32 -5.64
C VAL C 250 -14.72 -0.67 -4.27
N PRO C 251 -15.43 0.47 -4.21
CA PRO C 251 -15.73 1.14 -2.94
C PRO C 251 -16.35 0.17 -1.91
N HIS C 252 -16.03 0.39 -0.64
CA HIS C 252 -16.55 -0.41 0.48
C HIS C 252 -16.25 -1.91 0.38
N SER C 253 -14.99 -2.26 0.13
CA SER C 253 -14.66 -3.66 -0.06
C SER C 253 -13.71 -4.15 1.01
N ARG C 254 -13.78 -5.46 1.33
CA ARG C 254 -12.91 -6.07 2.34
C ARG C 254 -12.90 -7.60 2.14
N ILE C 255 -12.02 -8.07 1.27
CA ILE C 255 -12.02 -9.48 0.83
C ILE C 255 -10.83 -10.27 1.35
N THR C 256 -11.10 -11.48 1.83
CA THR C 256 -10.06 -12.38 2.30
C THR C 256 -10.00 -13.65 1.44
N LEU C 257 -8.96 -13.77 0.63
CA LEU C 257 -8.72 -14.97 -0.16
C LEU C 257 -7.85 -15.92 0.63
N THR C 258 -8.37 -17.11 0.93
CA THR C 258 -7.62 -18.05 1.75
C THR C 258 -6.69 -18.94 0.93
N ASN C 259 -5.69 -19.51 1.61
CA ASN C 259 -4.77 -20.51 1.05
C ASN C 259 -4.26 -20.26 -0.37
N VAL C 260 -3.88 -19.02 -0.68
CA VAL C 260 -3.36 -18.64 -2.00
C VAL C 260 -1.86 -18.90 -2.14
N GLY C 261 -1.45 -19.49 -3.28
CA GLY C 261 -0.04 -19.70 -3.61
C GLY C 261 0.71 -18.39 -3.81
N ILE C 262 1.90 -18.29 -3.24
CA ILE C 262 2.65 -17.03 -3.17
C ILE C 262 4.03 -17.15 -3.83
N ASN C 263 4.21 -18.23 -4.59
CA ASN C 263 5.46 -18.53 -5.30
C ASN C 263 6.02 -17.28 -6.01
N PRO C 264 7.17 -16.75 -5.53
CA PRO C 264 7.70 -15.48 -6.03
C PRO C 264 7.78 -15.39 -7.55
N THR C 265 7.89 -16.53 -8.21
CA THR C 265 8.02 -16.58 -9.67
C THR C 265 6.69 -16.37 -10.40
N ARG C 266 5.60 -16.23 -9.65
CA ARG C 266 4.27 -16.03 -10.22
C ARG C 266 3.45 -14.94 -9.50
N ALA C 267 3.93 -14.51 -8.33
CA ALA C 267 3.22 -13.55 -7.49
C ALA C 267 3.71 -12.11 -7.68
N GLY C 268 4.15 -11.79 -8.90
CA GLY C 268 4.53 -10.43 -9.26
C GLY C 268 3.46 -9.38 -8.99
N ILE C 269 2.20 -9.76 -9.17
CA ILE C 269 1.08 -8.84 -8.91
C ILE C 269 1.12 -8.29 -7.48
N LEU C 270 1.43 -9.17 -6.52
CA LEU C 270 1.51 -8.80 -5.10
C LEU C 270 2.55 -7.73 -4.83
N GLU C 271 3.60 -7.68 -5.65
CA GLU C 271 4.56 -6.58 -5.54
C GLU C 271 4.00 -5.30 -6.18
N VAL C 272 3.34 -5.44 -7.32
CA VAL C 272 2.72 -4.28 -8.00
C VAL C 272 1.67 -3.65 -7.11
N LEU C 273 0.81 -4.47 -6.51
CA LEU C 273 -0.26 -3.99 -5.66
C LEU C 273 0.31 -3.17 -4.53
N LYS C 274 1.35 -3.71 -3.90
CA LYS C 274 1.98 -3.07 -2.75
C LYS C 274 2.59 -1.72 -3.10
N GLN C 275 3.25 -1.63 -4.24
CA GLN C 275 3.95 -0.41 -4.60
C GLN C 275 3.01 0.64 -5.15
N MET C 276 1.87 0.19 -5.67
CA MET C 276 0.80 1.10 -6.07
C MET C 276 0.17 1.73 -4.83
N GLY C 277 0.28 1.04 -3.70
CA GLY C 277 -0.15 1.56 -2.41
C GLY C 277 -1.41 0.92 -1.88
N ALA C 278 -1.63 -0.32 -2.29
CA ALA C 278 -2.80 -1.09 -1.93
C ALA C 278 -2.78 -1.40 -0.46
N THR C 279 -3.95 -1.44 0.15
CA THR C 279 -4.07 -1.95 1.51
C THR C 279 -4.12 -3.48 1.44
N LEU C 280 -2.96 -4.07 1.25
CA LEU C 280 -2.82 -5.51 1.13
C LEU C 280 -2.13 -6.05 2.37
N ALA C 281 -2.49 -7.27 2.73
CA ALA C 281 -1.89 -7.95 3.87
C ALA C 281 -1.76 -9.44 3.60
N MET C 282 -0.67 -10.02 4.08
CA MET C 282 -0.53 -11.47 4.14
C MET C 282 -0.77 -11.94 5.56
N GLU C 283 -1.28 -13.15 5.69
CA GLU C 283 -1.48 -13.76 7.00
C GLU C 283 -0.89 -15.17 6.93
N ASN C 284 -0.58 -15.76 8.07
CA ASN C 284 -0.31 -17.19 8.19
C ASN C 284 0.54 -17.78 7.06
N GLU C 285 1.70 -17.17 6.80
CA GLU C 285 2.57 -17.64 5.72
C GLU C 285 3.20 -18.98 6.06
N ARG C 286 3.16 -19.92 5.13
CA ARG C 286 3.71 -21.25 5.34
C ARG C 286 4.37 -21.78 4.08
N VAL C 287 4.98 -22.96 4.19
CA VAL C 287 5.51 -23.69 3.04
C VAL C 287 4.84 -25.06 3.06
N GLN C 288 3.86 -25.25 2.18
CA GLN C 288 3.07 -26.48 2.16
C GLN C 288 3.65 -27.52 1.22
N GLY C 289 4.19 -27.08 0.08
CA GLY C 289 5.04 -27.93 -0.74
C GLY C 289 6.37 -27.99 -0.01
N GLY C 290 7.43 -27.41 -0.59
CA GLY C 290 7.40 -26.82 -1.92
C GLY C 290 7.00 -25.36 -1.93
N GLU C 291 5.70 -25.14 -2.07
CA GLU C 291 5.15 -23.83 -2.38
C GLU C 291 4.79 -23.03 -1.13
N PRO C 292 5.17 -21.74 -1.11
CA PRO C 292 4.73 -20.83 -0.06
C PRO C 292 3.26 -20.49 -0.23
N VAL C 293 2.57 -20.32 0.88
CA VAL C 293 1.15 -20.02 0.86
C VAL C 293 0.84 -18.91 1.85
N ALA C 294 -0.19 -18.12 1.56
CA ALA C 294 -0.68 -17.12 2.52
C ALA C 294 -2.18 -16.82 2.33
N ASP C 295 -2.80 -16.25 3.36
CA ASP C 295 -4.15 -15.74 3.26
C ASP C 295 -4.08 -14.25 2.96
N LEU C 296 -4.50 -13.87 1.76
CA LEU C 296 -4.44 -12.48 1.33
C LEU C 296 -5.70 -11.72 1.71
N THR C 297 -5.54 -10.50 2.18
CA THR C 297 -6.67 -9.65 2.52
C THR C 297 -6.47 -8.30 1.85
N ILE C 298 -7.45 -7.87 1.08
CA ILE C 298 -7.41 -6.55 0.46
C ILE C 298 -8.69 -5.80 0.80
N GLU C 299 -8.60 -4.48 0.81
CA GLU C 299 -9.77 -3.62 0.92
C GLU C 299 -9.57 -2.39 0.07
N THR C 300 -10.64 -1.63 -0.18
CA THR C 300 -10.59 -0.46 -1.07
C THR C 300 -9.33 0.37 -0.83
N SER C 301 -8.66 0.77 -1.90
CA SER C 301 -7.37 1.41 -1.79
C SER C 301 -7.24 2.67 -2.65
N VAL C 302 -6.42 3.61 -2.18
CA VAL C 302 -5.95 4.72 -3.04
C VAL C 302 -4.64 4.34 -3.70
N LEU C 303 -4.68 4.19 -5.01
CA LEU C 303 -3.55 3.66 -5.78
C LEU C 303 -2.77 4.77 -6.46
N GLN C 304 -1.52 4.44 -6.82
CA GLN C 304 -0.68 5.33 -7.61
C GLN C 304 0.02 4.58 -8.72
N GLY C 305 0.27 5.31 -9.81
CA GLY C 305 0.94 4.79 -10.98
C GLY C 305 2.30 4.23 -10.66
N VAL C 306 2.66 3.17 -11.34
CA VAL C 306 3.86 2.43 -11.07
C VAL C 306 4.46 1.94 -12.37
N GLU C 307 5.74 2.21 -12.59
CA GLU C 307 6.41 1.69 -13.75
C GLU C 307 6.78 0.21 -13.51
N ILE C 308 6.34 -0.68 -14.41
CA ILE C 308 6.55 -2.11 -14.26
C ILE C 308 7.35 -2.65 -15.43
N GLY C 309 8.52 -3.22 -15.15
CA GLY C 309 9.38 -3.83 -16.19
C GLY C 309 10.48 -4.73 -15.65
N GLY C 310 11.36 -5.19 -16.54
CA GLY C 310 12.52 -5.99 -16.17
C GLY C 310 12.23 -7.39 -15.66
N ASP C 311 12.87 -7.77 -14.56
CA ASP C 311 12.69 -9.10 -13.95
C ASP C 311 11.31 -9.36 -13.37
N ILE C 312 10.50 -8.30 -13.29
CA ILE C 312 9.14 -8.41 -12.75
C ILE C 312 8.18 -8.98 -13.79
N ILE C 313 8.29 -8.48 -15.02
CA ILE C 313 7.44 -8.90 -16.15
C ILE C 313 7.26 -10.42 -16.26
N PRO C 314 8.37 -11.20 -16.30
CA PRO C 314 8.26 -12.66 -16.36
C PRO C 314 7.49 -13.29 -15.20
N ARG C 315 7.32 -12.58 -14.09
CA ARG C 315 6.69 -13.16 -12.91
C ARG C 315 5.23 -12.74 -12.69
N LEU C 316 4.67 -11.98 -13.63
CA LEU C 316 3.27 -11.56 -13.51
C LEU C 316 2.53 -11.53 -14.84
N ILE C 317 3.03 -12.34 -15.79
CA ILE C 317 2.62 -12.24 -17.19
C ILE C 317 1.12 -12.49 -17.41
N ASP C 318 0.54 -13.36 -16.58
CA ASP C 318 -0.88 -13.66 -16.66
C ASP C 318 -1.77 -12.56 -16.07
N GLU C 319 -1.17 -11.72 -15.24
CA GLU C 319 -1.91 -10.65 -14.58
C GLU C 319 -1.80 -9.32 -15.32
N ILE C 320 -1.26 -9.32 -16.54
CA ILE C 320 -1.15 -8.09 -17.32
C ILE C 320 -2.50 -7.45 -17.66
N PRO C 321 -3.47 -8.26 -18.15
CA PRO C 321 -4.76 -7.64 -18.44
C PRO C 321 -5.42 -7.07 -17.18
N ILE C 322 -5.42 -7.83 -16.08
CA ILE C 322 -6.04 -7.36 -14.85
C ILE C 322 -5.33 -6.14 -14.23
N ILE C 323 -4.01 -6.08 -14.37
CA ILE C 323 -3.23 -4.91 -13.95
C ILE C 323 -3.59 -3.69 -14.80
N ALA C 324 -3.87 -3.93 -16.08
CA ALA C 324 -4.35 -2.89 -16.98
C ALA C 324 -5.62 -2.26 -16.43
N VAL C 325 -6.50 -3.08 -15.87
CA VAL C 325 -7.75 -2.62 -15.29
C VAL C 325 -7.42 -1.83 -14.03
N LEU C 326 -6.71 -2.50 -13.12
CA LEU C 326 -6.25 -1.89 -11.88
C LEU C 326 -5.66 -0.48 -12.09
N ALA C 327 -4.81 -0.34 -13.10
CA ALA C 327 -4.16 0.94 -13.39
C ALA C 327 -5.12 2.08 -13.75
N THR C 328 -6.23 1.74 -14.38
CA THR C 328 -7.33 2.67 -14.66
C THR C 328 -7.77 3.51 -13.45
N GLN C 329 -7.76 2.91 -12.26
CA GLN C 329 -8.16 3.58 -11.02
C GLN C 329 -6.97 4.12 -10.20
N ALA C 330 -5.78 4.09 -10.78
CA ALA C 330 -4.58 4.59 -10.09
C ALA C 330 -4.28 6.00 -10.56
N SER C 331 -3.82 6.84 -9.63
CA SER C 331 -3.44 8.20 -9.97
C SER C 331 -2.12 8.20 -10.74
N GLY C 332 -1.95 9.18 -11.62
CA GLY C 332 -0.71 9.32 -12.39
C GLY C 332 -0.70 8.33 -13.52
N ARG C 333 0.49 7.88 -13.91
CA ARG C 333 0.61 6.94 -15.02
C ARG C 333 1.34 5.65 -14.63
N THR C 334 0.78 4.50 -15.01
CA THR C 334 1.51 3.24 -14.89
C THR C 334 1.99 2.81 -16.27
N VAL C 335 3.13 2.12 -16.29
CA VAL C 335 3.71 1.66 -17.53
C VAL C 335 4.07 0.18 -17.47
N ILE C 336 3.75 -0.54 -18.53
CA ILE C 336 4.28 -1.88 -18.72
C ILE C 336 5.31 -1.78 -19.81
N LYS C 337 6.50 -2.29 -19.53
CA LYS C 337 7.59 -2.26 -20.48
C LYS C 337 8.28 -3.63 -20.51
N ASP C 338 9.04 -3.88 -21.58
CA ASP C 338 9.72 -5.17 -21.81
C ASP C 338 8.76 -6.31 -22.12
N ALA C 339 7.60 -5.97 -22.69
CA ALA C 339 6.62 -6.98 -23.16
C ALA C 339 6.91 -7.38 -24.60
N GLU C 340 7.84 -6.65 -25.23
CA GLU C 340 8.24 -6.94 -26.60
C GLU C 340 8.72 -8.38 -26.74
N GLU C 341 9.30 -8.91 -25.66
CA GLU C 341 9.85 -10.26 -25.65
C GLU C 341 8.80 -11.27 -25.19
N LEU C 342 7.54 -11.02 -25.56
CA LEU C 342 6.44 -11.90 -25.20
C LEU C 342 5.83 -12.55 -26.43
N LYS C 343 5.29 -13.76 -26.23
CA LYS C 343 4.60 -14.51 -27.28
C LYS C 343 3.47 -13.70 -27.91
N VAL C 344 3.18 -13.95 -29.19
CA VAL C 344 2.08 -13.25 -29.87
C VAL C 344 0.74 -13.50 -29.17
N LYS C 345 0.62 -14.66 -28.50
CA LYS C 345 -0.57 -15.00 -27.71
C LYS C 345 -0.79 -14.01 -26.55
N GLU C 346 0.30 -13.45 -26.04
CA GLU C 346 0.28 -12.44 -24.96
C GLU C 346 0.30 -11.00 -25.48
N THR C 347 0.96 -10.77 -26.63
CA THR C 347 1.02 -9.46 -27.26
C THR C 347 -0.36 -9.10 -27.82
N ASN C 348 -1.14 -10.12 -28.17
CA ASN C 348 -2.53 -9.94 -28.63
C ASN C 348 -3.44 -9.51 -27.50
N ARG C 349 -3.30 -10.16 -26.35
CA ARG C 349 -4.06 -9.82 -25.15
C ARG C 349 -3.91 -8.34 -24.82
N ILE C 350 -2.67 -7.90 -24.68
CA ILE C 350 -2.35 -6.49 -24.46
C ILE C 350 -3.11 -5.59 -25.44
N ASP C 351 -3.02 -5.91 -26.72
CA ASP C 351 -3.68 -5.14 -27.76
C ASP C 351 -5.21 -5.07 -27.63
N THR C 352 -5.83 -6.20 -27.26
CA THR C 352 -7.29 -6.22 -27.11
C THR C 352 -7.72 -5.51 -25.82
N VAL C 353 -7.03 -5.80 -24.72
CA VAL C 353 -7.34 -5.14 -23.46
C VAL C 353 -7.32 -3.64 -23.67
N VAL C 354 -6.27 -3.12 -24.32
CA VAL C 354 -6.19 -1.71 -24.67
C VAL C 354 -7.53 -1.22 -25.26
N SER C 355 -7.97 -1.84 -26.35
CA SER C 355 -9.19 -1.43 -27.05
C SER C 355 -10.48 -1.72 -26.28
N GLU C 356 -10.53 -2.85 -25.56
CA GLU C 356 -11.69 -3.17 -24.73
C GLU C 356 -11.87 -2.12 -23.62
N LEU C 357 -10.78 -1.80 -22.93
CA LEU C 357 -10.82 -0.83 -21.85
C LEU C 357 -11.11 0.56 -22.34
N THR C 358 -10.80 0.83 -23.61
CA THR C 358 -11.07 2.15 -24.19
C THR C 358 -12.56 2.30 -24.43
N LYS C 359 -13.17 1.26 -24.98
CA LYS C 359 -14.63 1.17 -25.13
C LYS C 359 -15.32 1.48 -23.79
N LEU C 360 -14.66 1.10 -22.70
CA LEU C 360 -15.15 1.36 -21.34
C LEU C 360 -14.79 2.75 -20.80
N GLY C 361 -14.01 3.51 -21.57
CA GLY C 361 -13.76 4.92 -21.28
C GLY C 361 -12.43 5.32 -20.64
N ALA C 362 -11.49 4.40 -20.54
CA ALA C 362 -10.19 4.68 -19.92
C ALA C 362 -9.20 5.30 -20.90
N SER C 363 -8.19 5.98 -20.36
CA SER C 363 -7.11 6.52 -21.16
C SER C 363 -5.95 5.53 -21.20
N ILE C 364 -5.87 4.77 -22.27
CA ILE C 364 -4.92 3.68 -22.37
C ILE C 364 -4.54 3.45 -23.83
N HIS C 365 -3.25 3.29 -24.11
CA HIS C 365 -2.79 3.02 -25.47
C HIS C 365 -1.64 2.02 -25.51
N ALA C 366 -1.48 1.35 -26.65
CA ALA C 366 -0.43 0.34 -26.86
C ALA C 366 0.92 0.99 -27.19
N THR C 367 2.01 0.42 -26.67
CA THR C 367 3.35 0.92 -26.95
C THR C 367 4.25 -0.15 -27.54
N ASP C 368 5.41 0.27 -28.02
CA ASP C 368 6.45 -0.63 -28.56
C ASP C 368 6.69 -1.89 -27.72
N ASP C 369 6.71 -1.74 -26.38
CA ASP C 369 7.08 -2.84 -25.49
C ASP C 369 6.09 -3.04 -24.33
N GLY C 370 4.84 -2.64 -24.53
CA GLY C 370 3.81 -2.80 -23.51
C GLY C 370 2.68 -1.81 -23.69
N MET C 371 2.28 -1.16 -22.61
CA MET C 371 1.23 -0.14 -22.64
C MET C 371 1.49 0.91 -21.57
N ILE C 372 0.98 2.11 -21.81
CA ILE C 372 0.92 3.16 -20.80
C ILE C 372 -0.55 3.31 -20.41
N ILE C 373 -0.82 3.35 -19.11
CA ILE C 373 -2.18 3.50 -18.60
C ILE C 373 -2.27 4.79 -17.80
N GLU C 374 -3.02 5.75 -18.32
CA GLU C 374 -2.92 7.15 -17.90
C GLU C 374 -4.10 7.62 -17.04
N GLY C 375 -3.78 8.37 -15.99
CA GLY C 375 -4.76 9.00 -15.07
C GLY C 375 -5.65 8.04 -14.29
N PRO C 376 -6.32 8.56 -13.23
CA PRO C 376 -7.52 7.89 -12.69
C PRO C 376 -8.74 8.27 -13.53
N THR C 377 -9.43 7.26 -14.05
CA THR C 377 -10.58 7.48 -14.93
C THR C 377 -11.78 6.66 -14.52
N PRO C 378 -12.93 7.34 -14.27
CA PRO C 378 -14.21 6.68 -14.07
C PRO C 378 -14.66 6.00 -15.36
N LEU C 379 -14.92 4.70 -15.27
CA LEU C 379 -15.32 3.90 -16.41
C LEU C 379 -16.81 4.07 -16.64
N LYS C 380 -17.19 4.38 -17.87
CA LYS C 380 -18.60 4.50 -18.22
C LYS C 380 -19.05 3.27 -19.01
N GLY C 381 -20.24 2.76 -18.68
CA GLY C 381 -20.77 1.57 -19.31
C GLY C 381 -21.74 1.87 -20.44
N GLY C 382 -22.80 1.06 -20.51
CA GLY C 382 -23.77 1.14 -21.59
C GLY C 382 -23.17 0.66 -22.91
N VAL C 383 -22.18 -0.23 -22.83
CA VAL C 383 -21.53 -0.78 -24.03
C VAL C 383 -21.30 -2.28 -23.95
N THR C 384 -21.12 -2.91 -25.10
CA THR C 384 -20.72 -4.32 -25.15
C THR C 384 -19.22 -4.41 -25.31
N VAL C 385 -18.64 -5.33 -24.53
CA VAL C 385 -17.22 -5.60 -24.55
C VAL C 385 -17.09 -7.11 -24.77
N SER C 386 -16.13 -7.53 -25.58
CA SER C 386 -15.98 -8.95 -25.88
C SER C 386 -14.79 -9.62 -25.18
N SER C 387 -14.97 -10.89 -24.84
CA SER C 387 -13.90 -11.67 -24.20
C SER C 387 -13.01 -12.38 -25.22
N HIS C 388 -13.40 -12.34 -26.50
CA HIS C 388 -12.66 -12.95 -27.62
C HIS C 388 -12.26 -14.41 -27.40
N GLY C 389 -13.04 -15.11 -26.56
CA GLY C 389 -12.78 -16.52 -26.27
C GLY C 389 -11.61 -16.77 -25.34
N ASP C 390 -11.03 -15.70 -24.82
CA ASP C 390 -9.89 -15.76 -23.90
C ASP C 390 -10.38 -15.46 -22.49
N HIS C 391 -10.28 -16.45 -21.59
CA HIS C 391 -10.84 -16.32 -20.24
C HIS C 391 -10.25 -15.20 -19.39
N ARG C 392 -8.97 -14.92 -19.63
CA ARG C 392 -8.27 -13.79 -19.00
C ARG C 392 -8.80 -12.41 -19.40
N ILE C 393 -9.26 -12.25 -20.63
CA ILE C 393 -9.85 -10.98 -21.06
C ILE C 393 -11.26 -10.87 -20.53
N GLY C 394 -11.99 -11.98 -20.60
CA GLY C 394 -13.35 -12.03 -20.10
C GLY C 394 -13.41 -11.66 -18.63
N MET C 395 -12.54 -12.26 -17.85
CA MET C 395 -12.59 -12.08 -16.42
C MET C 395 -12.15 -10.70 -16.02
N ALA C 396 -11.07 -10.23 -16.62
CA ALA C 396 -10.56 -8.89 -16.36
C ALA C 396 -11.62 -7.88 -16.70
N MET C 397 -12.22 -8.04 -17.88
CA MET C 397 -13.33 -7.19 -18.32
C MET C 397 -14.52 -7.27 -17.39
N ALA C 398 -14.82 -8.48 -16.92
CA ALA C 398 -15.88 -8.69 -15.96
C ALA C 398 -15.67 -7.87 -14.70
N ILE C 399 -14.46 -7.89 -14.14
CA ILE C 399 -14.24 -7.11 -12.92
C ILE C 399 -14.12 -5.62 -13.22
N ALA C 400 -13.63 -5.27 -14.42
CA ALA C 400 -13.60 -3.87 -14.85
C ALA C 400 -15.01 -3.26 -14.89
N ALA C 401 -15.99 -4.10 -15.22
CA ALA C 401 -17.39 -3.70 -15.30
C ALA C 401 -17.96 -3.32 -13.94
N LEU C 402 -17.38 -3.89 -12.88
CA LEU C 402 -17.87 -3.62 -11.54
C LEU C 402 -17.71 -2.15 -11.15
N LEU C 403 -16.91 -1.41 -11.93
CA LEU C 403 -16.67 0.01 -11.65
C LEU C 403 -17.47 0.93 -12.55
N ALA C 404 -17.98 0.37 -13.65
CA ALA C 404 -18.64 1.17 -14.66
C ALA C 404 -20.03 1.64 -14.24
N GLU C 405 -20.22 2.95 -14.30
CA GLU C 405 -21.55 3.55 -14.20
C GLU C 405 -22.31 3.16 -15.48
N LYS C 406 -23.50 2.60 -15.30
CA LYS C 406 -24.32 2.02 -16.40
C LYS C 406 -23.89 0.58 -16.70
N PRO C 407 -24.83 -0.27 -17.18
CA PRO C 407 -24.58 -1.70 -17.34
C PRO C 407 -23.54 -2.02 -18.41
N VAL C 408 -22.82 -3.12 -18.23
CA VAL C 408 -21.82 -3.56 -19.19
C VAL C 408 -22.12 -4.99 -19.65
N THR C 409 -22.23 -5.16 -20.96
CA THR C 409 -22.43 -6.49 -21.51
C THR C 409 -21.07 -7.07 -21.88
N VAL C 410 -20.66 -8.06 -21.10
CA VAL C 410 -19.47 -8.85 -21.36
C VAL C 410 -19.93 -10.07 -22.13
N GLU C 411 -19.44 -10.24 -23.35
CA GLU C 411 -19.78 -11.41 -24.16
C GLU C 411 -18.66 -12.45 -24.24
N GLY C 412 -19.03 -13.68 -24.58
CA GLY C 412 -18.08 -14.77 -24.63
C GLY C 412 -17.72 -15.31 -23.25
N THR C 413 -18.65 -15.16 -22.30
CA THR C 413 -18.43 -15.61 -20.92
C THR C 413 -18.36 -17.14 -20.83
N GLU C 414 -18.62 -17.80 -21.95
CA GLU C 414 -18.50 -19.25 -22.03
C GLU C 414 -17.10 -19.71 -21.66
N ALA C 415 -16.10 -19.00 -22.19
CA ALA C 415 -14.69 -19.34 -21.98
C ALA C 415 -14.27 -19.23 -20.52
N ILE C 416 -14.94 -18.35 -19.77
CA ILE C 416 -14.71 -18.19 -18.33
C ILE C 416 -15.24 -19.40 -17.59
N ALA C 417 -16.53 -19.70 -17.78
CA ALA C 417 -17.20 -20.85 -17.18
C ALA C 417 -16.44 -22.16 -17.40
N VAL C 418 -15.68 -22.22 -18.49
CA VAL C 418 -14.86 -23.39 -18.77
C VAL C 418 -13.73 -23.43 -17.76
N SER C 419 -12.87 -22.43 -17.81
CA SER C 419 -11.67 -22.38 -16.98
C SER C 419 -11.96 -22.36 -15.48
N TYR C 420 -12.90 -21.50 -15.07
CA TYR C 420 -13.17 -21.20 -13.66
C TYR C 420 -14.69 -21.15 -13.44
N PRO C 421 -15.30 -22.33 -13.20
CA PRO C 421 -16.75 -22.49 -13.16
C PRO C 421 -17.47 -21.42 -12.35
N SER C 422 -17.05 -21.24 -11.10
CA SER C 422 -17.83 -20.44 -10.17
C SER C 422 -17.35 -19.00 -9.99
N PHE C 423 -16.56 -18.50 -10.94
CA PHE C 423 -16.12 -17.10 -10.95
C PHE C 423 -17.24 -16.10 -10.61
N PHE C 424 -18.34 -16.16 -11.36
CA PHE C 424 -19.45 -15.24 -11.14
C PHE C 424 -20.23 -15.55 -9.87
N ASP C 425 -20.26 -16.83 -9.49
CA ASP C 425 -20.90 -17.24 -8.26
C ASP C 425 -20.18 -16.65 -7.05
N HIS C 426 -18.85 -16.66 -7.09
CA HIS C 426 -18.01 -16.12 -6.02
C HIS C 426 -18.13 -14.61 -5.97
N LEU C 427 -18.14 -14.00 -7.14
CA LEU C 427 -18.36 -12.57 -7.29
C LEU C 427 -19.74 -12.18 -6.75
N ASP C 428 -20.75 -12.96 -7.09
CA ASP C 428 -22.13 -12.67 -6.68
C ASP C 428 -22.31 -12.68 -5.17
N ARG C 429 -21.65 -13.61 -4.49
CA ARG C 429 -21.76 -13.71 -3.03
C ARG C 429 -20.86 -12.72 -2.29
N LEU C 430 -20.02 -12.00 -3.02
CA LEU C 430 -19.32 -10.86 -2.45
C LEU C 430 -20.22 -9.62 -2.52
N LYS C 431 -20.99 -9.50 -3.59
CA LYS C 431 -22.03 -8.46 -3.72
C LYS C 431 -23.19 -8.69 -2.74
N SER C 432 -23.56 -9.94 -2.51
CA SER C 432 -24.63 -10.28 -1.57
C SER C 432 -24.29 -9.96 -0.11
N GLU C 433 -23.11 -10.38 0.33
CA GLU C 433 -22.61 -10.11 1.68
C GLU C 433 -22.46 -8.61 1.97
N ALA C 434 -22.06 -7.85 0.95
CA ALA C 434 -21.91 -6.40 1.07
C ALA C 434 -23.24 -5.66 1.16
N GLU C 435 -24.25 -6.17 0.45
CA GLU C 435 -25.61 -5.65 0.53
C GLU C 435 -26.29 -6.08 1.84
N ASN C 436 -25.99 -7.31 2.27
CA ASN C 436 -26.47 -7.83 3.56
C ASN C 436 -25.74 -7.19 4.75
N LEU C 437 -24.61 -6.54 4.47
CA LEU C 437 -23.78 -5.85 5.46
C LEU C 437 -24.29 -4.44 5.76
N TYR C 438 -24.84 -3.76 4.74
CA TYR C 438 -25.50 -2.48 4.96
C TYR C 438 -26.93 -2.70 5.47
N PHE C 439 -27.08 -2.69 6.78
CA PHE C 439 -28.41 -2.71 7.41
C PHE C 439 -28.47 -1.66 8.52
N GLN C 440 -29.52 -0.82 8.46
CA GLN C 440 -29.70 0.36 9.33
C GLN C 440 -28.40 0.96 9.88
N ASN D 5 -18.38 -46.11 -4.82
CA ASN D 5 -17.15 -46.70 -4.25
C ASN D 5 -17.05 -46.39 -2.75
N LYS D 6 -15.83 -46.17 -2.27
CA LYS D 6 -15.57 -46.03 -0.84
C LYS D 6 -14.41 -45.07 -0.54
N THR D 7 -14.53 -44.33 0.56
CA THR D 7 -13.48 -43.41 1.00
C THR D 7 -13.15 -43.62 2.47
N VAL D 8 -11.85 -43.66 2.76
CA VAL D 8 -11.33 -43.89 4.11
C VAL D 8 -11.26 -42.58 4.90
N ILE D 9 -11.82 -42.56 6.11
CA ILE D 9 -11.86 -41.32 6.92
C ILE D 9 -11.25 -41.47 8.32
N PRO D 10 -10.14 -40.74 8.58
CA PRO D 10 -9.53 -40.72 9.90
C PRO D 10 -10.17 -39.67 10.80
N HIS D 11 -9.76 -39.61 12.06
CA HIS D 11 -10.29 -38.64 13.01
C HIS D 11 -9.93 -37.20 12.65
N ALA D 12 -10.74 -36.25 13.11
CA ALA D 12 -10.51 -34.85 12.84
C ALA D 12 -9.69 -34.19 13.96
N LYS D 13 -8.63 -33.49 13.54
CA LYS D 13 -7.75 -32.78 14.47
C LYS D 13 -8.43 -31.53 15.00
N GLY D 14 -9.24 -30.89 14.17
CA GLY D 14 -9.99 -29.69 14.53
C GLY D 14 -10.62 -29.06 13.29
N LEU D 15 -11.78 -28.43 13.46
CA LEU D 15 -12.52 -27.86 12.31
C LEU D 15 -12.72 -26.34 12.40
N LYS D 16 -12.06 -25.60 11.52
CA LYS D 16 -12.12 -24.14 11.54
C LYS D 16 -12.31 -23.53 10.15
N GLY D 17 -13.24 -22.59 10.03
CA GLY D 17 -13.43 -21.84 8.79
C GLY D 17 -14.84 -21.38 8.48
N THR D 18 -14.97 -20.69 7.36
CA THR D 18 -16.25 -20.24 6.83
C THR D 18 -16.66 -21.14 5.66
N ILE D 19 -17.90 -21.63 5.67
CA ILE D 19 -18.36 -22.48 4.58
C ILE D 19 -19.74 -22.09 4.05
N LYS D 20 -19.85 -22.01 2.73
CA LYS D 20 -21.12 -21.76 2.08
C LYS D 20 -21.61 -23.09 1.53
N VAL D 21 -22.67 -23.60 2.14
CA VAL D 21 -23.24 -24.87 1.73
C VAL D 21 -24.08 -24.69 0.46
N PRO D 22 -24.37 -25.79 -0.26
CA PRO D 22 -25.16 -25.69 -1.48
C PRO D 22 -26.53 -25.07 -1.24
N GLY D 23 -27.13 -24.50 -2.29
CA GLY D 23 -28.47 -23.92 -2.20
C GLY D 23 -29.55 -24.90 -1.80
N ASP D 24 -30.67 -24.36 -1.32
CA ASP D 24 -31.82 -25.17 -0.94
C ASP D 24 -32.54 -25.76 -2.16
N LYS D 25 -32.65 -27.08 -2.19
CA LYS D 25 -33.31 -27.81 -3.28
C LYS D 25 -34.71 -27.25 -3.55
N SER D 26 -35.55 -27.27 -2.51
CA SER D 26 -36.94 -26.82 -2.60
C SER D 26 -37.13 -25.38 -3.06
N ILE D 27 -36.26 -24.48 -2.62
CA ILE D 27 -36.35 -23.07 -3.00
C ILE D 27 -35.85 -22.86 -4.42
N SER D 28 -34.84 -23.64 -4.82
CA SER D 28 -34.31 -23.60 -6.18
C SER D 28 -35.36 -24.04 -7.19
N HIS D 29 -36.09 -25.13 -6.90
CA HIS D 29 -37.20 -25.58 -7.75
C HIS D 29 -38.19 -24.44 -7.92
N ARG D 30 -38.63 -23.90 -6.78
CA ARG D 30 -39.69 -22.92 -6.78
C ARG D 30 -39.32 -21.59 -7.41
N ALA D 31 -38.08 -21.16 -7.23
CA ALA D 31 -37.62 -19.91 -7.83
C ALA D 31 -37.82 -19.92 -9.35
N VAL D 32 -37.48 -21.04 -9.98
CA VAL D 32 -37.61 -21.15 -11.43
C VAL D 32 -39.09 -21.19 -11.80
N MET D 33 -39.83 -22.09 -11.15
CA MET D 33 -41.25 -22.29 -11.45
C MET D 33 -42.03 -20.99 -11.36
N PHE D 34 -41.90 -20.31 -10.23
CA PHE D 34 -42.65 -19.09 -9.99
C PHE D 34 -42.21 -17.99 -10.94
N GLY D 35 -40.91 -17.94 -11.22
CA GLY D 35 -40.36 -16.98 -12.16
C GLY D 35 -40.93 -17.16 -13.56
N ALA D 36 -41.23 -18.41 -13.91
CA ALA D 36 -41.80 -18.76 -15.21
C ALA D 36 -43.25 -18.31 -15.37
N LEU D 37 -43.96 -18.28 -14.24
CA LEU D 37 -45.35 -17.79 -14.20
C LEU D 37 -45.43 -16.27 -13.97
N ALA D 38 -44.30 -15.65 -13.59
CA ALA D 38 -44.27 -14.23 -13.22
C ALA D 38 -44.29 -13.28 -14.43
N LYS D 39 -44.54 -12.00 -14.19
CA LYS D 39 -44.43 -10.97 -15.22
C LYS D 39 -43.19 -10.12 -14.96
N GLY D 40 -42.30 -10.05 -15.96
CA GLY D 40 -40.99 -9.43 -15.77
C GLY D 40 -39.93 -10.43 -15.31
N THR D 41 -38.67 -10.11 -15.57
CA THR D 41 -37.54 -11.02 -15.35
C THR D 41 -37.34 -11.43 -13.89
N THR D 42 -36.88 -12.66 -13.68
CA THR D 42 -36.56 -13.17 -12.36
C THR D 42 -35.10 -13.66 -12.38
N THR D 43 -34.25 -13.07 -11.54
CA THR D 43 -32.87 -13.48 -11.45
C THR D 43 -32.67 -14.27 -10.16
N VAL D 44 -32.11 -15.46 -10.29
CA VAL D 44 -31.83 -16.30 -9.13
C VAL D 44 -30.32 -16.35 -8.85
N GLU D 45 -29.95 -16.23 -7.58
CA GLU D 45 -28.58 -16.49 -7.16
C GLU D 45 -28.55 -17.59 -6.12
N GLY D 46 -27.45 -18.33 -6.07
CA GLY D 46 -27.29 -19.41 -5.10
C GLY D 46 -28.00 -20.68 -5.48
N PHE D 47 -28.48 -20.73 -6.72
CA PHE D 47 -29.22 -21.87 -7.28
C PHE D 47 -28.46 -23.17 -7.07
N LEU D 48 -29.16 -24.24 -6.72
CA LEU D 48 -28.57 -25.59 -6.69
C LEU D 48 -28.68 -26.18 -8.08
N PRO D 49 -27.54 -26.33 -8.79
CA PRO D 49 -27.66 -26.89 -10.15
C PRO D 49 -27.67 -28.42 -10.17
N GLY D 50 -28.49 -29.03 -9.33
CA GLY D 50 -28.61 -30.49 -9.33
C GLY D 50 -29.36 -31.02 -10.52
N ALA D 51 -29.47 -32.34 -10.59
CA ALA D 51 -30.23 -33.03 -11.64
C ALA D 51 -31.72 -32.65 -11.59
N ASP D 52 -32.30 -32.72 -10.41
CA ASP D 52 -33.71 -32.40 -10.20
C ASP D 52 -34.05 -30.96 -10.56
N CYS D 53 -33.24 -30.01 -10.12
CA CYS D 53 -33.50 -28.59 -10.38
C CYS D 53 -33.29 -28.18 -11.82
N LEU D 54 -32.39 -28.88 -12.51
CA LEU D 54 -32.21 -28.69 -13.95
C LEU D 54 -33.37 -29.29 -14.75
N SER D 55 -34.01 -30.33 -14.21
CA SER D 55 -35.22 -30.93 -14.79
C SER D 55 -36.39 -29.93 -14.82
N THR D 56 -36.57 -29.20 -13.72
CA THR D 56 -37.52 -28.09 -13.68
C THR D 56 -37.24 -27.13 -14.83
N ILE D 57 -35.98 -26.74 -15.00
CA ILE D 57 -35.64 -25.79 -16.05
C ILE D 57 -36.03 -26.38 -17.43
N SER D 58 -35.54 -27.58 -17.71
CA SER D 58 -35.91 -28.32 -18.93
C SER D 58 -37.40 -28.19 -19.24
N CYS D 59 -38.24 -28.61 -18.28
CA CYS D 59 -39.69 -28.59 -18.43
C CYS D 59 -40.27 -27.26 -18.84
N PHE D 60 -39.85 -26.18 -18.19
CA PHE D 60 -40.36 -24.85 -18.54
C PHE D 60 -39.80 -24.31 -19.85
N GLN D 61 -38.60 -24.75 -20.21
CA GLN D 61 -38.05 -24.40 -21.50
C GLN D 61 -38.94 -24.98 -22.61
N LYS D 62 -39.48 -26.16 -22.36
CA LYS D 62 -40.40 -26.80 -23.30
C LYS D 62 -41.80 -26.18 -23.27
N LEU D 63 -42.08 -25.38 -22.25
CA LEU D 63 -43.33 -24.65 -22.17
C LEU D 63 -43.22 -23.25 -22.77
N GLY D 64 -42.06 -22.94 -23.34
CA GLY D 64 -41.84 -21.66 -24.03
C GLY D 64 -41.00 -20.66 -23.27
N VAL D 65 -40.85 -20.87 -21.96
CA VAL D 65 -40.14 -19.92 -21.12
C VAL D 65 -38.66 -19.89 -21.46
N SER D 66 -38.16 -18.69 -21.80
CA SER D 66 -36.74 -18.47 -22.01
C SER D 66 -36.01 -18.46 -20.66
N ILE D 67 -35.17 -19.47 -20.45
CA ILE D 67 -34.38 -19.58 -19.22
C ILE D 67 -32.90 -19.79 -19.52
N GLU D 68 -32.07 -18.88 -19.02
CA GLU D 68 -30.62 -19.04 -19.00
C GLU D 68 -30.22 -19.58 -17.62
N GLN D 69 -29.35 -20.59 -17.59
CA GLN D 69 -28.74 -21.09 -16.35
C GLN D 69 -27.29 -21.48 -16.55
N ALA D 70 -26.45 -21.09 -15.60
CA ALA D 70 -25.02 -21.37 -15.61
C ALA D 70 -24.54 -21.56 -14.16
N GLU D 71 -24.03 -22.75 -13.89
CA GLU D 71 -23.74 -23.20 -12.51
C GLU D 71 -24.82 -22.76 -11.48
N GLU D 72 -24.52 -21.76 -10.64
CA GLU D 72 -25.41 -21.37 -9.54
C GLU D 72 -26.23 -20.12 -9.84
N ARG D 73 -26.23 -19.69 -11.09
CA ARG D 73 -26.87 -18.43 -11.50
C ARG D 73 -27.89 -18.69 -12.59
N VAL D 74 -29.11 -18.21 -12.40
CA VAL D 74 -30.23 -18.52 -13.29
C VAL D 74 -31.04 -17.29 -13.61
N THR D 75 -31.38 -17.12 -14.88
CA THR D 75 -32.22 -16.00 -15.32
C THR D 75 -33.46 -16.56 -16.00
N VAL D 76 -34.62 -16.01 -15.67
CA VAL D 76 -35.88 -16.54 -16.17
C VAL D 76 -36.67 -15.36 -16.70
N LYS D 77 -36.82 -15.26 -18.02
CA LYS D 77 -37.65 -14.20 -18.63
C LYS D 77 -39.13 -14.55 -18.52
N GLY D 78 -39.78 -14.06 -17.46
CA GLY D 78 -41.18 -14.31 -17.23
C GLY D 78 -42.02 -13.39 -18.08
N LYS D 79 -43.11 -13.93 -18.63
CA LYS D 79 -44.07 -13.17 -19.42
C LYS D 79 -45.50 -13.52 -19.00
N GLY D 80 -45.67 -13.86 -17.72
CA GLY D 80 -46.96 -14.28 -17.17
C GLY D 80 -47.40 -15.61 -17.72
N TRP D 81 -48.62 -16.03 -17.39
CA TRP D 81 -49.22 -17.27 -17.89
C TRP D 81 -49.41 -17.30 -19.40
N ASP D 82 -49.53 -16.12 -19.99
CA ASP D 82 -49.81 -15.96 -21.42
C ASP D 82 -48.60 -16.34 -22.26
N GLY D 83 -47.43 -16.35 -21.61
CA GLY D 83 -46.17 -16.67 -22.27
C GLY D 83 -45.86 -18.15 -22.35
N LEU D 84 -46.57 -18.97 -21.57
CA LEU D 84 -46.46 -20.42 -21.70
C LEU D 84 -47.25 -20.90 -22.93
N ARG D 85 -46.59 -21.64 -23.83
CA ARG D 85 -47.22 -22.18 -25.05
C ARG D 85 -47.39 -23.69 -24.95
N GLU D 86 -48.35 -24.23 -25.70
CA GLU D 86 -48.58 -25.67 -25.77
C GLU D 86 -47.29 -26.33 -26.24
N PRO D 87 -46.82 -27.36 -25.49
CA PRO D 87 -45.57 -28.06 -25.77
C PRO D 87 -45.67 -28.96 -26.98
N SER D 88 -44.59 -29.06 -27.75
CA SER D 88 -44.51 -30.01 -28.86
C SER D 88 -43.67 -31.22 -28.47
N ASP D 89 -42.95 -31.09 -27.36
CA ASP D 89 -42.15 -32.18 -26.80
C ASP D 89 -42.81 -32.71 -25.55
N ILE D 90 -42.53 -33.97 -25.22
CA ILE D 90 -42.91 -34.52 -23.92
C ILE D 90 -42.14 -33.76 -22.83
N LEU D 91 -42.83 -33.38 -21.74
CA LEU D 91 -42.15 -32.75 -20.62
C LEU D 91 -41.42 -33.80 -19.76
N ASP D 92 -40.09 -33.69 -19.73
CA ASP D 92 -39.28 -34.70 -19.08
C ASP D 92 -38.84 -34.26 -17.70
N VAL D 93 -39.32 -35.00 -16.71
CA VAL D 93 -39.26 -34.63 -15.30
C VAL D 93 -38.04 -35.24 -14.61
N GLY D 94 -37.28 -36.03 -15.38
CA GLY D 94 -36.16 -36.79 -14.86
C GLY D 94 -36.54 -37.64 -13.66
N ASN D 95 -35.92 -37.34 -12.53
CA ASN D 95 -36.07 -38.12 -11.33
C ASN D 95 -36.76 -37.29 -10.26
N SER D 96 -37.26 -36.12 -10.65
CA SER D 96 -37.70 -35.11 -9.69
C SER D 96 -39.17 -35.16 -9.27
N GLY D 97 -39.41 -35.69 -8.07
CA GLY D 97 -40.73 -35.70 -7.45
C GLY D 97 -41.34 -34.31 -7.33
N THR D 98 -40.53 -33.34 -6.88
CA THR D 98 -40.99 -31.94 -6.78
C THR D 98 -41.54 -31.46 -8.11
N THR D 99 -40.72 -31.52 -9.14
CA THR D 99 -41.12 -31.09 -10.47
C THR D 99 -42.45 -31.74 -10.89
N THR D 100 -42.56 -33.04 -10.71
CA THR D 100 -43.73 -33.79 -11.15
C THR D 100 -45.01 -33.27 -10.51
N ARG D 101 -44.98 -33.12 -9.19
CA ARG D 101 -46.15 -32.74 -8.45
C ARG D 101 -46.50 -31.28 -8.69
N LEU D 102 -45.52 -30.40 -8.58
CA LEU D 102 -45.76 -28.97 -8.72
C LEU D 102 -46.14 -28.54 -10.15
N ILE D 103 -45.70 -29.30 -11.17
CA ILE D 103 -46.09 -28.98 -12.55
C ILE D 103 -47.50 -29.43 -12.86
N LEU D 104 -47.86 -30.62 -12.38
CA LEU D 104 -49.23 -31.12 -12.52
C LEU D 104 -50.19 -30.04 -12.07
N GLY D 105 -49.84 -29.37 -10.96
CA GLY D 105 -50.55 -28.20 -10.51
C GLY D 105 -50.57 -27.13 -11.58
N ILE D 106 -49.40 -26.60 -11.93
CA ILE D 106 -49.30 -25.51 -12.90
C ILE D 106 -49.99 -25.82 -14.23
N LEU D 107 -49.80 -27.03 -14.75
CA LEU D 107 -50.38 -27.38 -16.05
C LEU D 107 -51.89 -27.42 -16.02
N SER D 108 -52.45 -27.83 -14.88
CA SER D 108 -53.90 -27.83 -14.70
C SER D 108 -54.47 -26.45 -14.94
N THR D 109 -53.61 -25.45 -14.82
CA THR D 109 -53.95 -24.04 -15.06
C THR D 109 -54.10 -23.73 -16.55
N LEU D 110 -53.44 -24.53 -17.39
CA LEU D 110 -53.20 -24.18 -18.79
C LEU D 110 -54.16 -24.77 -19.81
N PRO D 111 -54.72 -23.92 -20.68
CA PRO D 111 -55.75 -24.31 -21.64
C PRO D 111 -55.17 -25.05 -22.86
N PHE D 112 -54.21 -25.94 -22.61
CA PHE D 112 -53.67 -26.80 -23.67
C PHE D 112 -53.28 -28.17 -23.13
N HIS D 113 -52.85 -29.05 -24.05
CA HIS D 113 -52.50 -30.44 -23.72
C HIS D 113 -51.02 -30.52 -23.36
N SER D 114 -50.67 -31.36 -22.39
CA SER D 114 -49.28 -31.55 -21.95
C SER D 114 -49.05 -32.96 -21.45
N VAL D 115 -47.88 -33.51 -21.76
CA VAL D 115 -47.52 -34.86 -21.27
C VAL D 115 -46.26 -34.81 -20.43
N ILE D 116 -46.31 -35.50 -19.28
CA ILE D 116 -45.19 -35.62 -18.35
C ILE D 116 -44.68 -37.05 -18.33
N ILE D 117 -43.37 -37.23 -18.29
CA ILE D 117 -42.75 -38.55 -18.04
C ILE D 117 -41.40 -38.40 -17.33
N GLY D 118 -40.97 -39.45 -16.64
CA GLY D 118 -39.66 -39.46 -16.00
C GLY D 118 -39.01 -40.82 -16.09
N ASP D 119 -38.04 -41.06 -15.21
CA ASP D 119 -37.27 -42.29 -15.24
C ASP D 119 -38.01 -43.45 -14.59
N GLU D 120 -37.37 -44.62 -14.58
CA GLU D 120 -37.95 -45.84 -14.01
C GLU D 120 -38.40 -45.59 -12.58
N SER D 121 -37.70 -44.64 -11.92
CA SER D 121 -37.98 -44.28 -10.54
C SER D 121 -39.33 -43.56 -10.35
N ILE D 122 -39.44 -42.34 -10.91
CA ILE D 122 -40.72 -41.62 -10.95
C ILE D 122 -41.87 -42.50 -11.48
N GLY D 123 -41.57 -43.33 -12.48
CA GLY D 123 -42.53 -44.26 -13.04
C GLY D 123 -43.17 -45.21 -12.05
N LYS D 124 -42.56 -45.35 -10.87
CA LYS D 124 -43.11 -46.24 -9.84
C LYS D 124 -43.70 -45.52 -8.63
N ARG D 125 -43.65 -44.19 -8.63
CA ARG D 125 -44.17 -43.40 -7.51
C ARG D 125 -45.60 -42.94 -7.77
N PRO D 126 -46.52 -43.20 -6.81
CA PRO D 126 -47.95 -42.90 -7.01
C PRO D 126 -48.26 -41.40 -7.05
N MET D 127 -49.21 -41.02 -7.91
CA MET D 127 -49.58 -39.62 -8.13
C MET D 127 -51.07 -39.36 -7.90
N LYS D 128 -51.82 -40.44 -7.66
CA LYS D 128 -53.26 -40.32 -7.45
C LYS D 128 -53.59 -39.36 -6.31
N ARG D 129 -52.71 -39.31 -5.30
CA ARG D 129 -52.89 -38.41 -4.17
C ARG D 129 -52.79 -36.92 -4.59
N VAL D 130 -52.38 -36.66 -5.84
CA VAL D 130 -52.28 -35.30 -6.37
C VAL D 130 -53.22 -35.06 -7.56
N THR D 131 -53.35 -36.06 -8.43
CA THR D 131 -54.16 -35.91 -9.63
C THR D 131 -55.65 -35.93 -9.32
N GLU D 132 -56.06 -36.69 -8.31
CA GLU D 132 -57.48 -36.76 -7.92
C GLU D 132 -58.03 -35.41 -7.45
N PRO D 133 -57.30 -34.70 -6.58
CA PRO D 133 -57.77 -33.39 -6.15
C PRO D 133 -57.82 -32.42 -7.32
N LEU D 134 -56.83 -32.51 -8.21
CA LEU D 134 -56.70 -31.59 -9.33
C LEU D 134 -57.83 -31.71 -10.33
N LYS D 135 -58.35 -32.93 -10.48
CA LYS D 135 -59.48 -33.16 -11.37
C LYS D 135 -60.76 -32.50 -10.84
N SER D 136 -60.98 -32.59 -9.52
CA SER D 136 -62.11 -31.94 -8.83
C SER D 136 -62.20 -30.47 -9.20
N MET D 137 -61.05 -29.88 -9.47
CA MET D 137 -60.96 -28.47 -9.84
C MET D 137 -61.36 -28.20 -11.29
N GLY D 138 -61.50 -29.25 -12.08
CA GLY D 138 -61.92 -29.11 -13.49
C GLY D 138 -60.83 -29.48 -14.48
N ALA D 139 -59.69 -29.93 -13.96
CA ALA D 139 -58.57 -30.39 -14.77
C ALA D 139 -58.86 -31.77 -15.32
N GLN D 140 -58.40 -32.02 -16.54
CA GLN D 140 -58.56 -33.32 -17.16
C GLN D 140 -57.21 -33.99 -17.14
N ILE D 141 -57.11 -35.05 -16.37
CA ILE D 141 -55.86 -35.78 -16.22
C ILE D 141 -56.12 -37.27 -16.39
N ASP D 142 -55.47 -37.82 -17.41
CA ASP D 142 -55.43 -39.25 -17.65
C ASP D 142 -53.96 -39.71 -17.62
N GLY D 143 -53.75 -41.01 -17.54
CA GLY D 143 -52.42 -41.55 -17.42
C GLY D 143 -52.46 -43.02 -17.08
N ARG D 144 -51.28 -43.62 -17.03
CA ARG D 144 -51.05 -45.00 -16.64
C ARG D 144 -51.66 -45.29 -15.26
N ASP D 145 -52.22 -46.49 -15.10
CA ASP D 145 -52.94 -46.88 -13.89
C ASP D 145 -53.98 -45.84 -13.48
N HIS D 146 -54.90 -45.54 -14.41
CA HIS D 146 -56.03 -44.64 -14.17
C HIS D 146 -55.63 -43.31 -13.52
N GLY D 147 -54.54 -42.73 -14.01
CA GLY D 147 -54.09 -41.41 -13.58
C GLY D 147 -53.10 -41.41 -12.44
N ASN D 148 -52.61 -42.58 -12.08
CA ASN D 148 -51.78 -42.73 -10.87
C ASN D 148 -50.29 -42.87 -11.16
N LEU D 149 -49.95 -43.21 -12.38
CA LEU D 149 -48.55 -43.37 -12.74
C LEU D 149 -48.16 -42.66 -14.02
N THR D 150 -46.87 -42.39 -14.13
CA THR D 150 -46.24 -41.86 -15.33
C THR D 150 -46.33 -42.85 -16.52
N PRO D 151 -46.59 -42.36 -17.74
CA PRO D 151 -46.77 -40.94 -18.09
C PRO D 151 -48.21 -40.48 -17.89
N LEU D 152 -48.36 -39.18 -17.67
CA LEU D 152 -49.65 -38.55 -17.45
C LEU D 152 -49.90 -37.49 -18.52
N SER D 153 -51.14 -37.45 -19.02
CA SER D 153 -51.56 -36.45 -19.97
C SER D 153 -52.49 -35.47 -19.28
N ILE D 154 -52.34 -34.20 -19.62
CA ILE D 154 -53.11 -33.14 -18.97
C ILE D 154 -53.62 -32.14 -19.98
N ARG D 155 -54.89 -31.78 -19.85
CA ARG D 155 -55.44 -30.59 -20.48
C ARG D 155 -56.07 -29.82 -19.35
N GLY D 156 -55.79 -28.52 -19.27
CA GLY D 156 -56.27 -27.70 -18.17
C GLY D 156 -57.12 -26.53 -18.59
N GLY D 157 -57.14 -25.49 -17.76
CA GLY D 157 -57.81 -24.24 -18.08
C GLY D 157 -58.83 -23.83 -17.05
N GLN D 158 -60.09 -23.91 -17.45
CA GLN D 158 -61.25 -23.50 -16.65
C GLN D 158 -61.28 -24.20 -15.28
N LEU D 159 -60.75 -23.53 -14.26
CA LEU D 159 -60.65 -24.17 -12.94
C LEU D 159 -61.51 -23.51 -11.89
N LYS D 160 -62.17 -24.33 -11.09
CA LYS D 160 -62.97 -23.86 -9.96
C LYS D 160 -62.32 -24.30 -8.67
N GLY D 161 -62.16 -23.37 -7.73
CA GLY D 161 -61.55 -23.66 -6.43
C GLY D 161 -62.25 -24.75 -5.63
N ILE D 162 -61.52 -25.38 -4.72
CA ILE D 162 -62.05 -26.43 -3.88
C ILE D 162 -61.63 -26.23 -2.42
N ASP D 163 -62.51 -26.59 -1.50
CA ASP D 163 -62.13 -26.74 -0.10
C ASP D 163 -61.59 -28.16 0.02
N PHE D 164 -60.27 -28.27 0.18
CA PHE D 164 -59.64 -29.60 0.17
C PHE D 164 -59.07 -30.01 1.53
N HIS D 165 -59.40 -31.24 1.92
CA HIS D 165 -58.93 -31.83 3.17
C HIS D 165 -58.11 -33.08 2.90
N SER D 166 -56.85 -33.05 3.29
CA SER D 166 -55.98 -34.20 3.13
C SER D 166 -55.86 -34.98 4.43
N PRO D 167 -55.96 -36.32 4.37
CA PRO D 167 -55.67 -37.17 5.52
C PRO D 167 -54.18 -37.47 5.64
N VAL D 168 -53.38 -36.91 4.72
CA VAL D 168 -51.94 -37.12 4.69
C VAL D 168 -51.21 -35.78 4.61
N ALA D 169 -50.18 -35.62 5.43
CA ALA D 169 -49.34 -34.45 5.40
C ALA D 169 -48.37 -34.55 4.22
N SER D 170 -48.48 -33.59 3.30
CA SER D 170 -47.58 -33.50 2.17
C SER D 170 -47.41 -32.06 1.71
N ALA D 171 -46.16 -31.60 1.66
CA ALA D 171 -45.87 -30.26 1.16
C ALA D 171 -46.15 -30.21 -0.33
N GLN D 172 -45.69 -31.22 -1.05
CA GLN D 172 -45.85 -31.30 -2.50
C GLN D 172 -47.32 -31.22 -2.92
N MET D 173 -48.16 -31.97 -2.22
CA MET D 173 -49.58 -32.01 -2.53
C MET D 173 -50.25 -30.67 -2.26
N LYS D 174 -49.89 -30.05 -1.13
CA LYS D 174 -50.34 -28.72 -0.80
C LYS D 174 -49.89 -27.75 -1.90
N SER D 175 -48.61 -27.83 -2.23
CA SER D 175 -48.02 -26.95 -3.23
C SER D 175 -48.74 -27.02 -4.57
N ALA D 176 -49.10 -28.24 -4.97
CA ALA D 176 -49.74 -28.45 -6.26
C ALA D 176 -51.06 -27.71 -6.33
N ILE D 177 -51.91 -27.95 -5.33
CA ILE D 177 -53.25 -27.40 -5.28
C ILE D 177 -53.26 -25.88 -5.15
N LEU D 178 -52.32 -25.35 -4.36
CA LEU D 178 -52.18 -23.91 -4.25
C LEU D 178 -51.82 -23.33 -5.60
N LEU D 179 -50.90 -24.00 -6.29
CA LEU D 179 -50.40 -23.54 -7.58
C LEU D 179 -51.51 -23.50 -8.62
N ALA D 180 -52.37 -24.53 -8.58
CA ALA D 180 -53.56 -24.58 -9.42
C ALA D 180 -54.55 -23.50 -9.03
N GLY D 181 -54.70 -23.30 -7.73
CA GLY D 181 -55.62 -22.28 -7.19
C GLY D 181 -55.16 -20.86 -7.46
N LEU D 182 -54.04 -20.72 -8.15
CA LEU D 182 -53.48 -19.43 -8.47
C LEU D 182 -54.20 -18.84 -9.68
N ARG D 183 -54.80 -19.73 -10.48
CA ARG D 183 -55.51 -19.33 -11.69
C ARG D 183 -56.90 -19.97 -11.74
N ALA D 184 -57.41 -20.36 -10.57
CA ALA D 184 -58.76 -20.89 -10.40
C ALA D 184 -59.74 -19.78 -10.00
N GLU D 185 -61.03 -20.10 -9.94
CA GLU D 185 -62.08 -19.14 -9.60
C GLU D 185 -62.46 -19.19 -8.12
N GLY D 186 -62.28 -18.09 -7.42
CA GLY D 186 -62.64 -18.00 -6.01
C GLY D 186 -61.57 -18.54 -5.09
N LYS D 187 -62.00 -19.19 -4.01
CA LYS D 187 -61.11 -19.57 -2.91
C LYS D 187 -60.75 -21.05 -2.90
N THR D 188 -59.46 -21.33 -3.04
CA THR D 188 -58.93 -22.69 -2.98
C THR D 188 -58.32 -22.92 -1.60
N SER D 189 -58.66 -24.03 -0.97
CA SER D 189 -58.21 -24.29 0.42
C SER D 189 -57.58 -25.66 0.61
N VAL D 190 -56.55 -25.71 1.46
CA VAL D 190 -55.87 -26.96 1.81
C VAL D 190 -55.75 -27.14 3.33
N THR D 191 -56.21 -28.29 3.81
CA THR D 191 -56.20 -28.63 5.24
C THR D 191 -55.63 -30.03 5.47
N GLU D 192 -54.59 -30.13 6.31
CA GLU D 192 -53.92 -31.40 6.57
C GLU D 192 -53.58 -31.60 8.05
N PRO D 193 -53.56 -32.86 8.53
CA PRO D 193 -53.51 -33.18 9.97
C PRO D 193 -52.33 -32.55 10.72
N ALA D 194 -51.18 -32.48 10.07
CA ALA D 194 -50.04 -31.75 10.60
C ALA D 194 -49.74 -30.55 9.69
N LYS D 195 -48.71 -29.80 10.03
CA LYS D 195 -48.22 -28.73 9.17
C LYS D 195 -46.84 -29.14 8.67
N THR D 196 -46.56 -28.80 7.42
CA THR D 196 -45.30 -29.17 6.78
C THR D 196 -44.68 -27.99 6.01
N ARG D 197 -43.59 -28.23 5.28
CA ARG D 197 -42.87 -27.20 4.52
C ARG D 197 -43.80 -26.13 3.93
N ASP D 198 -43.46 -24.88 4.16
CA ASP D 198 -44.28 -23.74 3.72
C ASP D 198 -43.60 -22.85 2.68
N HIS D 199 -42.75 -23.43 1.85
CA HIS D 199 -41.96 -22.67 0.89
C HIS D 199 -42.81 -22.06 -0.20
N THR D 200 -43.82 -22.80 -0.65
CA THR D 200 -44.76 -22.31 -1.65
C THR D 200 -45.41 -21.02 -1.19
N GLU D 201 -45.86 -21.01 0.07
CA GLU D 201 -46.54 -19.85 0.65
C GLU D 201 -45.60 -18.65 0.74
N ARG D 202 -44.38 -18.87 1.18
CA ARG D 202 -43.43 -17.80 1.39
C ARG D 202 -43.03 -17.18 0.06
N MET D 203 -42.60 -18.03 -0.87
CA MET D 203 -42.16 -17.58 -2.18
C MET D 203 -43.29 -16.81 -2.88
N LEU D 204 -44.49 -17.39 -2.88
CA LEU D 204 -45.64 -16.77 -3.55
C LEU D 204 -45.93 -15.39 -2.97
N GLU D 205 -45.94 -15.30 -1.65
CA GLU D 205 -46.01 -14.01 -0.96
C GLU D 205 -44.91 -13.07 -1.45
N ALA D 206 -43.70 -13.61 -1.60
CA ALA D 206 -42.54 -12.81 -2.06
C ALA D 206 -42.64 -12.43 -3.53
N PHE D 207 -43.30 -13.26 -4.31
CA PHE D 207 -43.57 -12.93 -5.72
C PHE D 207 -44.82 -12.05 -5.87
N GLY D 208 -45.46 -11.73 -4.75
CA GLY D 208 -46.56 -10.75 -4.71
C GLY D 208 -47.98 -11.32 -4.74
N VAL D 209 -48.16 -12.50 -4.16
CA VAL D 209 -49.47 -13.17 -4.12
C VAL D 209 -49.97 -13.29 -2.69
N ASN D 210 -51.25 -13.03 -2.48
CA ASN D 210 -51.83 -13.12 -1.14
C ASN D 210 -52.27 -14.52 -0.71
N ILE D 211 -51.49 -15.08 0.21
CA ILE D 211 -51.78 -16.35 0.81
C ILE D 211 -52.27 -16.10 2.22
N GLU D 212 -53.46 -16.59 2.51
CA GLU D 212 -54.07 -16.41 3.81
C GLU D 212 -53.95 -17.71 4.58
N LYS D 213 -53.30 -17.65 5.74
CA LYS D 213 -53.29 -18.79 6.64
C LYS D 213 -54.11 -18.54 7.89
N ASP D 214 -54.97 -19.50 8.20
CA ASP D 214 -55.58 -19.66 9.50
C ASP D 214 -55.04 -21.01 9.96
N GLY D 215 -54.19 -21.01 10.98
CA GLY D 215 -53.43 -22.20 11.41
C GLY D 215 -54.04 -23.54 11.03
N LEU D 216 -53.33 -24.29 10.18
CA LEU D 216 -53.74 -25.63 9.71
C LEU D 216 -54.37 -25.61 8.30
N THR D 217 -55.03 -24.49 7.97
CA THR D 217 -55.64 -24.28 6.65
C THR D 217 -54.96 -23.13 5.91
N VAL D 218 -54.51 -23.40 4.69
CA VAL D 218 -53.97 -22.35 3.84
C VAL D 218 -54.92 -22.14 2.67
N SER D 219 -55.04 -20.90 2.22
CA SER D 219 -56.00 -20.54 1.18
C SER D 219 -55.49 -19.41 0.29
N ILE D 220 -55.92 -19.44 -0.97
CA ILE D 220 -55.45 -18.51 -1.99
C ILE D 220 -56.59 -18.07 -2.92
N GLU D 221 -56.65 -16.77 -3.20
CA GLU D 221 -57.58 -16.23 -4.19
C GLU D 221 -56.91 -16.20 -5.55
N GLY D 222 -57.72 -16.12 -6.60
CA GLY D 222 -57.19 -16.14 -7.97
C GLY D 222 -58.07 -15.41 -8.96
N GLY D 223 -57.49 -14.86 -10.02
CA GLY D 223 -56.05 -14.93 -10.25
C GLY D 223 -55.37 -13.66 -9.79
N GLN D 224 -54.31 -13.82 -9.00
CA GLN D 224 -53.47 -12.71 -8.61
C GLN D 224 -52.29 -12.65 -9.57
N MET D 225 -51.55 -11.55 -9.53
CA MET D 225 -50.41 -11.37 -10.44
C MET D 225 -49.08 -11.69 -9.77
N LEU D 226 -48.27 -12.51 -10.46
CA LEU D 226 -46.91 -12.78 -10.03
C LEU D 226 -45.99 -11.75 -10.68
N THR D 227 -45.05 -11.24 -9.90
CA THR D 227 -44.12 -10.21 -10.36
C THR D 227 -42.69 -10.74 -10.24
N GLY D 228 -41.85 -10.41 -11.22
CA GLY D 228 -40.45 -10.86 -11.26
C GLY D 228 -39.63 -10.38 -10.08
N GLN D 229 -38.94 -11.31 -9.42
CA GLN D 229 -38.17 -11.02 -8.21
C GLN D 229 -36.67 -11.34 -8.34
N HIS D 230 -35.88 -10.69 -7.49
CA HIS D 230 -34.48 -11.05 -7.28
C HIS D 230 -34.48 -12.04 -6.13
N VAL D 231 -33.96 -13.24 -6.36
CA VAL D 231 -34.14 -14.34 -5.40
C VAL D 231 -32.83 -15.00 -4.99
N VAL D 232 -32.26 -14.56 -3.87
CA VAL D 232 -31.04 -15.16 -3.34
C VAL D 232 -31.36 -16.42 -2.52
N VAL D 233 -31.15 -17.57 -3.16
CA VAL D 233 -31.44 -18.87 -2.57
C VAL D 233 -30.55 -19.13 -1.35
N PRO D 234 -31.17 -19.37 -0.19
CA PRO D 234 -30.47 -19.67 1.06
C PRO D 234 -29.84 -21.06 1.05
N GLY D 235 -28.80 -21.24 1.85
CA GLY D 235 -28.17 -22.55 2.03
C GLY D 235 -29.11 -23.57 2.66
N ASP D 236 -28.90 -24.83 2.30
CA ASP D 236 -29.76 -25.91 2.73
C ASP D 236 -29.46 -26.35 4.16
N ILE D 237 -30.45 -26.23 5.06
CA ILE D 237 -30.27 -26.63 6.46
C ILE D 237 -29.92 -28.10 6.58
N SER D 238 -30.45 -28.91 5.67
CA SER D 238 -30.23 -30.36 5.72
C SER D 238 -28.76 -30.70 5.51
N SER D 239 -28.05 -29.84 4.79
CA SER D 239 -26.64 -30.04 4.51
C SER D 239 -25.71 -29.27 5.46
N ALA D 240 -26.20 -28.14 5.95
CA ALA D 240 -25.54 -27.41 7.04
C ALA D 240 -25.55 -28.24 8.33
N ALA D 241 -26.55 -29.11 8.47
CA ALA D 241 -26.68 -29.96 9.65
C ALA D 241 -25.47 -30.83 9.89
N PHE D 242 -24.86 -31.31 8.81
CA PHE D 242 -23.71 -32.20 8.91
C PHE D 242 -22.46 -31.49 9.39
N PHE D 243 -22.43 -30.16 9.27
CA PHE D 243 -21.28 -29.37 9.71
C PHE D 243 -21.47 -28.76 11.09
N LEU D 244 -22.71 -28.43 11.42
CA LEU D 244 -23.05 -27.96 12.77
C LEU D 244 -22.73 -29.06 13.78
N VAL D 245 -23.18 -30.28 13.46
CA VAL D 245 -22.98 -31.44 14.31
C VAL D 245 -21.51 -31.83 14.47
N ALA D 246 -20.76 -31.78 13.37
CA ALA D 246 -19.34 -32.11 13.39
C ALA D 246 -18.57 -31.09 14.22
N GLY D 247 -18.99 -29.83 14.09
CA GLY D 247 -18.38 -28.73 14.82
C GLY D 247 -18.57 -28.86 16.31
N ALA D 248 -19.80 -29.20 16.71
CA ALA D 248 -20.14 -29.39 18.12
C ALA D 248 -19.39 -30.55 18.79
N MET D 249 -18.84 -31.46 17.98
CA MET D 249 -18.22 -32.68 18.50
C MET D 249 -16.70 -32.72 18.48
N VAL D 250 -16.11 -32.19 17.41
CA VAL D 250 -14.66 -32.26 17.22
C VAL D 250 -13.93 -31.28 18.14
N PRO D 251 -12.93 -31.78 18.90
CA PRO D 251 -12.06 -30.97 19.76
C PRO D 251 -11.45 -29.75 19.05
N HIS D 252 -11.54 -28.61 19.71
CA HIS D 252 -11.17 -27.29 19.16
C HIS D 252 -11.69 -27.06 17.72
N SER D 253 -12.97 -26.69 17.65
CA SER D 253 -13.64 -26.38 16.38
C SER D 253 -14.48 -25.11 16.51
N ARG D 254 -14.51 -24.32 15.45
CA ARG D 254 -15.25 -23.05 15.40
C ARG D 254 -15.54 -22.76 13.93
N ILE D 255 -16.77 -23.08 13.51
CA ILE D 255 -17.16 -22.97 12.10
C ILE D 255 -18.30 -21.98 11.93
N THR D 256 -18.16 -21.10 10.95
CA THR D 256 -19.23 -20.20 10.54
C THR D 256 -19.83 -20.69 9.23
N LEU D 257 -21.15 -20.80 9.18
CA LEU D 257 -21.86 -21.20 7.97
C LEU D 257 -22.62 -20.02 7.38
N THR D 258 -22.09 -19.47 6.29
CA THR D 258 -22.67 -18.30 5.65
C THR D 258 -24.07 -18.59 5.11
N ASN D 259 -24.92 -17.57 5.19
CA ASN D 259 -26.24 -17.53 4.56
C ASN D 259 -27.04 -18.82 4.53
N VAL D 260 -27.20 -19.46 5.69
CA VAL D 260 -28.04 -20.65 5.80
C VAL D 260 -29.48 -20.22 6.05
N GLY D 261 -30.41 -20.88 5.38
CA GLY D 261 -31.84 -20.59 5.55
C GLY D 261 -32.36 -21.18 6.85
N ILE D 262 -33.17 -20.39 7.56
CA ILE D 262 -33.68 -20.80 8.86
C ILE D 262 -35.20 -20.88 8.82
N ASN D 263 -35.72 -21.81 8.03
CA ASN D 263 -37.16 -22.01 8.01
C ASN D 263 -37.58 -22.94 9.15
N PRO D 264 -38.40 -22.43 10.09
CA PRO D 264 -38.80 -23.19 11.29
C PRO D 264 -39.35 -24.58 11.00
N THR D 265 -39.89 -24.76 9.80
CA THR D 265 -40.45 -26.04 9.36
C THR D 265 -39.36 -27.05 8.98
N ARG D 266 -38.10 -26.62 9.09
CA ARG D 266 -36.94 -27.48 8.82
C ARG D 266 -35.73 -27.16 9.70
N ALA D 267 -35.84 -26.11 10.51
CA ALA D 267 -34.78 -25.71 11.45
C ALA D 267 -34.89 -26.47 12.77
N GLY D 268 -35.41 -27.70 12.70
CA GLY D 268 -35.61 -28.55 13.86
C GLY D 268 -34.33 -28.87 14.61
N ILE D 269 -33.24 -29.12 13.85
CA ILE D 269 -31.95 -29.42 14.44
C ILE D 269 -31.38 -28.25 15.26
N LEU D 270 -31.78 -27.02 14.88
CA LEU D 270 -31.33 -25.82 15.57
C LEU D 270 -31.95 -25.68 16.94
N GLU D 271 -33.23 -26.05 17.05
CA GLU D 271 -33.91 -26.15 18.33
C GLU D 271 -33.29 -27.26 19.16
N VAL D 272 -32.87 -28.35 18.51
CA VAL D 272 -32.23 -29.48 19.19
C VAL D 272 -30.83 -29.11 19.67
N LEU D 273 -30.18 -28.22 18.94
CA LEU D 273 -28.83 -27.78 19.31
C LEU D 273 -28.85 -26.91 20.56
N LYS D 274 -29.82 -25.99 20.63
CA LYS D 274 -29.94 -25.08 21.78
C LYS D 274 -30.54 -25.76 23.01
N GLN D 275 -31.35 -26.81 22.76
CA GLN D 275 -31.89 -27.65 23.83
C GLN D 275 -30.87 -28.66 24.36
N MET D 276 -29.91 -29.04 23.53
CA MET D 276 -28.76 -29.83 24.00
C MET D 276 -27.68 -28.94 24.62
N GLY D 277 -27.92 -27.62 24.56
CA GLY D 277 -27.06 -26.64 25.21
C GLY D 277 -25.93 -26.10 24.35
N ALA D 278 -25.68 -26.75 23.22
CA ALA D 278 -24.55 -26.44 22.33
C ALA D 278 -24.41 -24.96 21.98
N THR D 279 -23.18 -24.44 22.02
CA THR D 279 -22.89 -23.04 21.68
C THR D 279 -23.08 -22.83 20.19
N LEU D 280 -24.02 -21.95 19.85
CA LEU D 280 -24.47 -21.75 18.49
C LEU D 280 -24.86 -20.29 18.31
N ALA D 281 -24.08 -19.58 17.49
CA ALA D 281 -24.36 -18.18 17.21
C ALA D 281 -25.31 -18.05 16.01
N MET D 282 -25.91 -16.87 15.86
CA MET D 282 -26.90 -16.65 14.81
C MET D 282 -26.88 -15.20 14.29
N GLU D 283 -25.81 -14.84 13.61
CA GLU D 283 -25.62 -13.50 13.06
C GLU D 283 -26.51 -13.25 11.85
N ASN D 284 -26.62 -11.97 11.46
CA ASN D 284 -27.31 -11.54 10.22
C ASN D 284 -28.74 -12.07 10.02
N GLU D 285 -29.58 -11.88 11.03
CA GLU D 285 -30.96 -12.35 10.99
C GLU D 285 -31.82 -11.52 10.04
N ARG D 286 -31.95 -12.00 8.81
CA ARG D 286 -32.72 -11.27 7.79
C ARG D 286 -33.71 -12.19 7.04
N VAL D 287 -34.72 -11.56 6.44
CA VAL D 287 -35.71 -12.27 5.61
C VAL D 287 -35.45 -11.91 4.14
N GLN D 288 -35.27 -12.94 3.32
CA GLN D 288 -34.79 -12.78 1.94
C GLN D 288 -35.67 -13.58 0.99
N GLY D 289 -36.41 -12.85 0.15
CA GLY D 289 -37.39 -13.43 -0.77
C GLY D 289 -38.44 -14.23 -0.01
N GLY D 290 -38.87 -13.70 1.14
CA GLY D 290 -39.83 -14.38 2.00
C GLY D 290 -39.28 -15.50 2.85
N GLU D 291 -37.98 -15.77 2.74
CA GLU D 291 -37.34 -16.84 3.49
C GLU D 291 -36.40 -16.26 4.55
N PRO D 292 -36.49 -16.76 5.80
CA PRO D 292 -35.63 -16.29 6.89
C PRO D 292 -34.25 -16.96 6.90
N VAL D 293 -33.21 -16.16 6.68
CA VAL D 293 -31.84 -16.63 6.52
C VAL D 293 -31.00 -16.11 7.67
N ALA D 294 -30.01 -16.87 8.09
CA ALA D 294 -29.08 -16.44 9.12
C ALA D 294 -27.68 -16.99 8.90
N ASP D 295 -26.71 -16.40 9.59
CA ASP D 295 -25.36 -16.95 9.59
C ASP D 295 -25.16 -17.72 10.90
N LEU D 296 -24.88 -19.02 10.77
CA LEU D 296 -24.72 -19.91 11.91
C LEU D 296 -23.26 -20.05 12.29
N THR D 297 -22.99 -20.09 13.58
CA THR D 297 -21.62 -20.31 14.07
C THR D 297 -21.66 -21.31 15.21
N ILE D 298 -20.94 -22.42 15.04
CA ILE D 298 -20.90 -23.45 16.07
C ILE D 298 -19.47 -23.67 16.52
N GLU D 299 -19.28 -23.84 17.83
CA GLU D 299 -17.98 -24.24 18.38
C GLU D 299 -18.11 -25.56 19.15
N THR D 300 -16.99 -26.09 19.61
CA THR D 300 -16.99 -27.35 20.37
C THR D 300 -17.74 -27.14 21.68
N SER D 301 -18.79 -27.94 21.88
CA SER D 301 -19.69 -27.74 23.02
C SER D 301 -19.92 -29.00 23.84
N VAL D 302 -20.37 -28.79 25.08
CA VAL D 302 -20.76 -29.88 25.97
C VAL D 302 -22.22 -30.24 25.75
N LEU D 303 -22.45 -31.49 25.32
CA LEU D 303 -23.79 -31.92 24.93
C LEU D 303 -24.55 -32.66 26.04
N GLN D 304 -25.83 -32.32 26.19
CA GLN D 304 -26.70 -32.96 27.17
C GLN D 304 -27.86 -33.67 26.47
N GLY D 305 -28.17 -34.88 26.91
CA GLY D 305 -29.25 -35.67 26.32
C GLY D 305 -30.62 -35.06 26.49
N VAL D 306 -31.43 -35.07 25.42
CA VAL D 306 -32.76 -34.46 25.44
C VAL D 306 -33.84 -35.32 24.78
N GLU D 307 -35.06 -35.21 25.30
CA GLU D 307 -36.22 -35.88 24.75
C GLU D 307 -36.75 -35.12 23.52
N ILE D 308 -37.03 -35.85 22.44
CA ILE D 308 -37.49 -35.25 21.19
C ILE D 308 -38.68 -36.02 20.59
N GLY D 309 -39.80 -35.32 20.39
CA GLY D 309 -40.97 -35.96 19.80
C GLY D 309 -42.18 -35.06 19.57
N GLY D 310 -43.04 -35.52 18.66
CA GLY D 310 -44.37 -34.93 18.42
C GLY D 310 -44.40 -33.50 17.90
N ASP D 311 -44.28 -32.55 18.84
CA ASP D 311 -44.31 -31.13 18.54
C ASP D 311 -43.28 -30.76 17.47
N ILE D 312 -42.02 -31.10 17.73
CA ILE D 312 -40.89 -30.61 16.94
C ILE D 312 -40.31 -31.66 15.96
N ILE D 313 -40.78 -32.91 16.06
CA ILE D 313 -40.26 -33.99 15.20
C ILE D 313 -40.56 -33.87 13.67
N PRO D 314 -41.80 -33.49 13.27
CA PRO D 314 -42.13 -33.54 11.84
C PRO D 314 -41.23 -32.64 10.99
N ARG D 315 -40.62 -31.64 11.63
CA ARG D 315 -39.85 -30.60 10.97
C ARG D 315 -38.32 -30.82 11.08
N LEU D 316 -37.92 -32.07 11.28
CA LEU D 316 -36.50 -32.43 11.33
C LEU D 316 -36.25 -33.86 10.86
N ILE D 317 -37.22 -34.41 10.13
CA ILE D 317 -37.23 -35.82 9.71
C ILE D 317 -35.91 -36.31 9.09
N ASP D 318 -35.32 -35.52 8.20
CA ASP D 318 -34.11 -35.89 7.48
C ASP D 318 -32.88 -35.88 8.39
N GLU D 319 -32.92 -35.02 9.40
CA GLU D 319 -31.77 -34.78 10.27
C GLU D 319 -31.59 -35.86 11.34
N ILE D 320 -32.55 -36.77 11.44
CA ILE D 320 -32.52 -37.84 12.45
C ILE D 320 -31.24 -38.67 12.39
N PRO D 321 -30.79 -39.09 11.18
CA PRO D 321 -29.50 -39.76 11.10
C PRO D 321 -28.37 -38.93 11.73
N ILE D 322 -28.30 -37.65 11.40
CA ILE D 322 -27.21 -36.81 11.88
C ILE D 322 -27.35 -36.47 13.36
N ILE D 323 -28.59 -36.36 13.83
CA ILE D 323 -28.87 -36.09 15.24
C ILE D 323 -28.51 -37.31 16.10
N ALA D 324 -28.71 -38.49 15.54
CA ALA D 324 -28.30 -39.74 16.19
C ALA D 324 -26.81 -39.78 16.50
N VAL D 325 -26.02 -39.16 15.62
CA VAL D 325 -24.57 -39.03 15.81
C VAL D 325 -24.28 -37.98 16.87
N LEU D 326 -25.07 -36.90 16.86
CA LEU D 326 -24.93 -35.82 17.84
C LEU D 326 -25.22 -36.28 19.26
N ALA D 327 -26.03 -37.33 19.37
CA ALA D 327 -26.41 -37.89 20.67
C ALA D 327 -25.35 -38.83 21.24
N THR D 328 -24.53 -39.41 20.36
CA THR D 328 -23.40 -40.26 20.74
C THR D 328 -22.47 -39.57 21.74
N GLN D 329 -22.46 -38.24 21.72
CA GLN D 329 -21.56 -37.44 22.53
C GLN D 329 -22.28 -36.64 23.62
N ALA D 330 -23.60 -36.82 23.68
CA ALA D 330 -24.43 -36.15 24.69
C ALA D 330 -24.62 -37.01 25.94
N SER D 331 -24.41 -36.41 27.11
CA SER D 331 -24.58 -37.11 28.38
C SER D 331 -26.04 -37.43 28.68
N GLY D 332 -26.34 -38.72 28.83
CA GLY D 332 -27.63 -39.16 29.34
C GLY D 332 -28.63 -39.70 28.33
N ARG D 333 -29.84 -39.94 28.84
CA ARG D 333 -30.95 -40.51 28.07
C ARG D 333 -31.48 -39.53 27.04
N THR D 334 -31.11 -39.76 25.78
CA THR D 334 -31.55 -38.91 24.66
C THR D 334 -32.37 -39.74 23.67
N VAL D 335 -33.67 -39.48 23.62
CA VAL D 335 -34.60 -40.32 22.88
C VAL D 335 -35.45 -39.52 21.90
N ILE D 336 -35.65 -40.10 20.71
CA ILE D 336 -36.62 -39.57 19.72
C ILE D 336 -37.74 -40.59 19.52
N LYS D 337 -38.97 -40.09 19.36
CA LYS D 337 -40.16 -40.95 19.37
C LYS D 337 -41.29 -40.45 18.46
N ASP D 338 -41.38 -41.02 17.26
CA ASP D 338 -42.49 -40.79 16.32
C ASP D 338 -42.31 -41.56 15.00
N ALA D 339 -43.28 -42.41 14.68
CA ALA D 339 -43.26 -43.17 13.42
C ALA D 339 -44.35 -42.69 12.46
N GLU D 340 -43.95 -41.86 11.50
CA GLU D 340 -44.85 -41.28 10.50
C GLU D 340 -44.05 -40.51 9.46
N GLU D 346 -39.44 -45.25 3.73
CA GLU D 346 -39.87 -44.12 4.55
C GLU D 346 -39.08 -44.02 5.87
N THR D 347 -39.55 -44.74 6.89
CA THR D 347 -38.90 -44.80 8.20
C THR D 347 -37.90 -45.96 8.28
N ASN D 348 -37.59 -46.55 7.12
CA ASN D 348 -36.65 -47.66 7.00
C ASN D 348 -35.20 -47.17 7.13
N ARG D 349 -34.99 -45.89 6.87
CA ARG D 349 -33.67 -45.23 7.01
C ARG D 349 -33.11 -45.41 8.42
N ILE D 350 -33.94 -45.10 9.41
CA ILE D 350 -33.56 -45.10 10.83
C ILE D 350 -33.15 -46.51 11.32
N ASP D 351 -33.71 -47.54 10.71
CA ASP D 351 -33.36 -48.93 11.02
C ASP D 351 -31.87 -49.20 10.80
N THR D 352 -31.37 -48.72 9.67
CA THR D 352 -30.00 -48.97 9.23
C THR D 352 -28.96 -48.20 10.05
N VAL D 353 -29.31 -46.96 10.44
CA VAL D 353 -28.43 -46.09 11.22
C VAL D 353 -27.94 -46.78 12.50
N VAL D 354 -28.84 -47.54 13.14
CA VAL D 354 -28.57 -48.23 14.39
C VAL D 354 -27.50 -49.32 14.25
N SER D 355 -27.63 -50.15 13.22
CA SER D 355 -26.71 -51.26 12.96
C SER D 355 -25.26 -50.80 12.85
N GLU D 356 -25.05 -49.73 12.07
CA GLU D 356 -23.73 -49.21 11.78
C GLU D 356 -23.12 -48.52 13.01
N LEU D 357 -23.93 -47.75 13.74
CA LEU D 357 -23.47 -46.97 14.89
C LEU D 357 -22.99 -47.84 16.07
N THR D 358 -23.76 -48.88 16.38
CA THR D 358 -23.37 -49.84 17.44
C THR D 358 -22.14 -50.63 16.99
N LYS D 359 -22.02 -50.82 15.68
CA LYS D 359 -20.83 -51.45 15.08
C LYS D 359 -19.58 -50.62 15.34
N LEU D 360 -19.78 -49.30 15.45
CA LEU D 360 -18.71 -48.37 15.81
C LEU D 360 -18.39 -48.41 17.30
N GLY D 361 -19.33 -48.94 18.09
CA GLY D 361 -19.17 -49.06 19.53
C GLY D 361 -19.99 -48.03 20.29
N ALA D 362 -21.22 -47.81 19.85
CA ALA D 362 -22.11 -46.82 20.46
C ALA D 362 -23.37 -47.46 21.05
N SER D 363 -24.04 -46.70 21.93
CA SER D 363 -25.23 -47.17 22.61
C SER D 363 -26.52 -46.68 21.93
N ILE D 364 -26.99 -47.45 20.96
CA ILE D 364 -28.28 -47.20 20.31
C ILE D 364 -29.06 -48.51 20.15
N HIS D 365 -30.25 -48.55 20.75
CA HIS D 365 -31.21 -49.63 20.50
C HIS D 365 -32.35 -49.03 19.68
N ALA D 366 -33.21 -49.88 19.11
CA ALA D 366 -34.37 -49.40 18.34
C ALA D 366 -35.68 -49.62 19.11
N THR D 367 -36.57 -48.63 19.06
CA THR D 367 -37.88 -48.70 19.73
C THR D 367 -39.03 -48.57 18.72
N ASP D 368 -40.26 -48.79 19.20
CA ASP D 368 -41.48 -48.88 18.36
C ASP D 368 -41.69 -47.78 17.32
N ASP D 369 -41.21 -46.57 17.60
CA ASP D 369 -41.37 -45.43 16.70
C ASP D 369 -40.06 -44.70 16.39
N GLY D 370 -39.21 -44.56 17.41
CA GLY D 370 -37.90 -43.94 17.25
C GLY D 370 -36.76 -44.85 17.70
N MET D 371 -35.90 -44.34 18.58
CA MET D 371 -34.79 -45.12 19.12
C MET D 371 -34.21 -44.50 20.39
N ILE D 372 -33.56 -45.35 21.20
CA ILE D 372 -32.89 -44.91 22.42
C ILE D 372 -31.42 -44.64 22.13
N ILE D 373 -30.91 -43.55 22.69
CA ILE D 373 -29.48 -43.23 22.67
C ILE D 373 -29.06 -42.85 24.10
N GLU D 374 -27.92 -43.37 24.55
CA GLU D 374 -27.53 -43.23 25.95
C GLU D 374 -26.06 -42.86 26.12
N GLY D 375 -25.81 -41.89 27.01
CA GLY D 375 -24.47 -41.51 27.45
C GLY D 375 -23.54 -40.95 26.39
N PRO D 376 -22.38 -40.42 26.82
CA PRO D 376 -21.34 -39.99 25.88
C PRO D 376 -20.32 -41.11 25.63
N THR D 377 -20.32 -41.65 24.42
CA THR D 377 -19.45 -42.80 24.08
C THR D 377 -18.38 -42.45 23.05
N PRO D 378 -17.09 -42.65 23.41
CA PRO D 378 -16.02 -42.51 22.43
C PRO D 378 -16.08 -43.65 21.42
N LEU D 379 -16.19 -43.31 20.14
CA LEU D 379 -16.33 -44.29 19.07
C LEU D 379 -14.99 -44.90 18.67
N LYS D 380 -15.01 -46.19 18.36
CA LYS D 380 -13.83 -46.90 17.91
C LYS D 380 -13.93 -47.10 16.39
N GLY D 381 -12.79 -47.00 15.70
CA GLY D 381 -12.76 -47.14 14.25
C GLY D 381 -11.90 -48.28 13.77
N GLY D 382 -12.31 -48.89 12.65
CA GLY D 382 -11.58 -50.01 12.05
C GLY D 382 -12.49 -50.98 11.32
N VAL D 383 -13.63 -50.48 10.84
CA VAL D 383 -14.64 -51.32 10.18
C VAL D 383 -15.26 -50.60 8.97
N THR D 384 -15.90 -51.37 8.10
CA THR D 384 -16.57 -50.85 6.91
C THR D 384 -18.06 -50.61 7.20
N VAL D 385 -18.50 -49.38 6.95
CA VAL D 385 -19.91 -49.00 7.10
C VAL D 385 -20.52 -48.63 5.75
N SER D 386 -21.68 -49.23 5.45
CA SER D 386 -22.39 -48.97 4.20
C SER D 386 -23.54 -47.99 4.42
N SER D 387 -23.96 -47.30 3.35
CA SER D 387 -25.06 -46.36 3.44
C SER D 387 -26.26 -46.77 2.56
N HIS D 388 -26.10 -47.91 1.87
CA HIS D 388 -27.13 -48.46 0.96
C HIS D 388 -27.62 -47.47 -0.10
N GLY D 389 -26.69 -46.69 -0.65
CA GLY D 389 -26.99 -45.70 -1.69
C GLY D 389 -27.75 -44.45 -1.24
N ASP D 390 -28.04 -44.38 0.07
CA ASP D 390 -28.73 -43.24 0.66
C ASP D 390 -27.72 -42.19 1.13
N HIS D 391 -27.90 -40.95 0.69
CA HIS D 391 -26.92 -39.90 0.95
C HIS D 391 -26.96 -39.35 2.37
N ARG D 392 -28.13 -39.39 3.00
CA ARG D 392 -28.30 -38.83 4.34
C ARG D 392 -27.55 -39.64 5.38
N ILE D 393 -27.41 -40.93 5.12
CA ILE D 393 -26.64 -41.83 5.99
C ILE D 393 -25.16 -41.56 5.77
N GLY D 394 -24.69 -41.82 4.55
CA GLY D 394 -23.28 -41.66 4.19
C GLY D 394 -22.65 -40.41 4.74
N MET D 395 -23.38 -39.30 4.66
CA MET D 395 -22.93 -38.03 5.20
C MET D 395 -22.83 -38.06 6.73
N ALA D 396 -23.89 -38.54 7.39
CA ALA D 396 -23.90 -38.66 8.84
C ALA D 396 -22.82 -39.62 9.30
N MET D 397 -22.69 -40.72 8.55
CA MET D 397 -21.71 -41.74 8.84
C MET D 397 -20.29 -41.21 8.65
N ALA D 398 -20.13 -40.34 7.65
CA ALA D 398 -18.85 -39.72 7.38
C ALA D 398 -18.43 -38.86 8.55
N ILE D 399 -19.28 -37.91 8.91
CA ILE D 399 -18.91 -36.94 9.95
C ILE D 399 -18.77 -37.62 11.30
N ALA D 400 -19.42 -38.77 11.44
CA ALA D 400 -19.29 -39.60 12.63
C ALA D 400 -17.85 -40.08 12.77
N ALA D 401 -17.30 -40.56 11.66
CA ALA D 401 -15.96 -41.15 11.63
C ALA D 401 -14.86 -40.16 12.00
N LEU D 402 -15.21 -38.89 12.06
CA LEU D 402 -14.27 -37.83 12.45
C LEU D 402 -13.98 -37.80 13.94
N LEU D 403 -14.59 -38.73 14.68
CA LEU D 403 -14.38 -38.85 16.12
C LEU D 403 -13.58 -40.10 16.47
N ALA D 404 -13.89 -41.21 15.78
CA ALA D 404 -13.18 -42.47 15.95
C ALA D 404 -11.86 -42.47 15.17
N GLU D 405 -10.81 -43.00 15.78
CA GLU D 405 -9.54 -43.16 15.07
C GLU D 405 -9.32 -44.56 14.50
N LYS D 406 -8.29 -44.69 13.66
CA LYS D 406 -8.10 -45.80 12.74
C LYS D 406 -9.12 -45.66 11.61
N PRO D 407 -8.70 -45.92 10.36
CA PRO D 407 -9.57 -45.89 9.18
C PRO D 407 -11.00 -46.40 9.45
N VAL D 408 -11.99 -45.65 9.00
CA VAL D 408 -13.41 -46.00 9.18
C VAL D 408 -14.13 -46.04 7.83
N THR D 409 -13.72 -46.98 6.97
CA THR D 409 -14.15 -47.05 5.57
C THR D 409 -15.67 -46.88 5.35
N VAL D 410 -16.03 -45.86 4.57
CA VAL D 410 -17.44 -45.54 4.31
C VAL D 410 -17.80 -45.93 2.87
N GLU D 411 -18.95 -46.56 2.70
CA GLU D 411 -19.44 -46.95 1.36
C GLU D 411 -20.67 -46.15 0.91
N GLY D 412 -20.87 -46.10 -0.40
CA GLY D 412 -21.96 -45.32 -0.99
C GLY D 412 -21.56 -43.89 -1.24
N THR D 413 -20.23 -43.63 -1.15
CA THR D 413 -19.64 -42.31 -1.34
C THR D 413 -19.93 -41.72 -2.71
N GLU D 414 -20.12 -42.59 -3.70
CA GLU D 414 -20.46 -42.15 -5.05
C GLU D 414 -21.90 -41.62 -5.16
N ALA D 415 -22.72 -41.94 -4.16
CA ALA D 415 -24.08 -41.39 -4.06
C ALA D 415 -24.07 -40.04 -3.36
N ILE D 416 -23.06 -39.82 -2.51
CA ILE D 416 -22.84 -38.53 -1.83
C ILE D 416 -22.34 -37.48 -2.82
N ALA D 417 -21.40 -37.88 -3.67
CA ALA D 417 -20.83 -37.01 -4.72
C ALA D 417 -21.87 -36.57 -5.75
N VAL D 418 -23.10 -37.08 -5.62
CA VAL D 418 -24.18 -36.69 -6.52
C VAL D 418 -25.06 -35.60 -5.93
N SER D 419 -25.53 -35.80 -4.70
CA SER D 419 -26.38 -34.78 -4.05
C SER D 419 -25.59 -33.61 -3.43
N TYR D 420 -24.28 -33.80 -3.25
CA TYR D 420 -23.38 -32.78 -2.67
C TYR D 420 -21.96 -32.99 -3.21
N PRO D 421 -21.66 -32.39 -4.38
CA PRO D 421 -20.37 -32.65 -5.04
C PRO D 421 -19.14 -32.39 -4.15
N SER D 422 -19.16 -31.29 -3.41
CA SER D 422 -17.95 -30.85 -2.71
C SER D 422 -17.96 -31.08 -1.19
N PHE D 423 -18.80 -32.01 -0.73
CA PHE D 423 -18.92 -32.34 0.70
C PHE D 423 -17.60 -32.70 1.33
N PHE D 424 -16.92 -33.68 0.75
CA PHE D 424 -15.64 -34.12 1.29
C PHE D 424 -14.53 -33.11 1.09
N ASP D 425 -14.74 -32.14 0.19
CA ASP D 425 -13.80 -31.06 -0.04
C ASP D 425 -13.92 -30.01 1.07
N HIS D 426 -15.15 -29.56 1.33
CA HIS D 426 -15.42 -28.62 2.42
C HIS D 426 -14.90 -29.17 3.74
N LEU D 427 -15.23 -30.42 4.01
CA LEU D 427 -14.73 -31.17 5.13
C LEU D 427 -13.21 -31.12 5.24
N ASP D 428 -12.52 -31.52 4.18
CA ASP D 428 -11.05 -31.50 4.11
C ASP D 428 -10.47 -30.12 4.35
N ARG D 429 -11.16 -29.09 3.86
CA ARG D 429 -10.70 -27.71 3.98
C ARG D 429 -10.80 -27.18 5.40
N LEU D 430 -11.66 -27.80 6.22
CA LEU D 430 -11.81 -27.40 7.61
C LEU D 430 -10.72 -28.05 8.47
N LYS D 431 -10.34 -29.27 8.14
CA LYS D 431 -9.25 -29.98 8.84
C LYS D 431 -7.93 -29.24 8.63
N SER D 432 -7.63 -28.92 7.38
CA SER D 432 -6.32 -28.36 7.00
C SER D 432 -6.17 -26.86 7.24
N GLU D 433 -7.27 -26.18 7.54
CA GLU D 433 -7.23 -24.75 7.88
C GLU D 433 -7.05 -24.58 9.39
N ALA D 434 -7.28 -25.67 10.12
CA ALA D 434 -6.92 -25.77 11.53
C ALA D 434 -5.48 -26.25 11.70
N GLU D 435 -4.85 -26.68 10.59
CA GLU D 435 -3.42 -26.99 10.54
C GLU D 435 -2.63 -25.68 10.46
N ASN D 436 -3.28 -24.64 9.93
CA ASN D 436 -2.66 -23.35 9.66
C ASN D 436 -3.07 -22.26 10.66
N LEU D 437 -4.19 -22.50 11.35
CA LEU D 437 -4.60 -21.68 12.49
C LEU D 437 -3.78 -22.09 13.72
N TYR D 438 -3.22 -23.30 13.68
CA TYR D 438 -2.35 -23.80 14.75
C TYR D 438 -0.88 -23.40 14.53
N PHE D 439 -0.56 -22.17 14.94
CA PHE D 439 0.83 -21.71 15.03
C PHE D 439 1.00 -20.70 16.17
N GLN D 440 1.34 -21.24 17.34
CA GLN D 440 1.48 -20.49 18.60
C GLN D 440 0.52 -19.30 18.73
S SO4 E . 7.62 40.77 19.96
O1 SO4 E . 7.36 39.41 20.45
O2 SO4 E . 6.45 41.63 20.12
O3 SO4 E . 8.76 41.34 20.68
O4 SO4 E . 7.92 40.70 18.54
S SO4 F . 1.77 50.51 44.47
O1 SO4 F . 0.33 50.37 44.30
O2 SO4 F . 2.11 51.93 44.61
O3 SO4 F . 2.18 49.80 45.68
O4 SO4 F . 2.44 49.96 43.31
S SO4 G . 9.91 32.54 -19.41
O1 SO4 G . 11.33 32.55 -19.11
O2 SO4 G . 9.72 31.78 -20.64
O3 SO4 G . 9.17 31.90 -18.33
O4 SO4 G . 9.43 33.91 -19.60
S SO4 H . 13.72 35.44 16.55
O1 SO4 H . 15.07 34.93 16.30
O2 SO4 H . 12.74 34.61 15.86
O3 SO4 H . 13.47 35.42 17.98
O4 SO4 H . 13.62 36.82 16.07
S SO4 I . 5.84 47.77 22.55
O1 SO4 I . 5.56 46.34 22.43
O2 SO4 I . 5.22 48.48 21.43
O3 SO4 I . 5.32 48.31 23.80
O4 SO4 I . 7.29 47.98 22.52
S SO4 J . 20.99 42.32 27.31
O1 SO4 J . 21.13 40.88 27.18
O2 SO4 J . 20.42 42.84 26.07
O3 SO4 J . 20.10 42.64 28.43
O4 SO4 J . 22.30 42.90 27.59
S SO4 K . 1.16 38.03 18.26
O1 SO4 K . 2.19 37.00 18.12
O2 SO4 K . 0.10 37.86 17.26
O3 SO4 K . 0.61 37.97 19.60
O4 SO4 K . 1.78 39.34 18.07
S SO4 L . 23.03 45.03 -12.50
O1 SO4 L . 24.36 45.43 -12.08
O2 SO4 L . 23.00 43.59 -12.70
O3 SO4 L . 22.70 45.69 -13.76
O4 SO4 L . 22.07 45.39 -11.47
S SO4 M . 15.26 24.85 2.75
O1 SO4 M . 16.03 24.24 1.66
O2 SO4 M . 13.96 25.30 2.23
O3 SO4 M . 15.06 23.87 3.82
O4 SO4 M . 15.98 26.02 3.27
S SO4 N . 42.24 8.49 7.98
O1 SO4 N . 43.59 8.25 7.46
O2 SO4 N . 41.34 8.82 6.88
O3 SO4 N . 41.78 7.29 8.67
O4 SO4 N . 42.27 9.60 8.94
S SO4 O . 37.30 14.02 7.03
O1 SO4 O . 38.54 13.34 6.66
O2 SO4 O . 37.00 15.10 6.08
O3 SO4 O . 36.23 13.02 7.01
O4 SO4 O . 37.43 14.49 8.39
S SO4 P . 37.59 14.75 0.34
O1 SO4 P . 36.88 13.46 0.44
O2 SO4 P . 36.75 15.83 0.82
O3 SO4 P . 38.80 14.70 1.15
O4 SO4 P . 37.88 14.98 -1.07
S SO4 Q . 38.54 17.89 21.52
O1 SO4 Q . 38.21 16.69 20.75
O2 SO4 Q . 37.71 18.98 21.05
O3 SO4 Q . 38.27 17.62 22.93
O4 SO4 Q . 39.97 18.24 21.41
S SO4 R . 31.42 12.34 5.66
O1 SO4 R . 30.40 12.05 4.66
O2 SO4 R . 30.99 13.48 6.46
O3 SO4 R . 31.61 11.20 6.56
O4 SO4 R . 32.66 12.64 4.97
S SO4 S . 55.09 37.60 5.33
O1 SO4 S . 54.46 37.13 4.10
O2 SO4 S . 55.22 39.05 5.34
O3 SO4 S . 54.27 37.18 6.47
O4 SO4 S . 56.42 37.01 5.46
S SO4 T . 3.95 2.90 12.47
O1 SO4 T . 5.39 2.67 12.25
O2 SO4 T . 3.18 1.80 11.90
O3 SO4 T . 3.68 2.97 13.90
O4 SO4 T . 3.56 4.14 11.79
S SO4 U . -0.65 -25.55 -21.11
O1 SO4 U . -1.10 -26.87 -20.62
O2 SO4 U . -1.01 -25.40 -22.51
O3 SO4 U . -1.31 -24.52 -20.34
O4 SO4 U . 0.80 -25.44 -20.93
S SO4 V . -16.99 -23.05 -2.67
O1 SO4 V . -17.43 -22.78 -4.04
O2 SO4 V . -17.95 -22.47 -1.73
O3 SO4 V . -16.88 -24.50 -2.45
O4 SO4 V . -15.68 -22.45 -2.45
S SO4 W . -16.90 0.05 4.60
O1 SO4 W . -16.40 -1.06 3.79
O2 SO4 W . -18.34 0.19 4.39
O3 SO4 W . -16.65 -0.26 6.01
O4 SO4 W . -16.22 1.28 4.23
S SO4 X . -4.14 -19.75 -20.77
O1 SO4 X . -2.97 -19.82 -21.65
O2 SO4 X . -5.27 -20.40 -21.40
O3 SO4 X . -3.83 -20.42 -19.51
O4 SO4 X . -4.45 -18.34 -20.51
S SO4 Y . -8.42 -26.93 -17.72
O1 SO4 Y . -7.93 -26.81 -19.09
O2 SO4 Y . -9.86 -27.20 -17.76
O3 SO4 Y . -7.73 -28.01 -17.03
O4 SO4 Y . -8.17 -25.68 -17.00
S SO4 Z . 3.52 -23.23 -27.18
O1 SO4 Z . 4.52 -23.82 -26.30
O2 SO4 Z . 3.53 -23.90 -28.49
O3 SO4 Z . 2.20 -23.35 -26.57
O4 SO4 Z . 3.85 -21.82 -27.37
S SO4 AA . 4.24 -25.07 -15.76
O1 SO4 AA . 5.37 -25.93 -16.07
O2 SO4 AA . 3.87 -24.32 -16.95
O3 SO4 AA . 3.10 -25.88 -15.32
O4 SO4 AA . 4.67 -24.15 -14.70
S SO4 BA . 1.52 -46.51 2.49
O1 SO4 BA . 1.31 -46.70 1.06
O2 SO4 BA . 0.40 -47.05 3.23
O3 SO4 BA . 2.75 -47.18 2.89
O4 SO4 BA . 1.63 -45.08 2.77
S SO4 CA . -24.90 -0.06 -13.24
O1 SO4 CA . -25.92 -0.42 -14.23
O2 SO4 CA . -23.60 -0.58 -13.66
O3 SO4 CA . -25.27 -0.66 -11.96
O4 SO4 CA . -24.82 1.39 -13.13
S SO4 DA . -40.67 -30.02 -1.34
O1 SO4 DA . -40.58 -29.66 -2.75
O2 SO4 DA . -41.70 -29.26 -0.63
O3 SO4 DA . -40.99 -31.44 -1.23
O4 SO4 DA . -39.38 -29.76 -0.71
S SO4 EA . -38.09 -35.48 -4.73
O1 SO4 EA . -37.80 -35.83 -6.11
O2 SO4 EA . -39.16 -34.49 -4.71
O3 SO4 EA . -38.51 -36.70 -4.04
O4 SO4 EA . -36.89 -34.91 -4.13
S SO4 FA . -43.51 -40.79 -3.06
O1 SO4 FA . -42.99 -42.09 -3.49
O2 SO4 FA . -44.72 -40.48 -3.83
O3 SO4 FA . -43.87 -40.89 -1.65
O4 SO4 FA . -42.50 -39.74 -3.24
S SO4 GA . -33.83 -44.86 -15.97
O1 SO4 GA . -33.33 -46.19 -16.32
O2 SO4 GA . -35.01 -44.59 -16.80
O3 SO4 GA . -34.17 -44.83 -14.55
O4 SO4 GA . -32.82 -43.84 -16.24
#